data_5B6N
#
_entry.id   5B6N
#
_cell.length_a   94.419
_cell.length_b   106.539
_cell.length_c   167.915
_cell.angle_alpha   90.00
_cell.angle_beta   90.00
_cell.angle_gamma   90.00
#
_symmetry.space_group_name_H-M   'P 21 21 21'
#
loop_
_entity.id
_entity.type
_entity.pdbx_description
1 polymer Peroxiredoxin-6
2 water water
#
_entity_poly.entity_id   1
_entity_poly.type   'polypeptide(L)'
_entity_poly.pdbx_seq_one_letter_code
;MPGGLLLGDVAPNFEANTTVGRIRFHDFLGDSWGILFSHPRDFTPV(CSD)TTELGRAAKLAPEFAKRNVKLIALSIDSV
EDHLAWSKDINAYNCEEPTEKLPFPIIDDRNRELAILLGMLDPAEKDEKGMPVTARVVFVFGPDKKLKLSILYPATTGRN
FDEILRVVISLQLTAEKRVATPVDWKDGDSVMVLPTIPEEEAKKLFPKGVFTKELPSGKKYLRYTPQP
;
_entity_poly.pdbx_strand_id   A,B,C,D,E,F
#
# COMPACT_ATOMS: atom_id res chain seq x y z
N GLY A 4 2.40 -17.92 -11.19
CA GLY A 4 2.25 -18.49 -9.87
C GLY A 4 0.80 -18.81 -9.54
N LEU A 5 0.58 -19.39 -8.36
CA LEU A 5 -0.75 -19.77 -7.94
C LEU A 5 -0.86 -19.69 -6.42
N LEU A 6 -2.07 -19.47 -5.93
CA LEU A 6 -2.30 -19.32 -4.50
C LEU A 6 -3.48 -20.14 -4.04
N LEU A 7 -3.67 -20.19 -2.72
CA LEU A 7 -4.72 -20.99 -2.12
C LEU A 7 -6.09 -20.35 -2.23
N GLY A 8 -7.06 -21.17 -2.61
CA GLY A 8 -8.42 -20.71 -2.78
C GLY A 8 -8.67 -20.25 -4.20
N ASP A 9 -7.72 -20.56 -5.06
CA ASP A 9 -7.79 -20.23 -6.47
C ASP A 9 -8.42 -21.38 -7.22
N VAL A 10 -9.49 -21.08 -7.94
CA VAL A 10 -10.14 -22.10 -8.71
C VAL A 10 -9.20 -22.56 -9.81
N ALA A 11 -9.02 -23.87 -9.90
CA ALA A 11 -8.17 -24.48 -10.90
C ALA A 11 -8.57 -24.03 -12.27
N PRO A 12 -7.61 -23.53 -13.05
CA PRO A 12 -7.83 -23.12 -14.43
C PRO A 12 -8.44 -24.23 -15.25
N ASN A 13 -9.69 -24.05 -15.64
CA ASN A 13 -10.39 -25.04 -16.45
C ASN A 13 -9.83 -25.14 -17.86
N PHE A 14 -8.68 -25.76 -17.98
CA PHE A 14 -8.01 -25.81 -19.27
C PHE A 14 -8.46 -27.00 -20.08
N GLU A 15 -8.06 -27.01 -21.34
CA GLU A 15 -8.29 -28.11 -22.26
C GLU A 15 -6.91 -28.52 -22.72
N ALA A 16 -6.66 -29.82 -22.76
CA ALA A 16 -5.38 -30.31 -23.20
C ALA A 16 -5.50 -31.69 -23.78
N ASN A 17 -4.56 -32.05 -24.62
CA ASN A 17 -4.55 -33.36 -25.23
C ASN A 17 -3.71 -34.28 -24.36
N THR A 18 -4.27 -35.43 -24.04
CA THR A 18 -3.64 -36.33 -23.10
C THR A 18 -3.54 -37.70 -23.69
N THR A 19 -3.13 -38.63 -22.86
CA THR A 19 -2.97 -40.01 -23.27
C THR A 19 -4.30 -40.73 -23.18
N VAL A 20 -5.36 -39.99 -22.89
CA VAL A 20 -6.71 -40.55 -22.84
C VAL A 20 -7.65 -39.73 -23.71
N GLY A 21 -7.10 -38.69 -24.33
CA GLY A 21 -7.86 -37.83 -25.20
C GLY A 21 -7.72 -36.37 -24.84
N ARG A 22 -8.31 -35.50 -25.66
CA ARG A 22 -8.33 -34.08 -25.35
C ARG A 22 -9.49 -33.81 -24.43
N ILE A 23 -9.21 -33.47 -23.18
CA ILE A 23 -10.30 -33.22 -22.27
C ILE A 23 -10.12 -31.94 -21.45
N ARG A 24 -11.20 -31.53 -20.80
CA ARG A 24 -11.22 -30.31 -20.00
C ARG A 24 -10.99 -30.63 -18.53
N PHE A 25 -10.44 -29.67 -17.80
CA PHE A 25 -9.95 -29.95 -16.46
C PHE A 25 -11.03 -30.26 -15.44
N HIS A 26 -11.98 -29.36 -15.25
CA HIS A 26 -13.08 -29.60 -14.33
C HIS A 26 -13.90 -30.78 -14.82
N ASP A 27 -13.85 -31.01 -16.12
CA ASP A 27 -14.58 -32.10 -16.76
C ASP A 27 -13.91 -33.43 -16.48
N PHE A 28 -12.62 -33.38 -16.25
CA PHE A 28 -11.86 -34.55 -15.87
C PHE A 28 -12.14 -34.89 -14.42
N LEU A 29 -11.90 -33.92 -13.55
CA LEU A 29 -12.10 -34.07 -12.13
C LEU A 29 -13.56 -34.32 -11.83
N GLY A 30 -14.40 -33.41 -12.28
CA GLY A 30 -15.82 -33.49 -12.03
C GLY A 30 -16.06 -33.01 -10.64
N ASP A 31 -16.48 -33.93 -9.78
CA ASP A 31 -16.58 -33.65 -8.37
C ASP A 31 -15.69 -34.65 -7.64
N SER A 32 -14.39 -34.44 -7.76
CA SER A 32 -13.41 -35.26 -7.10
C SER A 32 -12.18 -34.42 -6.80
N TRP A 33 -11.51 -34.71 -5.70
CA TRP A 33 -10.28 -34.02 -5.37
C TRP A 33 -9.29 -34.36 -6.45
N GLY A 34 -8.43 -33.42 -6.79
CA GLY A 34 -7.53 -33.64 -7.89
C GLY A 34 -6.09 -33.28 -7.63
N ILE A 35 -5.19 -34.17 -8.05
CA ILE A 35 -3.79 -33.87 -7.94
C ILE A 35 -3.18 -33.71 -9.31
N LEU A 36 -2.86 -32.47 -9.64
CA LEU A 36 -2.17 -32.15 -10.86
C LEU A 36 -0.70 -32.00 -10.59
N PHE A 37 0.05 -33.03 -10.91
CA PHE A 37 1.48 -32.97 -10.71
C PHE A 37 2.23 -32.90 -12.03
N SER A 38 3.40 -32.29 -12.02
CA SER A 38 4.19 -32.16 -13.21
C SER A 38 5.45 -32.97 -13.10
N HIS A 39 6.23 -33.03 -14.18
CA HIS A 39 7.54 -33.63 -14.14
C HIS A 39 8.37 -33.08 -15.27
N PRO A 40 9.67 -32.89 -15.04
CA PRO A 40 10.65 -32.36 -15.97
C PRO A 40 10.55 -32.86 -17.41
N ARG A 41 10.76 -34.15 -17.61
CA ARG A 41 10.90 -34.67 -18.94
C ARG A 41 10.75 -36.17 -18.92
N ASP A 42 10.10 -36.73 -19.94
CA ASP A 42 9.99 -38.17 -20.06
C ASP A 42 11.35 -38.75 -20.37
N PHE A 43 11.48 -40.06 -20.20
CA PHE A 43 12.75 -40.76 -20.36
C PHE A 43 13.81 -40.20 -19.44
N THR A 44 13.45 -40.03 -18.18
CA THR A 44 14.32 -39.46 -17.16
C THR A 44 14.25 -40.39 -15.95
N PRO A 45 15.42 -40.72 -15.38
CA PRO A 45 15.65 -41.67 -14.27
C PRO A 45 14.88 -41.41 -12.98
N VAL A 46 14.59 -40.15 -12.68
CA VAL A 46 13.94 -39.81 -11.44
C VAL A 46 12.45 -39.80 -11.64
N THR A 48 10.88 -41.54 -13.48
CA THR A 48 10.49 -42.90 -13.77
C THR A 48 10.17 -43.56 -12.45
N THR A 49 10.94 -43.22 -11.45
CA THR A 49 10.68 -43.66 -10.11
C THR A 49 9.42 -43.00 -9.60
N GLU A 50 9.18 -41.78 -10.05
CA GLU A 50 8.06 -40.98 -9.61
C GLU A 50 6.74 -41.49 -10.13
N LEU A 51 6.57 -41.43 -11.43
CA LEU A 51 5.29 -41.79 -12.04
C LEU A 51 4.95 -43.24 -11.83
N GLY A 52 5.97 -44.07 -11.66
CA GLY A 52 5.77 -45.47 -11.42
C GLY A 52 5.24 -45.69 -10.04
N ARG A 53 5.67 -44.83 -9.12
CA ARG A 53 5.21 -44.86 -7.74
C ARG A 53 3.78 -44.38 -7.68
N ALA A 54 3.45 -43.45 -8.57
CA ALA A 54 2.14 -42.81 -8.61
C ALA A 54 1.11 -43.72 -9.21
N ALA A 55 1.58 -44.76 -9.88
CA ALA A 55 0.72 -45.69 -10.57
C ALA A 55 0.41 -46.86 -9.67
N LYS A 56 1.33 -47.14 -8.76
CA LYS A 56 1.17 -48.17 -7.76
C LYS A 56 0.28 -47.66 -6.65
N LEU A 57 0.31 -46.35 -6.49
CA LEU A 57 -0.40 -45.69 -5.42
C LEU A 57 -1.75 -45.21 -5.88
N ALA A 58 -1.99 -45.31 -7.18
CA ALA A 58 -3.22 -44.83 -7.77
C ALA A 58 -4.50 -45.36 -7.14
N PRO A 59 -4.55 -46.64 -6.74
CA PRO A 59 -5.78 -47.10 -6.09
C PRO A 59 -5.98 -46.52 -4.69
N GLU A 60 -4.91 -46.15 -4.01
CA GLU A 60 -5.00 -45.64 -2.66
C GLU A 60 -5.43 -44.21 -2.68
N PHE A 61 -5.53 -43.67 -3.88
CA PHE A 61 -6.03 -42.33 -4.08
C PHE A 61 -7.49 -42.37 -4.48
N ALA A 62 -7.82 -43.29 -5.38
CA ALA A 62 -9.18 -43.41 -5.88
C ALA A 62 -10.11 -43.99 -4.82
N LYS A 63 -9.52 -44.72 -3.89
CA LYS A 63 -10.22 -45.22 -2.74
C LYS A 63 -10.65 -44.04 -1.91
N ARG A 64 -9.91 -42.96 -2.05
CA ARG A 64 -10.13 -41.76 -1.29
C ARG A 64 -10.62 -40.66 -2.19
N ASN A 65 -11.11 -41.07 -3.35
CA ASN A 65 -11.73 -40.16 -4.31
C ASN A 65 -10.78 -39.08 -4.80
N VAL A 66 -9.64 -39.53 -5.32
CA VAL A 66 -8.63 -38.62 -5.81
C VAL A 66 -8.14 -39.10 -7.16
N LYS A 67 -8.42 -38.33 -8.20
CA LYS A 67 -7.92 -38.71 -9.51
C LYS A 67 -6.69 -37.92 -9.87
N LEU A 68 -5.63 -38.64 -10.23
CA LEU A 68 -4.35 -38.04 -10.54
C LEU A 68 -4.21 -37.78 -12.02
N ILE A 69 -3.46 -36.73 -12.32
CA ILE A 69 -3.15 -36.40 -13.69
C ILE A 69 -1.76 -35.79 -13.72
N ALA A 70 -1.00 -36.10 -14.76
CA ALA A 70 0.39 -35.70 -14.82
C ALA A 70 0.60 -34.68 -15.89
N LEU A 71 1.81 -34.15 -15.96
CA LEU A 71 2.13 -33.11 -16.93
C LEU A 71 3.61 -32.98 -17.17
N SER A 72 3.99 -33.03 -18.44
CA SER A 72 5.33 -32.73 -18.89
C SER A 72 5.22 -31.80 -20.07
N ILE A 73 6.37 -31.43 -20.61
CA ILE A 73 6.45 -30.62 -21.81
C ILE A 73 6.64 -31.49 -23.03
N ASP A 74 6.30 -32.76 -22.89
CA ASP A 74 6.61 -33.75 -23.90
C ASP A 74 5.38 -34.16 -24.67
N SER A 75 5.60 -34.88 -25.76
CA SER A 75 4.54 -35.25 -26.66
C SER A 75 3.85 -36.51 -26.18
N VAL A 76 2.57 -36.62 -26.49
CA VAL A 76 1.77 -37.78 -26.12
C VAL A 76 2.35 -39.06 -26.69
N GLU A 77 3.12 -38.93 -27.75
CA GLU A 77 3.82 -40.07 -28.34
C GLU A 77 4.93 -40.50 -27.43
N ASP A 78 5.63 -39.52 -26.88
CA ASP A 78 6.75 -39.79 -26.00
C ASP A 78 6.25 -40.32 -24.66
N HIS A 79 5.04 -39.92 -24.29
CA HIS A 79 4.41 -40.39 -23.07
C HIS A 79 4.18 -41.88 -23.14
N LEU A 80 3.45 -42.28 -24.17
CA LEU A 80 3.03 -43.67 -24.30
C LEU A 80 4.20 -44.62 -24.47
N ALA A 81 5.24 -44.16 -25.14
CA ALA A 81 6.43 -44.97 -25.33
C ALA A 81 7.20 -45.08 -24.03
N TRP A 82 7.00 -44.08 -23.17
CA TRP A 82 7.65 -44.00 -21.86
C TRP A 82 6.80 -44.71 -20.84
N SER A 83 5.47 -44.65 -21.03
CA SER A 83 4.53 -45.38 -20.21
C SER A 83 4.73 -46.87 -20.35
N LYS A 84 5.41 -47.28 -21.41
CA LYS A 84 5.73 -48.66 -21.64
C LYS A 84 6.97 -48.99 -20.84
N ASP A 85 7.80 -47.99 -20.64
CA ASP A 85 8.99 -48.13 -19.84
C ASP A 85 8.65 -47.95 -18.37
N ILE A 86 7.52 -47.30 -18.10
CA ILE A 86 7.12 -47.05 -16.71
C ILE A 86 6.64 -48.31 -16.07
N ASN A 87 5.76 -49.02 -16.77
CA ASN A 87 5.17 -50.23 -16.23
C ASN A 87 6.20 -51.33 -16.12
N ALA A 88 7.26 -51.22 -16.92
CA ALA A 88 8.35 -52.17 -16.88
C ALA A 88 9.22 -51.88 -15.69
N TYR A 89 9.15 -50.66 -15.19
CA TYR A 89 9.96 -50.26 -14.07
C TYR A 89 9.44 -50.96 -12.84
N ASN A 90 8.13 -51.13 -12.78
CA ASN A 90 7.54 -51.82 -11.66
C ASN A 90 7.04 -53.23 -12.00
N CYS A 91 7.69 -53.82 -13.00
CA CYS A 91 7.63 -55.25 -13.29
C CYS A 91 6.26 -55.78 -13.61
N GLU A 92 5.55 -55.02 -14.45
CA GLU A 92 4.23 -55.39 -14.93
C GLU A 92 4.21 -55.38 -16.44
N GLU A 93 3.01 -55.51 -17.01
CA GLU A 93 2.85 -55.56 -18.45
C GLU A 93 3.24 -54.22 -19.08
N PRO A 94 4.24 -54.24 -19.95
CA PRO A 94 4.79 -53.03 -20.55
C PRO A 94 3.82 -52.41 -21.54
N THR A 95 2.66 -51.99 -21.07
CA THR A 95 1.68 -51.38 -21.94
C THR A 95 1.83 -49.87 -21.95
N GLU A 96 1.42 -49.26 -23.04
CA GLU A 96 1.34 -47.81 -23.11
C GLU A 96 0.05 -47.35 -22.46
N LYS A 97 -0.15 -47.79 -21.23
CA LYS A 97 -1.34 -47.46 -20.46
C LYS A 97 -0.91 -47.23 -19.03
N LEU A 98 -1.45 -46.21 -18.41
CA LEU A 98 -1.21 -45.94 -17.01
C LEU A 98 -2.52 -45.76 -16.28
N PRO A 99 -2.49 -45.77 -14.95
CA PRO A 99 -3.68 -45.50 -14.16
C PRO A 99 -4.19 -44.08 -14.27
N PHE A 100 -3.36 -43.19 -14.78
CA PHE A 100 -3.69 -41.78 -14.80
C PHE A 100 -3.19 -41.11 -16.07
N PRO A 101 -3.98 -40.20 -16.61
CA PRO A 101 -3.67 -39.33 -17.75
C PRO A 101 -2.41 -38.50 -17.59
N ILE A 102 -1.62 -38.40 -18.65
CA ILE A 102 -0.47 -37.49 -18.70
C ILE A 102 -0.74 -36.39 -19.71
N ILE A 103 -0.63 -35.15 -19.24
CA ILE A 103 -0.95 -33.96 -20.03
C ILE A 103 0.19 -33.53 -20.94
N ASP A 104 -0.17 -33.18 -22.17
CA ASP A 104 0.77 -32.64 -23.13
C ASP A 104 0.83 -31.13 -23.00
N ASP A 105 2.04 -30.60 -23.08
CA ASP A 105 2.25 -29.18 -22.85
C ASP A 105 3.52 -28.72 -23.53
N ARG A 106 3.67 -29.09 -24.80
CA ARG A 106 4.85 -28.70 -25.56
C ARG A 106 4.83 -27.23 -25.84
N ASN A 107 3.64 -26.70 -26.05
CA ASN A 107 3.45 -25.29 -26.37
C ASN A 107 3.59 -24.45 -25.13
N ARG A 108 3.69 -25.12 -23.99
CA ARG A 108 4.13 -24.52 -22.73
C ARG A 108 3.08 -23.56 -22.18
N GLU A 109 1.85 -23.72 -22.62
CA GLU A 109 0.80 -22.82 -22.20
C GLU A 109 0.49 -22.94 -20.73
N LEU A 110 0.51 -24.17 -20.24
CA LEU A 110 0.15 -24.45 -18.85
C LEU A 110 1.31 -24.38 -17.89
N ALA A 111 2.48 -23.99 -18.38
CA ALA A 111 3.69 -24.01 -17.60
C ALA A 111 4.09 -22.63 -17.10
N ILE A 112 3.85 -21.62 -17.91
CA ILE A 112 4.11 -20.24 -17.49
C ILE A 112 2.89 -19.66 -16.81
N LEU A 113 1.77 -20.34 -16.98
CA LEU A 113 0.52 -19.94 -16.36
C LEU A 113 0.48 -20.39 -14.92
N LEU A 114 0.88 -21.63 -14.70
CA LEU A 114 0.74 -22.25 -13.40
C LEU A 114 1.97 -22.10 -12.54
N GLY A 115 3.03 -21.53 -13.12
CA GLY A 115 4.26 -21.29 -12.41
C GLY A 115 5.06 -22.55 -12.19
N MET A 116 5.18 -23.34 -13.25
CA MET A 116 5.75 -24.69 -13.17
C MET A 116 7.13 -24.79 -13.74
N LEU A 117 7.67 -23.69 -14.24
CA LEU A 117 8.93 -23.76 -14.97
C LEU A 117 10.14 -23.87 -14.07
N ASP A 118 11.01 -24.80 -14.41
CA ASP A 118 12.24 -25.02 -13.68
C ASP A 118 13.33 -24.15 -14.28
N PRO A 119 14.03 -23.39 -13.43
CA PRO A 119 15.06 -22.44 -13.83
C PRO A 119 16.25 -23.09 -14.52
N ALA A 120 16.73 -24.18 -13.93
CA ALA A 120 17.95 -24.83 -14.38
C ALA A 120 17.69 -25.74 -15.56
N GLU A 121 16.88 -26.77 -15.34
CA GLU A 121 16.68 -27.78 -16.37
C GLU A 121 15.90 -27.29 -17.58
N LYS A 122 16.40 -27.64 -18.75
CA LYS A 122 15.78 -27.29 -20.00
C LYS A 122 15.99 -28.43 -20.97
N ASP A 123 15.36 -28.32 -22.13
CA ASP A 123 15.44 -29.38 -23.12
C ASP A 123 16.53 -29.09 -24.13
N GLU A 124 16.73 -30.02 -25.05
CA GLU A 124 17.83 -29.97 -26.00
C GLU A 124 17.76 -28.78 -26.95
N LYS A 125 16.72 -27.97 -26.81
CA LYS A 125 16.53 -26.83 -27.67
C LYS A 125 16.59 -25.53 -26.88
N GLY A 126 16.98 -25.61 -25.61
CA GLY A 126 17.19 -24.43 -24.80
C GLY A 126 15.99 -23.93 -24.03
N MET A 127 14.87 -24.60 -24.18
CA MET A 127 13.63 -24.22 -23.52
C MET A 127 13.44 -24.93 -22.20
N PRO A 128 12.99 -24.20 -21.19
CA PRO A 128 12.74 -24.72 -19.84
C PRO A 128 11.73 -25.85 -19.81
N VAL A 129 12.02 -26.85 -18.99
CA VAL A 129 11.13 -27.97 -18.79
C VAL A 129 10.40 -27.78 -17.48
N THR A 130 9.36 -28.57 -17.26
CA THR A 130 8.58 -28.46 -16.05
C THR A 130 9.38 -28.81 -14.81
N ALA A 131 8.82 -28.47 -13.66
CA ALA A 131 9.45 -28.77 -12.39
C ALA A 131 8.59 -29.78 -11.71
N ARG A 132 9.01 -30.22 -10.54
CA ARG A 132 8.23 -31.20 -9.80
C ARG A 132 7.21 -30.50 -8.94
N VAL A 133 6.11 -30.14 -9.57
CA VAL A 133 5.06 -29.38 -8.95
C VAL A 133 3.89 -30.30 -8.64
N VAL A 134 3.23 -30.07 -7.51
CA VAL A 134 1.98 -30.75 -7.21
C VAL A 134 0.89 -29.76 -6.83
N PHE A 135 -0.28 -29.95 -7.41
CA PHE A 135 -1.46 -29.15 -7.15
C PHE A 135 -2.59 -29.98 -6.60
N VAL A 136 -2.80 -29.92 -5.30
CA VAL A 136 -3.96 -30.55 -4.72
C VAL A 136 -5.16 -29.63 -4.83
N PHE A 137 -6.13 -30.01 -5.63
CA PHE A 137 -7.34 -29.22 -5.76
C PHE A 137 -8.47 -29.91 -5.06
N GLY A 138 -9.30 -29.14 -4.39
CA GLY A 138 -10.47 -29.67 -3.74
C GLY A 138 -11.56 -29.93 -4.75
N PRO A 139 -12.72 -30.38 -4.29
CA PRO A 139 -13.87 -30.59 -5.17
C PRO A 139 -14.48 -29.26 -5.59
N ASP A 140 -14.08 -28.20 -4.90
CA ASP A 140 -14.53 -26.86 -5.19
C ASP A 140 -13.57 -26.18 -6.14
N LYS A 141 -12.74 -26.97 -6.79
CA LYS A 141 -11.82 -26.52 -7.83
C LYS A 141 -10.73 -25.61 -7.30
N LYS A 142 -10.83 -25.25 -6.03
CA LYS A 142 -9.92 -24.30 -5.40
C LYS A 142 -8.70 -25.00 -4.83
N LEU A 143 -7.57 -24.30 -4.82
CA LEU A 143 -6.31 -24.90 -4.40
C LEU A 143 -6.23 -25.09 -2.89
N LYS A 144 -5.92 -26.33 -2.51
CA LYS A 144 -5.82 -26.69 -1.12
C LYS A 144 -4.38 -26.86 -0.66
N LEU A 145 -3.54 -27.44 -1.49
CA LEU A 145 -2.13 -27.61 -1.17
C LEU A 145 -1.28 -27.64 -2.42
N SER A 146 -0.11 -27.01 -2.34
CA SER A 146 0.88 -27.09 -3.41
C SER A 146 2.29 -27.31 -2.86
N ILE A 147 3.07 -28.12 -3.57
CA ILE A 147 4.49 -28.24 -3.32
C ILE A 147 5.28 -28.05 -4.62
N LEU A 148 6.45 -27.41 -4.52
CA LEU A 148 7.31 -27.18 -5.67
C LEU A 148 8.68 -27.73 -5.40
N TYR A 149 9.12 -28.66 -6.23
CA TYR A 149 10.43 -29.26 -6.10
C TYR A 149 11.22 -29.11 -7.38
N PRO A 150 12.56 -29.06 -7.27
CA PRO A 150 13.44 -29.04 -8.43
C PRO A 150 13.59 -30.40 -9.08
N ALA A 151 14.24 -30.44 -10.24
CA ALA A 151 14.38 -31.68 -10.97
C ALA A 151 15.44 -32.57 -10.35
N THR A 152 16.20 -32.00 -9.43
CA THR A 152 17.25 -32.72 -8.74
C THR A 152 16.69 -33.53 -7.60
N THR A 153 15.70 -32.96 -6.92
CA THR A 153 15.13 -33.56 -5.74
C THR A 153 13.76 -34.15 -6.01
N GLY A 154 13.61 -35.43 -5.69
CA GLY A 154 12.41 -36.17 -6.01
C GLY A 154 11.40 -36.30 -4.89
N ARG A 155 10.14 -36.23 -5.26
CA ARG A 155 9.05 -36.09 -4.31
C ARG A 155 8.79 -37.31 -3.45
N ASN A 156 8.26 -37.07 -2.27
CA ASN A 156 7.77 -38.13 -1.43
C ASN A 156 6.28 -38.25 -1.64
N PHE A 157 5.87 -39.36 -2.23
CA PHE A 157 4.49 -39.56 -2.60
C PHE A 157 3.74 -40.14 -1.44
N ASP A 158 4.47 -40.61 -0.45
CA ASP A 158 3.86 -41.15 0.76
C ASP A 158 3.36 -39.99 1.59
N GLU A 159 3.97 -38.83 1.37
CA GLU A 159 3.59 -37.59 2.03
C GLU A 159 2.43 -36.92 1.31
N ILE A 160 2.42 -37.02 -0.01
CA ILE A 160 1.32 -36.49 -0.79
C ILE A 160 0.04 -37.25 -0.45
N LEU A 161 0.19 -38.53 -0.11
CA LEU A 161 -0.92 -39.31 0.40
C LEU A 161 -1.25 -38.91 1.82
N ARG A 162 -0.24 -38.53 2.59
CA ARG A 162 -0.41 -38.12 3.99
C ARG A 162 -1.29 -36.89 4.12
N VAL A 163 -1.06 -35.93 3.24
CA VAL A 163 -1.78 -34.67 3.28
C VAL A 163 -3.20 -34.79 2.74
N VAL A 164 -3.41 -35.71 1.82
CA VAL A 164 -4.74 -35.92 1.29
C VAL A 164 -5.68 -36.42 2.37
N ILE A 165 -5.21 -37.37 3.16
CA ILE A 165 -6.02 -37.96 4.22
C ILE A 165 -6.42 -36.93 5.24
N SER A 166 -5.49 -36.05 5.57
CA SER A 166 -5.71 -34.99 6.52
C SER A 166 -6.61 -33.91 5.95
N LEU A 167 -6.39 -33.56 4.69
CA LEU A 167 -7.23 -32.57 4.03
C LEU A 167 -8.68 -33.01 3.98
N GLN A 168 -8.89 -34.32 3.99
CA GLN A 168 -10.21 -34.90 3.89
C GLN A 168 -10.87 -35.12 5.25
N LEU A 169 -10.06 -35.29 6.28
CA LEU A 169 -10.53 -35.40 7.64
C LEU A 169 -10.80 -34.02 8.17
N THR A 170 -9.92 -33.10 7.84
CA THR A 170 -10.00 -31.74 8.34
C THR A 170 -11.14 -30.95 7.70
N ALA A 171 -11.73 -31.49 6.65
CA ALA A 171 -12.86 -30.87 6.00
C ALA A 171 -14.14 -31.50 6.50
N GLU A 172 -13.98 -32.54 7.29
CA GLU A 172 -15.10 -33.28 7.82
C GLU A 172 -15.29 -32.95 9.29
N LYS A 173 -14.23 -33.13 10.06
CA LYS A 173 -14.25 -32.87 11.48
C LYS A 173 -13.49 -31.60 11.82
N ARG A 174 -13.85 -30.97 12.93
CA ARG A 174 -13.28 -29.70 13.30
C ARG A 174 -12.00 -29.88 14.08
N VAL A 175 -10.99 -30.42 13.41
CA VAL A 175 -9.68 -30.61 14.01
C VAL A 175 -8.59 -30.12 13.08
N ALA A 176 -7.36 -30.31 13.50
CA ALA A 176 -6.21 -30.04 12.68
C ALA A 176 -5.13 -31.02 13.04
N THR A 177 -4.38 -31.47 12.06
CA THR A 177 -3.36 -32.47 12.30
C THR A 177 -2.07 -31.79 12.58
N PRO A 178 -1.36 -32.26 13.60
CA PRO A 178 -0.15 -31.62 14.05
C PRO A 178 1.02 -31.86 13.13
N VAL A 179 2.21 -31.73 13.68
CA VAL A 179 3.42 -31.95 12.94
C VAL A 179 3.66 -33.46 12.83
N ASP A 180 4.09 -33.89 11.65
CA ASP A 180 4.48 -35.27 11.40
C ASP A 180 3.38 -36.29 11.66
N TRP A 181 2.14 -35.84 11.62
CA TRP A 181 0.98 -36.66 11.93
C TRP A 181 0.86 -37.82 10.97
N LYS A 182 0.58 -39.00 11.52
CA LYS A 182 0.31 -40.17 10.72
C LYS A 182 -1.15 -40.53 10.89
N ASP A 183 -1.69 -41.22 9.90
CA ASP A 183 -3.08 -41.64 9.92
C ASP A 183 -3.35 -42.54 11.11
N GLY A 184 -4.36 -42.18 11.88
CA GLY A 184 -4.74 -42.95 13.05
C GLY A 184 -4.46 -42.18 14.31
N ASP A 185 -3.42 -41.37 14.25
CA ASP A 185 -2.96 -40.63 15.41
C ASP A 185 -3.98 -39.60 15.88
N SER A 186 -3.71 -39.05 17.05
CA SER A 186 -4.57 -38.06 17.67
C SER A 186 -4.40 -36.72 16.98
N VAL A 187 -5.47 -35.95 16.94
CA VAL A 187 -5.46 -34.67 16.27
C VAL A 187 -5.53 -33.51 17.25
N MET A 188 -5.53 -32.29 16.75
CA MET A 188 -5.54 -31.13 17.61
C MET A 188 -6.87 -30.43 17.54
N VAL A 189 -7.29 -29.85 18.66
CA VAL A 189 -8.58 -29.21 18.71
C VAL A 189 -8.48 -27.75 18.33
N LEU A 190 -9.40 -27.30 17.49
CA LEU A 190 -9.41 -25.94 17.00
C LEU A 190 -9.59 -24.95 18.14
N PRO A 191 -8.86 -23.82 18.08
CA PRO A 191 -8.77 -22.80 19.13
C PRO A 191 -10.08 -22.08 19.38
N THR A 192 -10.86 -21.99 18.32
CA THR A 192 -12.12 -21.30 18.35
C THR A 192 -13.17 -22.05 19.15
N ILE A 193 -13.04 -23.37 19.18
CA ILE A 193 -13.99 -24.24 19.88
C ILE A 193 -13.86 -24.17 21.39
N PRO A 194 -14.90 -23.67 22.06
CA PRO A 194 -14.92 -23.50 23.52
C PRO A 194 -15.00 -24.82 24.26
N GLU A 195 -14.96 -24.75 25.57
CA GLU A 195 -14.81 -25.93 26.41
C GLU A 195 -16.01 -26.87 26.41
N GLU A 196 -17.21 -26.31 26.32
CA GLU A 196 -18.42 -27.12 26.40
C GLU A 196 -18.79 -27.73 25.06
N GLU A 197 -18.27 -27.16 23.98
CA GLU A 197 -18.55 -27.70 22.65
C GLU A 197 -17.57 -28.79 22.30
N ALA A 198 -16.38 -28.70 22.86
CA ALA A 198 -15.32 -29.65 22.58
C ALA A 198 -15.60 -31.02 23.17
N LYS A 199 -16.59 -31.09 24.05
CA LYS A 199 -16.95 -32.33 24.70
C LYS A 199 -17.97 -33.06 23.89
N LYS A 200 -18.91 -32.32 23.32
CA LYS A 200 -19.96 -32.91 22.51
C LYS A 200 -19.43 -33.29 21.14
N LEU A 201 -18.46 -32.52 20.67
CA LEU A 201 -17.91 -32.73 19.36
C LEU A 201 -16.99 -33.92 19.39
N PHE A 202 -16.24 -34.03 20.48
CA PHE A 202 -15.30 -35.12 20.67
C PHE A 202 -15.53 -35.81 22.01
N PRO A 203 -16.39 -36.82 22.02
CA PRO A 203 -16.75 -37.66 23.17
C PRO A 203 -15.60 -38.53 23.67
N LYS A 204 -14.70 -38.91 22.78
CA LYS A 204 -13.44 -39.47 23.21
C LYS A 204 -12.75 -38.29 23.81
N GLY A 205 -11.88 -38.52 24.77
CA GLY A 205 -11.39 -37.44 25.61
C GLY A 205 -10.62 -36.33 24.93
N VAL A 206 -10.90 -35.11 25.37
CA VAL A 206 -10.14 -33.95 24.94
C VAL A 206 -9.19 -33.53 26.04
N PHE A 207 -7.91 -33.71 25.78
CA PHE A 207 -6.88 -33.54 26.77
C PHE A 207 -6.06 -32.31 26.49
N THR A 208 -5.84 -31.53 27.54
CA THR A 208 -5.25 -30.22 27.40
C THR A 208 -3.86 -30.21 27.98
N LYS A 209 -2.97 -29.43 27.38
CA LYS A 209 -1.62 -29.27 27.88
C LYS A 209 -1.51 -27.95 28.62
N GLU A 210 -1.04 -28.02 29.85
CA GLU A 210 -0.92 -26.85 30.70
C GLU A 210 0.37 -26.12 30.43
N LEU A 211 0.25 -24.85 30.10
CA LEU A 211 1.36 -24.10 29.56
C LEU A 211 1.57 -22.81 30.33
N PRO A 212 2.82 -22.37 30.43
CA PRO A 212 3.20 -21.18 31.18
C PRO A 212 2.44 -19.91 30.78
N SER A 213 1.87 -19.88 29.58
CA SER A 213 0.98 -18.79 29.21
C SER A 213 -0.25 -18.88 30.07
N GLY A 214 -0.88 -20.04 30.10
CA GLY A 214 -1.99 -20.32 30.98
C GLY A 214 -3.28 -20.45 30.23
N LYS A 215 -3.14 -20.52 28.91
CA LYS A 215 -4.28 -20.65 28.03
C LYS A 215 -4.55 -22.11 27.81
N LYS A 216 -5.63 -22.41 27.12
CA LYS A 216 -6.04 -23.78 26.89
C LYS A 216 -6.25 -24.09 25.43
N TYR A 217 -5.17 -23.98 24.65
CA TYR A 217 -5.25 -24.19 23.22
C TYR A 217 -4.66 -25.53 22.81
N LEU A 218 -3.62 -25.93 23.52
CA LEU A 218 -2.93 -27.16 23.19
C LEU A 218 -3.73 -28.32 23.70
N ARG A 219 -4.75 -28.68 22.93
CA ARG A 219 -5.62 -29.78 23.27
C ARG A 219 -5.57 -30.88 22.24
N TYR A 220 -5.36 -32.10 22.72
CA TYR A 220 -5.32 -33.30 21.89
C TYR A 220 -6.64 -34.05 21.98
N THR A 221 -6.88 -34.92 21.00
CA THR A 221 -8.05 -35.78 20.97
C THR A 221 -7.83 -36.89 19.94
N PRO A 222 -8.35 -38.09 20.23
CA PRO A 222 -8.28 -39.23 19.32
C PRO A 222 -8.87 -38.89 17.99
N GLN A 223 -8.40 -39.52 16.92
CA GLN A 223 -8.92 -39.20 15.60
C GLN A 223 -10.40 -39.45 15.61
N PRO A 224 -11.17 -38.38 15.36
CA PRO A 224 -12.62 -38.32 15.54
C PRO A 224 -13.32 -39.45 14.83
N GLY B 4 3.04 -14.58 -5.04
CA GLY B 4 3.69 -15.88 -5.07
C GLY B 4 5.17 -15.78 -5.36
N LEU B 5 5.79 -16.92 -5.66
CA LEU B 5 7.23 -16.96 -5.92
C LEU B 5 7.58 -18.21 -6.70
N LEU B 6 8.37 -18.05 -7.75
CA LEU B 6 8.75 -19.18 -8.60
C LEU B 6 10.15 -19.68 -8.30
N LEU B 7 10.51 -20.80 -8.91
CA LEU B 7 11.74 -21.48 -8.56
C LEU B 7 13.02 -20.75 -8.94
N GLY B 8 12.90 -19.70 -9.74
CA GLY B 8 14.08 -18.97 -10.15
C GLY B 8 14.21 -17.63 -9.46
N ASP B 9 13.22 -17.28 -8.66
CA ASP B 9 13.16 -15.98 -8.05
C ASP B 9 14.17 -15.83 -6.92
N VAL B 10 14.39 -14.57 -6.55
CA VAL B 10 15.38 -14.20 -5.57
C VAL B 10 14.70 -13.63 -4.34
N ALA B 11 15.11 -14.10 -3.17
CA ALA B 11 14.56 -13.62 -1.91
C ALA B 11 14.92 -12.17 -1.69
N PRO B 12 13.92 -11.28 -1.68
CA PRO B 12 14.11 -9.84 -1.53
C PRO B 12 14.78 -9.49 -0.23
N ASN B 13 15.78 -8.60 -0.29
CA ASN B 13 16.46 -8.17 0.91
C ASN B 13 15.55 -7.29 1.72
N PHE B 14 14.54 -7.91 2.31
CA PHE B 14 13.54 -7.15 3.03
C PHE B 14 13.98 -6.92 4.46
N GLU B 15 13.48 -5.83 5.02
CA GLU B 15 13.76 -5.43 6.37
C GLU B 15 12.53 -5.69 7.19
N ALA B 16 12.71 -6.30 8.36
CA ALA B 16 11.56 -6.67 9.18
C ALA B 16 11.93 -6.92 10.62
N ASN B 17 10.95 -6.81 11.49
CA ASN B 17 11.19 -6.95 12.91
C ASN B 17 10.97 -8.37 13.39
N THR B 18 11.94 -8.87 14.15
CA THR B 18 11.93 -10.22 14.64
C THR B 18 12.09 -10.27 16.14
N THR B 19 12.32 -11.47 16.65
CA THR B 19 12.41 -11.73 18.06
C THR B 19 13.80 -11.44 18.59
N VAL B 20 14.66 -10.97 17.70
CA VAL B 20 16.02 -10.64 18.03
C VAL B 20 16.32 -9.23 17.53
N GLY B 21 15.28 -8.58 17.04
CA GLY B 21 15.40 -7.24 16.47
C GLY B 21 15.18 -7.20 14.98
N ARG B 22 15.42 -6.05 14.39
CA ARG B 22 15.24 -5.85 12.96
C ARG B 22 16.43 -6.37 12.20
N ILE B 23 16.18 -6.98 11.05
CA ILE B 23 17.24 -7.52 10.22
C ILE B 23 16.98 -7.34 8.74
N ARG B 24 18.08 -7.31 7.98
CA ARG B 24 18.01 -7.44 6.54
C ARG B 24 18.04 -8.92 6.25
N PHE B 25 17.34 -9.34 5.21
CA PHE B 25 17.21 -10.76 4.96
C PHE B 25 18.52 -11.37 4.52
N HIS B 26 19.10 -10.87 3.44
CA HIS B 26 20.33 -11.43 2.90
C HIS B 26 21.45 -11.38 3.91
N ASP B 27 21.48 -10.31 4.68
CA ASP B 27 22.50 -10.10 5.69
C ASP B 27 22.38 -11.11 6.81
N PHE B 28 21.17 -11.58 7.02
CA PHE B 28 20.92 -12.64 7.99
C PHE B 28 21.49 -13.93 7.46
N LEU B 29 21.28 -14.18 6.18
CA LEU B 29 21.74 -15.41 5.57
C LEU B 29 23.21 -15.30 5.21
N GLY B 30 23.50 -14.38 4.30
CA GLY B 30 24.85 -14.24 3.82
C GLY B 30 25.22 -15.43 2.97
N ASP B 31 26.07 -16.28 3.52
CA ASP B 31 26.59 -17.42 2.79
C ASP B 31 26.13 -18.75 3.36
N SER B 32 24.87 -18.83 3.74
CA SER B 32 24.30 -20.03 4.30
C SER B 32 22.93 -20.25 3.71
N TRP B 33 22.49 -21.50 3.69
CA TRP B 33 21.15 -21.85 3.22
C TRP B 33 20.15 -21.27 4.18
N GLY B 34 18.97 -20.96 3.68
CA GLY B 34 17.95 -20.39 4.54
C GLY B 34 16.60 -21.05 4.44
N ILE B 35 15.97 -21.30 5.57
CA ILE B 35 14.58 -21.75 5.56
C ILE B 35 13.68 -20.75 6.21
N LEU B 36 12.83 -20.14 5.39
CA LEU B 36 11.80 -19.25 5.85
C LEU B 36 10.46 -19.96 5.83
N PHE B 37 9.90 -20.22 7.01
CA PHE B 37 8.59 -20.83 7.10
C PHE B 37 7.60 -20.00 7.89
N SER B 38 6.37 -19.95 7.41
CA SER B 38 5.34 -19.15 8.08
C SER B 38 4.32 -20.02 8.78
N HIS B 39 3.75 -19.50 9.86
CA HIS B 39 2.67 -20.18 10.54
C HIS B 39 1.51 -19.23 10.80
N PRO B 40 0.27 -19.73 10.72
CA PRO B 40 -0.96 -18.95 10.77
C PRO B 40 -1.03 -17.97 11.92
N ARG B 41 -1.12 -18.49 13.13
CA ARG B 41 -1.31 -17.65 14.30
C ARG B 41 -0.43 -18.15 15.43
N ASP B 42 -0.15 -17.30 16.40
CA ASP B 42 0.52 -17.73 17.60
C ASP B 42 -0.48 -18.20 18.63
N PHE B 43 0.02 -18.90 19.64
CA PHE B 43 -0.80 -19.53 20.66
C PHE B 43 -1.82 -20.47 20.07
N THR B 44 -1.43 -21.17 19.02
CA THR B 44 -2.28 -22.19 18.44
C THR B 44 -1.63 -23.56 18.54
N PRO B 45 -2.45 -24.63 18.63
CA PRO B 45 -2.04 -26.01 18.91
C PRO B 45 -1.13 -26.70 17.89
N VAL B 46 -1.38 -26.55 16.60
CA VAL B 46 -0.58 -27.26 15.63
C VAL B 46 0.70 -26.52 15.39
N THR B 48 2.27 -24.87 17.46
CA THR B 48 3.10 -25.09 18.63
C THR B 48 3.95 -26.34 18.48
N THR B 49 3.33 -27.39 17.97
CA THR B 49 4.00 -28.62 17.60
C THR B 49 5.01 -28.37 16.50
N GLU B 50 4.60 -27.59 15.52
CA GLU B 50 5.45 -27.33 14.37
C GLU B 50 6.71 -26.59 14.73
N LEU B 51 6.57 -25.48 15.46
CA LEU B 51 7.70 -24.64 15.80
C LEU B 51 8.53 -25.23 16.90
N GLY B 52 7.99 -26.26 17.55
CA GLY B 52 8.73 -26.93 18.60
C GLY B 52 9.48 -28.09 18.01
N ARG B 53 9.00 -28.56 16.87
CA ARG B 53 9.65 -29.62 16.14
C ARG B 53 10.84 -29.02 15.44
N ALA B 54 10.65 -27.80 14.97
CA ALA B 54 11.72 -27.04 14.34
C ALA B 54 12.87 -26.81 15.30
N ALA B 55 12.54 -26.41 16.51
CA ALA B 55 13.52 -26.04 17.49
C ALA B 55 14.39 -27.21 17.91
N LYS B 56 13.90 -28.41 17.67
CA LYS B 56 14.59 -29.62 17.98
C LYS B 56 15.44 -30.03 16.80
N LEU B 57 15.07 -29.54 15.62
CA LEU B 57 15.77 -29.87 14.40
C LEU B 57 16.79 -28.81 14.02
N ALA B 58 16.77 -27.69 14.72
CA ALA B 58 17.73 -26.62 14.49
C ALA B 58 19.18 -27.03 14.66
N PRO B 59 19.50 -27.99 15.54
CA PRO B 59 20.86 -28.51 15.53
C PRO B 59 21.27 -29.17 14.23
N GLU B 60 20.36 -29.93 13.62
CA GLU B 60 20.64 -30.64 12.40
C GLU B 60 20.71 -29.72 11.22
N PHE B 61 19.85 -28.71 11.22
CA PHE B 61 19.83 -27.73 10.16
C PHE B 61 21.02 -26.81 10.25
N ALA B 62 21.57 -26.70 11.46
CA ALA B 62 22.69 -25.84 11.69
C ALA B 62 23.97 -26.42 11.12
N LYS B 63 24.34 -27.60 11.60
CA LYS B 63 25.57 -28.25 11.18
C LYS B 63 25.61 -28.50 9.69
N ARG B 64 24.46 -28.38 9.04
CA ARG B 64 24.36 -28.53 7.60
C ARG B 64 24.22 -27.18 6.92
N ASN B 65 24.63 -26.12 7.62
CA ASN B 65 24.69 -24.77 7.07
C ASN B 65 23.35 -24.19 6.63
N VAL B 66 22.32 -24.41 7.44
CA VAL B 66 20.99 -23.87 7.16
C VAL B 66 20.51 -23.07 8.35
N LYS B 67 19.91 -21.92 8.09
CA LYS B 67 19.37 -21.09 9.14
C LYS B 67 17.86 -21.02 9.01
N LEU B 68 17.16 -21.32 10.09
CA LEU B 68 15.71 -21.24 10.08
C LEU B 68 15.28 -19.86 10.53
N ILE B 69 14.03 -19.53 10.25
CA ILE B 69 13.42 -18.29 10.67
C ILE B 69 11.90 -18.38 10.48
N ALA B 70 11.16 -17.97 11.51
CA ALA B 70 9.72 -18.09 11.50
C ALA B 70 9.00 -16.82 11.10
N LEU B 71 7.69 -16.90 10.97
CA LEU B 71 6.90 -15.76 10.57
C LEU B 71 5.41 -15.93 10.85
N SER B 72 4.81 -14.90 11.42
CA SER B 72 3.37 -14.86 11.60
C SER B 72 2.85 -13.42 11.54
N ILE B 73 1.59 -13.26 11.92
CA ILE B 73 0.98 -11.94 11.96
C ILE B 73 0.99 -11.43 13.39
N ASP B 74 1.25 -12.32 14.34
CA ASP B 74 1.28 -11.92 15.72
C ASP B 74 2.57 -11.19 16.04
N SER B 75 2.49 -10.34 17.05
CA SER B 75 3.55 -9.41 17.39
C SER B 75 4.75 -10.11 17.99
N VAL B 76 5.82 -9.36 18.22
CA VAL B 76 6.97 -9.89 18.90
C VAL B 76 6.66 -9.92 20.37
N GLU B 77 5.65 -9.19 20.78
CA GLU B 77 5.23 -9.20 22.15
C GLU B 77 4.70 -10.57 22.47
N ASP B 78 3.95 -11.14 21.53
CA ASP B 78 3.39 -12.48 21.67
C ASP B 78 4.40 -13.58 21.38
N HIS B 79 5.15 -13.42 20.30
CA HIS B 79 6.18 -14.34 19.87
C HIS B 79 7.10 -14.73 21.00
N LEU B 80 7.41 -13.76 21.83
CA LEU B 80 8.35 -13.96 22.90
C LEU B 80 7.70 -14.69 24.04
N ALA B 81 6.39 -14.55 24.12
CA ALA B 81 5.62 -15.13 25.21
C ALA B 81 5.19 -16.52 24.84
N TRP B 82 4.94 -16.71 23.55
CA TRP B 82 4.49 -17.99 23.06
C TRP B 82 5.64 -18.97 23.06
N SER B 83 6.84 -18.43 23.01
CA SER B 83 8.04 -19.24 22.97
C SER B 83 8.22 -19.94 24.29
N LYS B 84 7.61 -19.40 25.33
CA LYS B 84 7.66 -20.01 26.65
C LYS B 84 6.78 -21.24 26.65
N ASP B 85 5.72 -21.18 25.86
CA ASP B 85 4.83 -22.30 25.69
C ASP B 85 5.43 -23.29 24.73
N ILE B 86 6.06 -22.79 23.67
CA ILE B 86 6.78 -23.61 22.72
C ILE B 86 7.92 -24.34 23.39
N ASN B 87 8.59 -23.65 24.30
CA ASN B 87 9.67 -24.26 25.04
C ASN B 87 9.15 -25.27 26.03
N ALA B 88 7.96 -25.01 26.57
CA ALA B 88 7.34 -25.91 27.51
C ALA B 88 6.91 -27.19 26.83
N TYR B 89 6.39 -27.06 25.62
CA TYR B 89 6.06 -28.21 24.80
C TYR B 89 7.26 -29.15 24.64
N ASN B 90 8.43 -28.58 24.38
CA ASN B 90 9.64 -29.37 24.18
C ASN B 90 10.31 -29.75 25.49
N CYS B 91 9.68 -29.37 26.58
CA CYS B 91 10.17 -29.67 27.91
C CYS B 91 11.57 -29.12 28.10
N GLU B 92 11.76 -27.90 27.62
CA GLU B 92 12.99 -27.15 27.86
C GLU B 92 12.65 -26.12 28.91
N GLU B 93 13.65 -25.40 29.39
CA GLU B 93 13.42 -24.32 30.31
C GLU B 93 12.73 -23.17 29.58
N PRO B 94 11.49 -22.88 29.97
CA PRO B 94 10.60 -21.94 29.29
C PRO B 94 11.14 -20.51 29.20
N THR B 95 12.11 -20.30 28.33
CA THR B 95 12.66 -18.97 28.12
C THR B 95 11.88 -18.23 27.06
N GLU B 96 12.47 -17.15 26.59
CA GLU B 96 11.92 -16.36 25.52
C GLU B 96 12.73 -16.67 24.29
N LYS B 97 13.87 -17.31 24.51
CA LYS B 97 14.82 -17.62 23.46
C LYS B 97 14.47 -18.89 22.68
N LEU B 98 14.45 -18.74 21.37
CA LEU B 98 14.30 -19.86 20.44
C LEU B 98 15.58 -19.90 19.62
N PRO B 99 15.86 -21.02 18.94
CA PRO B 99 17.12 -21.12 18.20
C PRO B 99 17.01 -20.53 16.82
N PHE B 100 15.87 -19.92 16.53
CA PHE B 100 15.65 -19.24 15.28
C PHE B 100 14.72 -18.09 15.57
N PRO B 101 14.62 -17.12 14.66
CA PRO B 101 13.78 -15.97 14.94
C PRO B 101 12.34 -16.12 14.47
N ILE B 102 11.50 -15.17 14.87
CA ILE B 102 10.14 -15.08 14.37
C ILE B 102 9.85 -13.65 13.95
N ILE B 103 9.31 -13.50 12.75
CA ILE B 103 9.03 -12.20 12.17
C ILE B 103 7.64 -11.71 12.55
N ASP B 104 7.55 -10.44 12.89
CA ASP B 104 6.29 -9.76 13.12
C ASP B 104 5.83 -9.25 11.78
N ASP B 105 4.66 -9.68 11.34
CA ASP B 105 4.12 -9.18 10.09
C ASP B 105 2.73 -8.65 10.39
N ARG B 106 2.70 -7.78 11.39
CA ARG B 106 1.55 -7.01 11.82
C ARG B 106 0.65 -6.60 10.68
N ASN B 107 1.27 -6.12 9.61
CA ASN B 107 0.55 -5.48 8.53
C ASN B 107 0.48 -6.31 7.28
N ARG B 108 0.97 -7.54 7.36
CA ARG B 108 0.90 -8.48 6.26
C ARG B 108 1.56 -7.96 5.01
N GLU B 109 2.71 -7.33 5.16
CA GLU B 109 3.41 -6.79 4.01
C GLU B 109 4.04 -7.90 3.18
N LEU B 110 5.02 -8.57 3.77
CA LEU B 110 5.78 -9.58 3.05
C LEU B 110 5.04 -10.90 2.91
N ALA B 111 3.80 -10.92 3.38
CA ALA B 111 2.95 -12.08 3.24
C ALA B 111 2.14 -11.94 1.97
N ILE B 112 2.01 -10.71 1.49
CA ILE B 112 1.39 -10.48 0.20
C ILE B 112 2.48 -10.58 -0.85
N LEU B 113 3.65 -10.07 -0.50
CA LEU B 113 4.81 -10.09 -1.36
C LEU B 113 5.15 -11.50 -1.80
N LEU B 114 4.95 -12.43 -0.88
CA LEU B 114 5.41 -13.80 -1.04
C LEU B 114 4.27 -14.78 -1.14
N GLY B 115 3.05 -14.26 -1.03
CA GLY B 115 1.84 -15.04 -1.25
C GLY B 115 1.49 -15.99 -0.14
N MET B 116 1.88 -15.64 1.07
CA MET B 116 1.77 -16.52 2.22
C MET B 116 0.46 -16.30 2.96
N LEU B 117 -0.63 -16.34 2.20
CA LEU B 117 -1.95 -16.01 2.70
C LEU B 117 -2.81 -17.25 2.85
N ASP B 118 -3.94 -17.12 3.53
CA ASP B 118 -4.83 -18.26 3.70
C ASP B 118 -6.25 -17.96 3.27
N PRO B 119 -6.95 -18.98 2.74
CA PRO B 119 -8.38 -18.91 2.49
C PRO B 119 -9.17 -19.41 3.69
N ALA B 120 -10.28 -18.75 3.99
CA ALA B 120 -11.13 -19.12 5.12
C ALA B 120 -10.42 -19.10 6.47
N GLU B 121 -9.27 -18.44 6.53
CA GLU B 121 -8.59 -18.24 7.78
C GLU B 121 -8.23 -16.79 7.93
N LYS B 122 -8.58 -16.23 9.09
CA LYS B 122 -8.35 -14.84 9.39
C LYS B 122 -8.42 -14.69 10.90
N ASP B 123 -8.19 -13.49 11.41
CA ASP B 123 -8.38 -13.23 12.82
C ASP B 123 -9.74 -12.62 13.09
N GLU B 124 -10.07 -12.39 14.35
CA GLU B 124 -11.36 -11.82 14.70
C GLU B 124 -11.47 -10.38 14.22
N LYS B 125 -10.35 -9.82 13.82
CA LYS B 125 -10.30 -8.44 13.33
C LYS B 125 -10.65 -8.37 11.87
N GLY B 126 -10.78 -9.53 11.23
CA GLY B 126 -11.32 -9.62 9.89
C GLY B 126 -10.27 -9.61 8.83
N MET B 127 -9.07 -10.05 9.21
CA MET B 127 -7.94 -9.99 8.31
C MET B 127 -7.34 -11.37 8.10
N PRO B 128 -7.34 -11.84 6.85
CA PRO B 128 -6.70 -13.09 6.42
C PRO B 128 -5.35 -13.27 7.06
N VAL B 129 -5.04 -14.48 7.48
CA VAL B 129 -3.81 -14.74 8.19
C VAL B 129 -2.81 -15.43 7.29
N THR B 130 -1.70 -15.86 7.88
CA THR B 130 -0.68 -16.58 7.14
C THR B 130 -1.12 -18.01 6.91
N ALA B 131 -0.32 -18.73 6.14
CA ALA B 131 -0.52 -20.13 5.93
C ALA B 131 0.76 -20.81 6.34
N ARG B 132 0.89 -22.07 5.97
CA ARG B 132 2.09 -22.83 6.28
C ARG B 132 2.94 -23.02 5.05
N VAL B 133 3.79 -22.04 4.79
CA VAL B 133 4.68 -22.06 3.66
C VAL B 133 6.07 -22.37 4.15
N VAL B 134 6.88 -22.98 3.30
CA VAL B 134 8.29 -23.14 3.59
C VAL B 134 9.08 -22.81 2.36
N PHE B 135 9.91 -21.78 2.47
CA PHE B 135 10.78 -21.37 1.40
C PHE B 135 12.19 -21.85 1.68
N VAL B 136 12.80 -22.48 0.69
CA VAL B 136 14.16 -22.92 0.81
C VAL B 136 15.04 -22.13 -0.14
N PHE B 137 15.90 -21.30 0.43
CA PHE B 137 16.78 -20.48 -0.38
C PHE B 137 18.19 -21.00 -0.30
N GLY B 138 18.92 -20.85 -1.40
CA GLY B 138 20.30 -21.22 -1.46
C GLY B 138 21.18 -20.04 -1.16
N PRO B 139 22.46 -20.29 -0.87
CA PRO B 139 23.45 -19.27 -0.55
C PRO B 139 23.45 -18.15 -1.57
N ASP B 140 23.05 -18.48 -2.78
CA ASP B 140 22.89 -17.51 -3.84
C ASP B 140 21.49 -16.87 -3.85
N LYS B 141 20.77 -17.00 -2.74
CA LYS B 141 19.52 -16.25 -2.49
C LYS B 141 18.37 -16.58 -3.42
N LYS B 142 18.48 -17.68 -4.15
CA LYS B 142 17.42 -18.08 -5.07
C LYS B 142 16.53 -19.14 -4.46
N LEU B 143 15.33 -19.28 -4.97
CA LEU B 143 14.37 -20.22 -4.43
C LEU B 143 14.66 -21.63 -4.89
N LYS B 144 15.06 -22.50 -3.95
CA LYS B 144 15.42 -23.86 -4.29
C LYS B 144 14.25 -24.83 -4.12
N LEU B 145 13.27 -24.43 -3.33
CA LEU B 145 12.11 -25.25 -3.06
C LEU B 145 11.08 -24.44 -2.32
N SER B 146 9.81 -24.84 -2.41
CA SER B 146 8.76 -24.24 -1.60
C SER B 146 7.55 -25.14 -1.46
N ILE B 147 6.93 -25.14 -0.29
CA ILE B 147 5.67 -25.85 -0.08
C ILE B 147 4.60 -24.91 0.42
N LEU B 148 3.34 -25.21 0.10
CA LEU B 148 2.20 -24.40 0.49
C LEU B 148 1.15 -25.25 1.20
N TYR B 149 1.17 -25.23 2.52
CA TYR B 149 0.28 -26.07 3.30
C TYR B 149 -0.84 -25.28 3.92
N PRO B 150 -2.00 -25.92 4.15
CA PRO B 150 -3.15 -25.25 4.72
C PRO B 150 -3.01 -25.04 6.21
N ALA B 151 -3.91 -24.26 6.77
CA ALA B 151 -3.89 -23.97 8.18
C ALA B 151 -4.25 -25.22 8.95
N THR B 152 -5.09 -26.04 8.35
CA THR B 152 -5.61 -27.23 9.00
C THR B 152 -4.62 -28.38 8.94
N THR B 153 -3.83 -28.40 7.88
CA THR B 153 -2.91 -29.50 7.66
C THR B 153 -1.49 -29.13 8.05
N GLY B 154 -0.96 -29.86 9.01
CA GLY B 154 0.37 -29.62 9.53
C GLY B 154 1.42 -30.17 8.61
N ARG B 155 2.66 -29.84 8.92
CA ARG B 155 3.77 -30.04 8.01
C ARG B 155 4.65 -31.21 8.43
N ASN B 156 5.36 -31.78 7.47
CA ASN B 156 6.35 -32.79 7.77
C ASN B 156 7.74 -32.16 7.78
N PHE B 157 8.36 -32.14 8.95
CA PHE B 157 9.67 -31.53 9.11
C PHE B 157 10.76 -32.54 8.88
N ASP B 158 10.37 -33.80 8.84
CA ASP B 158 11.30 -34.84 8.51
C ASP B 158 11.46 -34.87 7.00
N GLU B 159 10.51 -34.24 6.32
CA GLU B 159 10.54 -34.13 4.88
C GLU B 159 11.32 -32.89 4.48
N ILE B 160 11.30 -31.87 5.32
CA ILE B 160 12.07 -30.67 5.06
C ILE B 160 13.56 -30.96 5.16
N LEU B 161 13.93 -31.82 6.09
CA LEU B 161 15.33 -32.15 6.27
C LEU B 161 15.81 -33.05 5.15
N ARG B 162 14.91 -33.85 4.61
CA ARG B 162 15.24 -34.82 3.59
C ARG B 162 15.59 -34.17 2.26
N VAL B 163 14.80 -33.20 1.87
CA VAL B 163 15.04 -32.46 0.65
C VAL B 163 16.18 -31.48 0.80
N VAL B 164 16.52 -31.15 2.04
CA VAL B 164 17.62 -30.25 2.30
C VAL B 164 18.92 -30.93 2.01
N ILE B 165 19.02 -32.19 2.41
CA ILE B 165 20.22 -32.99 2.16
C ILE B 165 20.36 -33.25 0.68
N SER B 166 19.23 -33.47 0.00
CA SER B 166 19.24 -33.64 -1.43
C SER B 166 19.78 -32.41 -2.13
N LEU B 167 19.15 -31.26 -1.91
CA LEU B 167 19.59 -30.00 -2.51
C LEU B 167 21.05 -29.73 -2.22
N GLN B 168 21.51 -30.19 -1.07
CA GLN B 168 22.89 -30.05 -0.69
C GLN B 168 23.74 -31.14 -1.30
N LEU B 169 23.12 -32.23 -1.71
CA LEU B 169 23.85 -33.32 -2.33
C LEU B 169 23.82 -33.22 -3.84
N THR B 170 22.68 -32.83 -4.38
CA THR B 170 22.52 -32.77 -5.83
C THR B 170 23.28 -31.60 -6.42
N ALA B 171 23.67 -30.67 -5.57
CA ALA B 171 24.40 -29.50 -5.99
C ALA B 171 25.87 -29.78 -5.85
N GLU B 172 26.18 -30.75 -5.00
CA GLU B 172 27.54 -31.16 -4.75
C GLU B 172 28.00 -32.10 -5.84
N LYS B 173 27.16 -33.10 -6.13
CA LYS B 173 27.46 -34.09 -7.13
C LYS B 173 26.49 -34.03 -8.30
N ARG B 174 26.83 -34.66 -9.40
CA ARG B 174 26.00 -34.58 -10.60
C ARG B 174 24.97 -35.69 -10.61
N VAL B 175 24.29 -35.84 -9.49
CA VAL B 175 23.29 -36.88 -9.31
C VAL B 175 21.94 -36.28 -9.03
N ALA B 176 20.97 -37.16 -8.78
CA ALA B 176 19.63 -36.75 -8.42
C ALA B 176 19.04 -37.79 -7.49
N THR B 177 18.03 -37.39 -6.73
CA THR B 177 17.39 -38.30 -5.79
C THR B 177 15.99 -38.65 -6.27
N PRO B 178 15.67 -39.95 -6.29
CA PRO B 178 14.39 -40.47 -6.74
C PRO B 178 13.29 -40.35 -5.70
N VAL B 179 12.12 -40.94 -5.94
CA VAL B 179 11.05 -40.82 -4.98
C VAL B 179 11.35 -41.50 -3.66
N ASP B 180 10.87 -40.87 -2.60
CA ASP B 180 10.87 -41.43 -1.27
C ASP B 180 12.29 -41.65 -0.78
N TRP B 181 13.24 -41.02 -1.45
CA TRP B 181 14.65 -41.21 -1.21
C TRP B 181 14.99 -40.90 0.23
N LYS B 182 15.62 -41.86 0.89
CA LYS B 182 16.08 -41.66 2.25
C LYS B 182 17.55 -41.38 2.21
N ASP B 183 18.03 -40.60 3.17
CA ASP B 183 19.42 -40.24 3.24
C ASP B 183 20.32 -41.48 3.26
N GLY B 184 21.17 -41.60 2.26
CA GLY B 184 22.09 -42.71 2.16
C GLY B 184 21.70 -43.71 1.09
N ASP B 185 20.43 -43.70 0.71
CA ASP B 185 19.96 -44.56 -0.36
C ASP B 185 20.62 -44.20 -1.67
N SER B 186 20.46 -45.06 -2.65
CA SER B 186 21.11 -44.87 -3.92
C SER B 186 20.52 -43.69 -4.64
N VAL B 187 21.34 -43.02 -5.44
CA VAL B 187 20.88 -41.90 -6.21
C VAL B 187 20.89 -42.20 -7.70
N MET B 188 20.15 -41.40 -8.45
CA MET B 188 20.09 -41.57 -9.88
C MET B 188 21.16 -40.76 -10.59
N VAL B 189 21.62 -41.29 -11.71
CA VAL B 189 22.66 -40.65 -12.50
C VAL B 189 22.02 -39.74 -13.51
N LEU B 190 22.47 -38.49 -13.56
CA LEU B 190 21.91 -37.51 -14.48
C LEU B 190 21.98 -38.00 -15.91
N PRO B 191 20.81 -38.16 -16.53
CA PRO B 191 20.59 -38.87 -17.78
C PRO B 191 21.30 -38.29 -19.00
N THR B 192 21.93 -37.14 -18.82
CA THR B 192 22.61 -36.48 -19.90
C THR B 192 24.09 -36.72 -19.80
N ILE B 193 24.47 -37.65 -18.95
CA ILE B 193 25.87 -38.02 -18.80
C ILE B 193 26.11 -39.36 -19.45
N PRO B 194 27.07 -39.40 -20.39
CA PRO B 194 27.49 -40.61 -21.10
C PRO B 194 28.31 -41.55 -20.21
N GLU B 195 28.38 -42.81 -20.59
CA GLU B 195 29.01 -43.82 -19.75
C GLU B 195 30.49 -43.58 -19.58
N GLU B 196 31.04 -42.68 -20.38
CA GLU B 196 32.46 -42.34 -20.26
C GLU B 196 32.75 -41.53 -19.01
N GLU B 197 32.18 -40.33 -18.95
CA GLU B 197 32.39 -39.43 -17.84
C GLU B 197 31.79 -40.00 -16.59
N ALA B 198 30.79 -40.86 -16.78
CA ALA B 198 30.03 -41.44 -15.68
C ALA B 198 30.89 -42.34 -14.79
N LYS B 199 31.57 -43.30 -15.39
CA LYS B 199 32.32 -44.28 -14.63
C LYS B 199 33.53 -43.65 -13.97
N LYS B 200 33.90 -42.48 -14.45
CA LYS B 200 35.03 -41.75 -13.91
C LYS B 200 34.57 -40.77 -12.84
N LEU B 201 33.26 -40.74 -12.60
CA LEU B 201 32.70 -39.83 -11.62
C LEU B 201 32.20 -40.63 -10.43
N PHE B 202 31.67 -41.81 -10.72
CA PHE B 202 31.11 -42.69 -9.72
C PHE B 202 31.86 -44.02 -9.72
N PRO B 203 33.06 -44.05 -9.13
CA PRO B 203 33.90 -45.25 -9.02
C PRO B 203 33.27 -46.33 -8.20
N LYS B 204 32.10 -46.06 -7.63
CA LYS B 204 31.40 -47.07 -6.86
C LYS B 204 30.45 -47.80 -7.77
N GLY B 205 30.48 -47.45 -9.04
CA GLY B 205 29.74 -48.16 -10.06
C GLY B 205 28.41 -47.56 -10.45
N VAL B 206 28.08 -47.69 -11.71
CA VAL B 206 26.80 -47.25 -12.23
C VAL B 206 26.05 -48.45 -12.76
N PHE B 207 24.81 -48.59 -12.36
CA PHE B 207 24.02 -49.77 -12.63
C PHE B 207 22.76 -49.42 -13.37
N THR B 208 22.68 -49.84 -14.62
CA THR B 208 21.58 -49.46 -15.48
C THR B 208 20.64 -50.60 -15.83
N LYS B 209 19.35 -50.36 -15.59
CA LYS B 209 18.34 -51.31 -15.98
C LYS B 209 18.06 -51.15 -17.45
N GLU B 210 17.49 -52.19 -18.04
CA GLU B 210 17.09 -52.12 -19.44
C GLU B 210 15.60 -52.02 -19.52
N LEU B 211 15.14 -51.18 -20.41
CA LEU B 211 13.73 -50.92 -20.57
C LEU B 211 13.35 -51.07 -22.04
N PRO B 212 12.07 -51.36 -22.32
CA PRO B 212 11.51 -51.61 -23.65
C PRO B 212 12.07 -50.78 -24.79
N SER B 213 12.21 -49.48 -24.61
CA SER B 213 12.70 -48.64 -25.67
C SER B 213 14.21 -48.58 -25.70
N GLY B 214 14.86 -49.47 -24.97
CA GLY B 214 16.28 -49.69 -25.12
C GLY B 214 17.10 -48.47 -24.83
N LYS B 215 16.54 -47.59 -24.01
CA LYS B 215 17.21 -46.38 -23.62
C LYS B 215 17.98 -46.69 -22.37
N LYS B 216 19.12 -46.05 -22.19
CA LYS B 216 19.95 -46.32 -21.03
C LYS B 216 19.99 -45.16 -20.06
N TYR B 217 18.82 -44.73 -19.61
CA TYR B 217 18.70 -43.55 -18.76
C TYR B 217 18.53 -43.94 -17.30
N LEU B 218 17.94 -45.10 -17.08
CA LEU B 218 17.67 -45.56 -15.75
C LEU B 218 18.93 -46.10 -15.11
N ARG B 219 19.76 -45.20 -14.61
CA ARG B 219 21.03 -45.57 -14.05
C ARG B 219 21.17 -45.24 -12.58
N TYR B 220 21.33 -46.28 -11.76
CA TYR B 220 21.51 -46.13 -10.34
C TYR B 220 22.96 -46.14 -9.97
N THR B 221 23.25 -45.59 -8.80
CA THR B 221 24.55 -45.70 -8.21
C THR B 221 24.45 -45.34 -6.73
N PRO B 222 25.21 -46.03 -5.88
CA PRO B 222 25.24 -45.68 -4.48
C PRO B 222 25.62 -44.22 -4.23
N GLN B 223 25.29 -43.73 -3.04
CA GLN B 223 25.57 -42.36 -2.67
C GLN B 223 27.05 -42.04 -2.82
N PRO B 224 27.36 -41.11 -3.71
CA PRO B 224 28.69 -40.68 -4.12
C PRO B 224 29.62 -40.38 -2.97
N GLY C 4 4.89 24.92 14.77
CA GLY C 4 5.34 23.85 13.89
C GLY C 4 4.31 22.78 13.62
N LEU C 5 4.22 21.82 14.53
CA LEU C 5 3.28 20.72 14.40
C LEU C 5 2.19 20.77 15.44
N LEU C 6 1.04 20.20 15.10
CA LEU C 6 -0.07 20.08 16.02
C LEU C 6 -0.52 18.65 16.01
N LEU C 7 -1.41 18.29 16.93
CA LEU C 7 -1.89 16.92 16.96
C LEU C 7 -2.69 16.60 15.71
N GLY C 8 -2.67 15.34 15.31
CA GLY C 8 -3.41 14.92 14.15
C GLY C 8 -2.79 15.32 12.84
N ASP C 9 -1.65 15.98 12.91
CA ASP C 9 -0.98 16.44 11.71
C ASP C 9 -0.14 15.36 11.10
N VAL C 10 -0.10 15.33 9.78
CA VAL C 10 0.71 14.37 9.09
C VAL C 10 2.15 14.80 9.13
N ALA C 11 3.03 13.85 9.37
CA ALA C 11 4.46 14.07 9.33
C ALA C 11 4.86 14.32 7.89
N PRO C 12 5.79 15.26 7.69
CA PRO C 12 6.35 15.59 6.38
C PRO C 12 7.25 14.48 5.88
N ASN C 13 6.89 13.85 4.78
CA ASN C 13 7.74 12.82 4.21
C ASN C 13 8.94 13.43 3.56
N PHE C 14 9.87 13.91 4.38
CA PHE C 14 11.04 14.56 3.84
C PHE C 14 12.04 13.54 3.38
N GLU C 15 13.10 14.05 2.76
CA GLU C 15 14.21 13.23 2.33
C GLU C 15 15.45 13.87 2.90
N ALA C 16 16.27 13.07 3.56
CA ALA C 16 17.50 13.59 4.16
C ALA C 16 18.53 12.53 4.36
N ASN C 17 19.69 12.96 4.82
CA ASN C 17 20.81 12.08 5.05
C ASN C 17 20.91 11.68 6.51
N THR C 18 21.21 10.42 6.73
CA THR C 18 21.27 9.86 8.04
C THR C 18 22.58 9.14 8.21
N THR C 19 22.80 8.57 9.39
CA THR C 19 23.97 7.77 9.64
C THR C 19 23.90 6.45 8.88
N VAL C 20 22.79 6.23 8.20
CA VAL C 20 22.55 5.00 7.49
C VAL C 20 22.21 5.24 6.03
N GLY C 21 22.28 6.50 5.63
CA GLY C 21 22.05 6.86 4.25
C GLY C 21 20.85 7.75 4.02
N ARG C 22 20.60 8.04 2.76
CA ARG C 22 19.47 8.88 2.37
C ARG C 22 18.18 8.11 2.53
N ILE C 23 17.20 8.75 3.15
CA ILE C 23 15.91 8.12 3.29
C ILE C 23 14.77 9.07 3.01
N ARG C 24 13.63 8.49 2.68
CA ARG C 24 12.38 9.20 2.61
C ARG C 24 11.69 8.76 3.86
N PHE C 25 11.21 9.73 4.64
CA PHE C 25 10.80 9.51 6.01
C PHE C 25 9.64 8.53 6.16
N HIS C 26 8.66 8.58 5.26
CA HIS C 26 7.52 7.67 5.33
C HIS C 26 7.93 6.27 4.94
N ASP C 27 9.06 6.14 4.27
CA ASP C 27 9.54 4.83 3.89
C ASP C 27 10.34 4.22 5.02
N PHE C 28 10.94 5.07 5.82
CA PHE C 28 11.71 4.64 6.97
C PHE C 28 10.78 4.16 8.06
N LEU C 29 9.59 4.73 8.06
CA LEU C 29 8.60 4.44 9.07
C LEU C 29 7.90 3.15 8.71
N GLY C 30 7.13 3.18 7.63
CA GLY C 30 6.54 1.97 7.10
C GLY C 30 5.64 1.22 8.06
N ASP C 31 4.46 1.80 8.29
CA ASP C 31 3.42 1.17 9.12
C ASP C 31 3.80 0.93 10.57
N SER C 32 4.91 1.50 10.98
CA SER C 32 5.32 1.41 12.35
C SER C 32 5.25 2.78 12.98
N TRP C 33 5.27 2.80 14.31
CA TRP C 33 5.30 4.02 15.08
C TRP C 33 6.70 4.59 15.04
N GLY C 34 6.79 5.89 14.85
CA GLY C 34 8.09 6.52 14.77
C GLY C 34 8.31 7.59 15.81
N ILE C 35 9.50 7.61 16.37
CA ILE C 35 9.85 8.68 17.29
C ILE C 35 10.96 9.54 16.72
N LEU C 36 10.58 10.74 16.29
CA LEU C 36 11.53 11.71 15.79
C LEU C 36 11.92 12.65 16.89
N PHE C 37 13.16 12.55 17.32
CA PHE C 37 13.64 13.43 18.34
C PHE C 37 14.88 14.20 17.89
N SER C 38 15.03 15.41 18.41
CA SER C 38 16.16 16.23 18.07
C SER C 38 17.04 16.44 19.27
N HIS C 39 18.24 16.93 19.00
CA HIS C 39 19.17 17.29 20.06
C HIS C 39 20.02 18.45 19.59
N PRO C 40 20.27 19.41 20.48
CA PRO C 40 21.07 20.61 20.22
C PRO C 40 22.26 20.36 19.34
N ARG C 41 23.25 19.63 19.83
CA ARG C 41 24.44 19.45 19.04
C ARG C 41 25.25 18.23 19.42
N ASP C 42 25.99 17.68 18.46
CA ASP C 42 26.87 16.58 18.73
C ASP C 42 28.05 17.04 19.55
N PHE C 43 28.71 16.09 20.21
CA PHE C 43 29.78 16.35 21.16
C PHE C 43 29.36 17.31 22.25
N THR C 44 28.20 17.05 22.84
CA THR C 44 27.67 17.86 23.93
C THR C 44 27.39 16.93 25.08
N PRO C 45 27.50 17.44 26.32
CA PRO C 45 27.35 16.65 27.55
C PRO C 45 26.01 15.96 27.69
N VAL C 46 24.92 16.71 27.68
CA VAL C 46 23.62 16.13 27.90
C VAL C 46 23.18 15.32 26.71
N THR C 48 24.80 13.52 24.94
CA THR C 48 25.50 12.26 24.94
C THR C 48 24.85 11.31 25.91
N THR C 49 24.52 11.79 27.08
CA THR C 49 23.78 11.02 28.05
C THR C 49 22.45 10.61 27.48
N GLU C 50 21.83 11.52 26.74
CA GLU C 50 20.53 11.28 26.13
C GLU C 50 20.53 10.20 25.07
N LEU C 51 21.36 10.34 24.06
CA LEU C 51 21.36 9.40 22.94
C LEU C 51 21.97 8.06 23.27
N GLY C 52 22.49 7.94 24.48
CA GLY C 52 23.12 6.71 24.91
C GLY C 52 22.16 5.88 25.71
N ARG C 53 21.15 6.55 26.26
CA ARG C 53 20.10 5.88 27.00
C ARG C 53 19.10 5.34 26.01
N ALA C 54 18.98 6.04 24.90
CA ALA C 54 18.05 5.67 23.84
C ALA C 54 18.63 4.52 23.04
N ALA C 55 19.92 4.32 23.17
CA ALA C 55 20.59 3.26 22.47
C ALA C 55 20.42 1.96 23.24
N LYS C 56 20.35 2.09 24.55
CA LYS C 56 20.10 0.96 25.42
C LYS C 56 18.62 0.61 25.43
N LEU C 57 17.80 1.64 25.40
CA LEU C 57 16.37 1.45 25.43
C LEU C 57 15.81 1.10 24.07
N ALA C 58 16.66 1.09 23.07
CA ALA C 58 16.24 0.83 21.70
C ALA C 58 15.48 -0.48 21.49
N PRO C 59 15.99 -1.61 22.01
CA PRO C 59 15.30 -2.87 21.79
C PRO C 59 13.94 -2.95 22.46
N GLU C 60 13.69 -2.08 23.42
CA GLU C 60 12.43 -2.08 24.14
C GLU C 60 11.44 -1.20 23.40
N PHE C 61 11.90 -0.69 22.26
CA PHE C 61 11.07 0.09 21.37
C PHE C 61 10.81 -0.72 20.13
N ALA C 62 11.86 -1.34 19.59
CA ALA C 62 11.76 -2.16 18.38
C ALA C 62 10.81 -3.30 18.60
N LYS C 63 10.94 -3.90 19.77
CA LYS C 63 10.04 -4.94 20.24
C LYS C 63 8.59 -4.49 20.15
N ARG C 64 8.38 -3.19 20.25
CA ARG C 64 7.04 -2.64 20.35
C ARG C 64 6.56 -1.97 19.07
N ASN C 65 7.32 -2.20 17.99
CA ASN C 65 7.06 -1.65 16.68
C ASN C 65 7.32 -0.15 16.62
N VAL C 66 8.33 0.30 17.33
CA VAL C 66 8.68 1.71 17.38
C VAL C 66 10.05 1.96 16.78
N LYS C 67 10.11 2.92 15.88
CA LYS C 67 11.34 3.30 15.20
C LYS C 67 11.86 4.63 15.73
N LEU C 68 13.11 4.64 16.17
CA LEU C 68 13.73 5.84 16.70
C LEU C 68 14.58 6.52 15.66
N ILE C 69 14.57 7.83 15.68
CA ILE C 69 15.32 8.60 14.70
C ILE C 69 15.69 9.98 15.25
N ALA C 70 16.98 10.28 15.24
CA ALA C 70 17.49 11.51 15.81
C ALA C 70 17.82 12.56 14.75
N LEU C 71 17.85 13.82 15.17
CA LEU C 71 18.14 14.92 14.28
C LEU C 71 18.97 15.99 14.96
N SER C 72 20.07 16.37 14.32
CA SER C 72 20.89 17.46 14.79
C SER C 72 21.09 18.53 13.75
N ILE C 73 22.18 19.27 13.89
CA ILE C 73 22.49 20.42 13.06
C ILE C 73 23.84 20.17 12.42
N ASP C 74 24.45 19.06 12.86
CA ASP C 74 25.78 18.70 12.43
C ASP C 74 25.77 17.78 11.22
N SER C 75 26.96 17.48 10.74
CA SER C 75 27.14 16.66 9.56
C SER C 75 27.20 15.19 9.92
N VAL C 76 26.98 14.34 8.93
CA VAL C 76 27.00 12.90 9.14
C VAL C 76 28.38 12.45 9.59
N GLU C 77 29.42 13.14 9.12
CA GLU C 77 30.77 12.87 9.54
C GLU C 77 30.87 12.94 11.04
N ASP C 78 30.29 13.99 11.59
CA ASP C 78 30.31 14.25 13.01
C ASP C 78 29.48 13.24 13.76
N HIS C 79 28.35 12.85 13.18
CA HIS C 79 27.46 11.88 13.79
C HIS C 79 28.21 10.59 14.05
N LEU C 80 28.68 10.01 12.96
CA LEU C 80 29.45 8.78 12.97
C LEU C 80 30.60 8.81 13.97
N ALA C 81 31.29 9.94 14.01
CA ALA C 81 32.43 10.12 14.88
C ALA C 81 31.98 10.24 16.32
N TRP C 82 30.78 10.75 16.50
CA TRP C 82 30.23 10.95 17.82
C TRP C 82 29.77 9.62 18.35
N SER C 83 29.18 8.81 17.48
CA SER C 83 28.65 7.51 17.85
C SER C 83 29.74 6.63 18.43
N LYS C 84 30.99 7.04 18.24
CA LYS C 84 32.10 6.38 18.88
C LYS C 84 32.20 6.84 20.32
N ASP C 85 31.71 8.05 20.59
CA ASP C 85 31.71 8.56 21.95
C ASP C 85 30.47 8.15 22.71
N ILE C 86 29.36 7.98 21.99
CA ILE C 86 28.13 7.50 22.60
C ILE C 86 28.33 6.08 23.08
N ASN C 87 28.85 5.26 22.19
CA ASN C 87 28.97 3.83 22.44
C ASN C 87 30.06 3.47 23.42
N ALA C 88 30.76 4.48 23.89
CA ALA C 88 31.81 4.29 24.88
C ALA C 88 31.33 4.80 26.22
N TYR C 89 30.37 5.72 26.19
CA TYR C 89 29.72 6.23 27.39
C TYR C 89 28.89 5.12 27.98
N ASN C 90 28.50 4.19 27.12
CA ASN C 90 27.68 3.06 27.50
C ASN C 90 28.55 1.85 27.77
N CYS C 91 29.85 2.08 27.66
CA CYS C 91 30.88 1.12 28.00
C CYS C 91 30.90 -0.06 27.05
N GLU C 92 30.46 0.18 25.82
CA GLU C 92 30.47 -0.83 24.78
C GLU C 92 31.58 -0.54 23.78
N GLU C 93 31.65 -1.37 22.75
CA GLU C 93 32.68 -1.25 21.72
C GLU C 93 32.40 -0.07 20.82
N PRO C 94 33.27 0.95 20.88
CA PRO C 94 33.14 2.22 20.18
C PRO C 94 33.14 2.05 18.67
N THR C 95 31.94 2.08 18.09
CA THR C 95 31.80 2.02 16.65
C THR C 95 31.11 3.28 16.18
N GLU C 96 30.86 3.36 14.89
CA GLU C 96 30.16 4.49 14.31
C GLU C 96 28.70 4.18 14.22
N LYS C 97 28.34 2.99 14.66
CA LYS C 97 26.98 2.51 14.52
C LYS C 97 26.18 2.61 15.79
N LEU C 98 24.90 2.87 15.60
CA LEU C 98 23.91 2.89 16.66
C LEU C 98 22.75 2.07 16.16
N PRO C 99 21.83 1.71 17.06
CA PRO C 99 20.62 1.01 16.66
C PRO C 99 19.69 1.89 15.85
N PHE C 100 19.80 3.19 16.04
CA PHE C 100 18.92 4.13 15.36
C PHE C 100 19.76 5.13 14.58
N PRO C 101 19.18 5.72 13.53
CA PRO C 101 19.84 6.71 12.69
C PRO C 101 19.75 8.14 13.19
N ILE C 102 20.73 8.96 12.85
CA ILE C 102 20.72 10.37 13.18
C ILE C 102 20.69 11.18 11.92
N ILE C 103 19.69 12.05 11.82
CA ILE C 103 19.47 12.85 10.65
C ILE C 103 20.40 14.06 10.57
N ASP C 104 20.96 14.26 9.39
CA ASP C 104 21.76 15.43 9.08
C ASP C 104 20.86 16.62 8.81
N ASP C 105 21.22 17.78 9.33
CA ASP C 105 20.46 18.97 9.02
C ASP C 105 21.29 20.24 9.17
N ARG C 106 22.30 20.36 8.32
CA ARG C 106 23.13 21.55 8.25
C ARG C 106 22.36 22.73 7.67
N ASN C 107 21.52 22.46 6.70
CA ASN C 107 20.53 23.42 6.26
C ASN C 107 19.35 23.17 7.13
N ARG C 108 18.95 24.15 7.92
CA ARG C 108 17.86 23.94 8.86
C ARG C 108 16.52 23.82 8.18
N GLU C 109 16.46 23.02 7.11
CA GLU C 109 15.27 22.93 6.29
C GLU C 109 14.20 22.10 6.95
N LEU C 110 14.60 21.36 7.96
CA LEU C 110 13.71 20.46 8.66
C LEU C 110 13.37 21.02 10.02
N ALA C 111 14.35 21.65 10.64
CA ALA C 111 14.19 22.29 11.91
C ALA C 111 13.30 23.51 11.77
N ILE C 112 13.07 23.92 10.54
CA ILE C 112 12.20 25.05 10.28
C ILE C 112 10.84 24.57 9.82
N LEU C 113 10.84 23.48 9.06
CA LEU C 113 9.62 22.82 8.62
C LEU C 113 8.79 22.33 9.81
N LEU C 114 9.43 21.58 10.69
CA LEU C 114 8.84 21.19 11.95
C LEU C 114 9.38 22.13 12.99
N GLY C 115 8.51 22.74 13.78
CA GLY C 115 8.91 23.77 14.71
C GLY C 115 9.90 23.27 15.73
N MET C 116 11.16 23.20 15.34
CA MET C 116 12.15 22.56 16.18
C MET C 116 13.35 23.43 16.57
N LEU C 117 13.27 24.72 16.28
CA LEU C 117 14.39 25.61 16.53
C LEU C 117 14.33 26.31 17.87
N ASP C 118 15.49 26.44 18.49
CA ASP C 118 15.60 27.09 19.78
C ASP C 118 16.12 28.51 19.62
N PRO C 119 15.30 29.50 19.99
CA PRO C 119 15.61 30.91 19.88
C PRO C 119 16.69 31.38 20.84
N ALA C 120 17.48 30.48 21.39
CA ALA C 120 18.51 30.88 22.34
C ALA C 120 19.69 29.94 22.41
N GLU C 121 20.01 29.33 21.29
CA GLU C 121 21.19 28.49 21.20
C GLU C 121 21.78 28.59 19.83
N LYS C 122 22.97 29.16 19.76
CA LYS C 122 23.61 29.46 18.51
C LYS C 122 24.77 28.51 18.33
N ASP C 123 25.19 28.27 17.10
CA ASP C 123 26.37 27.45 16.91
C ASP C 123 27.61 28.32 16.99
N GLU C 124 28.70 27.85 16.39
CA GLU C 124 29.96 28.55 16.45
C GLU C 124 30.04 29.67 15.42
N LYS C 125 29.05 29.74 14.55
CA LYS C 125 28.89 30.86 13.62
C LYS C 125 27.51 31.49 13.75
N GLY C 126 27.03 31.62 14.98
CA GLY C 126 25.82 32.35 15.29
C GLY C 126 24.56 31.83 14.65
N MET C 127 24.66 30.67 14.00
CA MET C 127 23.49 30.01 13.46
C MET C 127 22.80 29.23 14.55
N PRO C 128 21.48 29.28 14.58
CA PRO C 128 20.69 28.66 15.63
C PRO C 128 20.59 27.15 15.47
N VAL C 129 20.48 26.47 16.59
CA VAL C 129 20.41 25.02 16.60
C VAL C 129 19.10 24.55 17.21
N THR C 130 18.96 23.26 17.35
CA THR C 130 17.71 22.68 17.79
C THR C 130 17.55 22.62 19.29
N ALA C 131 16.31 22.41 19.72
CA ALA C 131 15.99 22.17 21.11
C ALA C 131 15.84 20.68 21.32
N ARG C 132 15.31 20.31 22.49
CA ARG C 132 15.10 18.91 22.82
C ARG C 132 13.65 18.52 22.54
N VAL C 133 13.32 18.37 21.25
CA VAL C 133 11.97 18.03 20.85
C VAL C 133 11.81 16.53 20.63
N VAL C 134 10.60 16.03 20.84
CA VAL C 134 10.31 14.62 20.64
C VAL C 134 8.94 14.45 19.98
N PHE C 135 8.94 14.12 18.69
CA PHE C 135 7.70 13.95 17.94
C PHE C 135 7.33 12.48 17.79
N VAL C 136 6.26 12.08 18.47
CA VAL C 136 5.76 10.71 18.35
C VAL C 136 4.72 10.61 17.24
N PHE C 137 4.97 9.73 16.29
CA PHE C 137 4.06 9.52 15.18
C PHE C 137 3.49 8.12 15.20
N GLY C 138 2.27 7.99 14.70
CA GLY C 138 1.64 6.70 14.57
C GLY C 138 1.87 6.10 13.21
N PRO C 139 1.38 4.89 13.00
CA PRO C 139 1.54 4.15 11.74
C PRO C 139 0.81 4.85 10.61
N ASP C 140 -0.14 5.69 10.98
CA ASP C 140 -0.94 6.46 10.03
C ASP C 140 -0.22 7.71 9.61
N LYS C 141 0.99 7.86 10.14
CA LYS C 141 1.91 8.98 9.86
C LYS C 141 1.47 10.30 10.47
N LYS C 142 0.68 10.25 11.53
CA LYS C 142 0.15 11.46 12.14
C LYS C 142 0.68 11.70 13.56
N LEU C 143 0.75 12.96 13.97
CA LEU C 143 1.28 13.31 15.28
C LEU C 143 0.37 12.94 16.41
N LYS C 144 0.94 12.31 17.43
CA LYS C 144 0.16 11.84 18.56
C LYS C 144 0.67 12.37 19.87
N LEU C 145 1.90 12.85 19.88
CA LEU C 145 2.46 13.41 21.09
C LEU C 145 3.70 14.24 20.77
N SER C 146 3.92 15.30 21.52
CA SER C 146 5.14 16.09 21.39
C SER C 146 5.63 16.60 22.74
N ILE C 147 6.95 16.75 22.87
CA ILE C 147 7.51 17.46 24.02
C ILE C 147 8.61 18.43 23.61
N LEU C 148 8.59 19.62 24.20
CA LEU C 148 9.62 20.63 23.96
C LEU C 148 10.42 20.88 25.22
N TYR C 149 11.70 20.53 25.15
CA TYR C 149 12.59 20.68 26.27
C TYR C 149 13.74 21.57 25.85
N PRO C 150 14.21 22.40 26.78
CA PRO C 150 15.31 23.33 26.57
C PRO C 150 16.68 22.67 26.60
N ALA C 151 17.63 23.33 25.97
CA ALA C 151 18.98 22.83 25.82
C ALA C 151 19.65 22.48 27.14
N THR C 152 19.05 22.90 28.24
CA THR C 152 19.68 22.75 29.53
C THR C 152 19.04 21.64 30.32
N THR C 153 17.78 21.38 30.03
CA THR C 153 17.05 20.35 30.72
C THR C 153 16.90 19.11 29.85
N GLY C 154 17.67 18.09 30.17
CA GLY C 154 17.63 16.83 29.46
C GLY C 154 16.32 16.12 29.67
N ARG C 155 15.92 15.35 28.67
CA ARG C 155 14.62 14.70 28.66
C ARG C 155 14.58 13.43 29.47
N ASN C 156 13.37 13.01 29.80
CA ASN C 156 13.16 11.74 30.45
C ASN C 156 12.85 10.70 29.41
N PHE C 157 13.67 9.67 29.34
CA PHE C 157 13.55 8.68 28.29
C PHE C 157 12.80 7.45 28.74
N ASP C 158 12.42 7.42 30.01
CA ASP C 158 11.58 6.37 30.52
C ASP C 158 10.13 6.79 30.35
N GLU C 159 9.93 8.08 30.20
CA GLU C 159 8.60 8.66 30.03
C GLU C 159 8.22 8.61 28.58
N ILE C 160 9.21 8.75 27.72
CA ILE C 160 9.00 8.63 26.28
C ILE C 160 8.51 7.23 25.96
N LEU C 161 9.19 6.24 26.54
CA LEU C 161 8.81 4.83 26.40
C LEU C 161 7.41 4.59 26.94
N ARG C 162 7.15 5.15 28.11
CA ARG C 162 5.91 4.95 28.84
C ARG C 162 4.68 5.44 28.10
N VAL C 163 4.78 6.60 27.49
CA VAL C 163 3.65 7.20 26.82
C VAL C 163 3.48 6.65 25.42
N VAL C 164 4.43 5.85 24.97
CA VAL C 164 4.28 5.12 23.72
C VAL C 164 3.54 3.83 23.98
N ILE C 165 3.90 3.15 25.07
CA ILE C 165 3.17 1.95 25.51
C ILE C 165 1.74 2.29 25.82
N SER C 166 1.54 3.49 26.35
CA SER C 166 0.21 4.03 26.58
C SER C 166 -0.51 4.28 25.26
N LEU C 167 0.13 5.00 24.36
CA LEU C 167 -0.48 5.37 23.10
C LEU C 167 -0.84 4.18 22.23
N GLN C 168 -0.10 3.09 22.38
CA GLN C 168 -0.33 1.91 21.56
C GLN C 168 -1.45 1.05 22.11
N LEU C 169 -1.57 1.03 23.43
CA LEU C 169 -2.52 0.15 24.09
C LEU C 169 -3.87 0.83 24.25
N THR C 170 -4.00 2.01 23.65
CA THR C 170 -5.23 2.78 23.72
C THR C 170 -6.01 2.68 22.42
N ALA C 171 -5.38 2.13 21.39
CA ALA C 171 -6.07 1.80 20.17
C ALA C 171 -6.35 0.29 20.16
N GLU C 172 -5.32 -0.48 20.46
CA GLU C 172 -5.40 -1.93 20.62
C GLU C 172 -6.61 -2.36 21.43
N LYS C 173 -6.86 -1.66 22.53
CA LYS C 173 -8.07 -1.84 23.30
C LYS C 173 -8.61 -0.47 23.69
N ARG C 174 -9.93 -0.37 23.81
CA ARG C 174 -10.60 0.91 23.96
C ARG C 174 -10.56 1.41 25.39
N VAL C 175 -9.44 1.96 25.80
CA VAL C 175 -9.31 2.43 27.17
C VAL C 175 -8.63 3.77 27.19
N ALA C 176 -8.41 4.26 28.41
CA ALA C 176 -7.67 5.50 28.59
C ALA C 176 -6.87 5.37 29.87
N THR C 177 -5.79 6.13 29.95
CA THR C 177 -4.85 5.97 31.04
C THR C 177 -4.86 7.16 31.99
N PRO C 178 -4.64 6.89 33.28
CA PRO C 178 -4.57 7.88 34.36
C PRO C 178 -3.24 8.59 34.41
N VAL C 179 -3.00 9.36 35.46
CA VAL C 179 -1.72 10.00 35.63
C VAL C 179 -0.70 9.07 36.21
N ASP C 180 0.54 9.29 35.81
CA ASP C 180 1.68 8.60 36.38
C ASP C 180 1.44 7.11 36.32
N TRP C 181 0.78 6.70 35.24
CA TRP C 181 0.39 5.32 35.01
C TRP C 181 1.61 4.45 34.80
N LYS C 182 1.44 3.15 34.94
CA LYS C 182 2.55 2.22 34.76
C LYS C 182 2.12 1.01 33.95
N ASP C 183 3.07 0.12 33.71
CA ASP C 183 2.82 -1.05 32.90
C ASP C 183 2.23 -2.16 33.75
N GLY C 184 0.92 -2.28 33.73
CA GLY C 184 0.23 -3.28 34.51
C GLY C 184 -0.57 -2.65 35.62
N ASP C 185 -1.17 -1.51 35.34
CA ASP C 185 -2.00 -0.80 36.29
C ASP C 185 -3.39 -0.60 35.72
N SER C 186 -4.36 -0.35 36.59
CA SER C 186 -5.74 -0.17 36.17
C SER C 186 -5.94 1.06 35.31
N VAL C 187 -6.70 0.89 34.24
CA VAL C 187 -6.98 1.97 33.30
C VAL C 187 -8.45 2.33 33.28
N MET C 188 -8.75 3.55 32.88
CA MET C 188 -10.11 4.03 32.87
C MET C 188 -10.82 3.65 31.58
N VAL C 189 -12.06 4.11 31.44
CA VAL C 189 -12.83 3.77 30.25
C VAL C 189 -13.33 5.04 29.56
N LEU C 190 -13.54 4.96 28.25
CA LEU C 190 -14.05 6.10 27.50
C LEU C 190 -15.51 6.33 27.86
N PRO C 191 -15.81 7.52 28.38
CA PRO C 191 -17.05 7.90 29.05
C PRO C 191 -18.33 7.55 28.30
N THR C 192 -18.26 7.61 26.98
CA THR C 192 -19.45 7.59 26.14
C THR C 192 -20.15 6.24 26.07
N ILE C 193 -19.47 5.19 26.51
CA ILE C 193 -20.02 3.85 26.39
C ILE C 193 -21.12 3.58 27.43
N PRO C 194 -22.11 2.76 27.05
CA PRO C 194 -23.17 2.34 27.95
C PRO C 194 -22.71 1.24 28.88
N GLU C 195 -23.23 1.26 30.09
CA GLU C 195 -22.79 0.35 31.14
C GLU C 195 -23.18 -1.10 30.89
N GLU C 196 -24.23 -1.32 30.12
CA GLU C 196 -24.69 -2.67 29.79
C GLU C 196 -23.65 -3.41 28.95
N GLU C 197 -23.27 -2.82 27.83
CA GLU C 197 -22.28 -3.42 26.95
C GLU C 197 -20.91 -3.47 27.61
N ALA C 198 -20.60 -2.41 28.35
CA ALA C 198 -19.27 -2.21 28.90
C ALA C 198 -18.72 -3.39 29.67
N LYS C 199 -19.52 -3.89 30.62
CA LYS C 199 -19.02 -4.88 31.58
C LYS C 199 -18.50 -6.16 30.96
N LYS C 200 -19.18 -6.65 29.92
CA LYS C 200 -18.74 -7.87 29.24
C LYS C 200 -17.53 -7.62 28.35
N LEU C 201 -17.36 -6.38 27.93
CA LEU C 201 -16.25 -5.99 27.06
C LEU C 201 -14.95 -5.93 27.83
N PHE C 202 -14.98 -6.41 29.07
CA PHE C 202 -13.83 -6.40 29.94
C PHE C 202 -13.80 -7.62 30.86
N PRO C 203 -12.60 -8.19 31.05
CA PRO C 203 -12.37 -9.44 31.78
C PRO C 203 -12.79 -9.30 33.22
N LYS C 204 -12.48 -8.14 33.78
CA LYS C 204 -12.97 -7.81 35.09
C LYS C 204 -13.84 -6.60 34.90
N GLY C 205 -15.06 -6.64 35.44
CA GLY C 205 -16.04 -5.60 35.22
C GLY C 205 -15.55 -4.19 35.44
N VAL C 206 -15.82 -3.64 36.63
CA VAL C 206 -15.38 -2.30 36.94
C VAL C 206 -15.23 -2.06 38.44
N PHE C 207 -14.90 -0.82 38.77
CA PHE C 207 -14.90 -0.30 40.12
C PHE C 207 -15.45 1.11 39.94
N THR C 208 -16.75 1.28 40.11
CA THR C 208 -17.33 2.61 39.94
C THR C 208 -17.45 3.35 41.26
N LYS C 209 -16.74 4.46 41.37
CA LYS C 209 -16.87 5.34 42.52
C LYS C 209 -17.78 6.51 42.20
N GLU C 210 -18.85 6.64 42.98
CA GLU C 210 -19.93 7.58 42.69
C GLU C 210 -20.07 8.68 43.73
N LEU C 211 -19.66 9.90 43.38
CA LEU C 211 -19.75 11.04 44.28
C LEU C 211 -20.33 12.27 43.59
N LYS C 216 -20.19 7.92 38.35
CA LYS C 216 -20.86 7.30 37.21
C LYS C 216 -19.90 6.99 36.07
N TYR C 217 -18.87 7.81 35.94
CA TYR C 217 -17.94 7.72 34.81
C TYR C 217 -16.60 7.10 35.19
N LEU C 218 -16.22 7.27 36.45
CA LEU C 218 -14.93 6.78 36.90
C LEU C 218 -14.92 5.27 37.10
N ARG C 219 -14.55 4.55 36.05
CA ARG C 219 -14.62 3.09 36.05
C ARG C 219 -13.25 2.44 35.85
N TYR C 220 -12.63 1.99 36.93
CA TYR C 220 -11.33 1.34 36.84
C TYR C 220 -11.44 -0.08 36.33
N THR C 221 -10.76 -0.37 35.24
CA THR C 221 -10.51 -1.75 34.85
C THR C 221 -9.02 -1.90 34.62
N PRO C 222 -8.45 -3.04 35.02
CA PRO C 222 -7.02 -3.22 34.77
C PRO C 222 -6.68 -3.25 33.28
N GLN C 223 -5.40 -3.38 32.99
CA GLN C 223 -4.93 -3.43 31.62
C GLN C 223 -5.62 -4.58 30.92
N PRO C 224 -6.31 -4.28 29.81
CA PRO C 224 -7.13 -5.23 29.06
C PRO C 224 -6.31 -6.27 28.32
N LEU D 6 6.03 28.90 20.48
CA LEU D 6 7.33 28.24 20.44
C LEU D 6 8.09 28.49 21.73
N LEU D 7 9.35 28.05 21.78
CA LEU D 7 10.16 28.24 22.97
C LEU D 7 10.64 29.67 23.07
N GLY D 8 10.66 30.20 24.29
CA GLY D 8 11.06 31.58 24.51
C GLY D 8 10.14 32.57 23.82
N ASP D 9 8.84 32.32 23.93
CA ASP D 9 7.85 33.18 23.29
C ASP D 9 7.08 34.03 24.28
N VAL D 10 6.92 35.30 23.94
CA VAL D 10 6.11 36.22 24.73
C VAL D 10 4.64 35.81 24.60
N ALA D 11 3.93 35.83 25.72
CA ALA D 11 2.54 35.36 25.74
C ALA D 11 1.53 36.48 25.52
N PRO D 12 0.81 36.44 24.38
CA PRO D 12 -0.25 37.41 24.12
C PRO D 12 -1.39 37.26 25.11
N ASN D 13 -2.16 38.33 25.26
CA ASN D 13 -3.20 38.39 26.28
C ASN D 13 -4.51 37.80 25.82
N PHE D 14 -5.19 37.16 26.75
CA PHE D 14 -6.45 36.52 26.44
C PHE D 14 -7.62 37.21 27.12
N GLU D 15 -8.83 36.93 26.64
CA GLU D 15 -10.00 37.61 27.14
C GLU D 15 -11.15 36.63 27.40
N ALA D 16 -10.99 35.77 28.40
CA ALA D 16 -12.12 34.99 28.93
C ALA D 16 -12.44 35.43 30.36
N ASN D 17 -12.59 34.43 31.24
CA ASN D 17 -12.84 34.71 32.66
C ASN D 17 -12.42 33.53 33.55
N THR D 18 -12.39 33.77 34.86
CA THR D 18 -12.32 32.71 35.87
C THR D 18 -12.60 33.28 37.25
N THR D 19 -12.06 32.64 38.27
CA THR D 19 -12.34 33.01 39.65
C THR D 19 -11.85 34.43 39.98
N VAL D 20 -10.95 34.97 39.17
CA VAL D 20 -10.54 36.36 39.38
C VAL D 20 -11.32 37.32 38.48
N GLY D 21 -11.82 36.80 37.37
CA GLY D 21 -12.64 37.58 36.47
C GLY D 21 -11.87 38.33 35.40
N ARG D 22 -11.06 39.29 35.84
CA ARG D 22 -10.19 40.02 34.93
C ARG D 22 -8.97 39.18 34.61
N ILE D 23 -8.91 38.64 33.40
CA ILE D 23 -7.93 37.61 33.09
C ILE D 23 -7.04 37.82 31.86
N ARG D 24 -5.78 37.52 32.09
CA ARG D 24 -4.79 37.24 31.09
C ARG D 24 -3.75 36.68 32.06
N PHE D 25 -2.61 36.23 31.57
CA PHE D 25 -1.64 35.72 32.52
C PHE D 25 -0.68 36.83 32.87
N HIS D 26 -0.66 37.85 32.02
CA HIS D 26 0.17 39.03 32.20
C HIS D 26 0.12 39.45 33.64
N ASP D 27 -1.10 39.67 34.11
CA ASP D 27 -1.34 40.12 35.48
C ASP D 27 -1.77 38.96 36.36
N PHE D 28 -0.87 38.02 36.58
CA PHE D 28 -1.12 36.92 37.48
C PHE D 28 0.18 36.55 38.13
N LEU D 29 0.59 37.34 39.11
CA LEU D 29 1.88 37.18 39.75
C LEU D 29 2.96 37.17 38.68
N GLY D 30 2.85 38.11 37.75
CA GLY D 30 3.73 38.19 36.61
C GLY D 30 5.18 38.27 37.03
N ASP D 31 6.08 37.87 36.13
CA ASP D 31 7.50 37.83 36.46
C ASP D 31 7.70 36.93 37.67
N SER D 32 7.24 35.70 37.51
CA SER D 32 7.43 34.65 38.50
C SER D 32 7.42 33.32 37.74
N TRP D 33 7.28 32.20 38.44
CA TRP D 33 7.18 30.91 37.74
C TRP D 33 5.74 30.43 37.65
N GLY D 34 5.30 30.02 36.47
CA GLY D 34 3.92 29.65 36.31
C GLY D 34 3.69 28.47 35.39
N ILE D 35 2.85 27.54 35.83
CA ILE D 35 2.59 26.33 35.06
C ILE D 35 1.13 26.20 34.77
N LEU D 36 0.80 26.18 33.49
CA LEU D 36 -0.57 26.11 33.07
C LEU D 36 -0.86 24.79 32.37
N PHE D 37 -1.84 24.05 32.86
CA PHE D 37 -2.22 22.81 32.20
C PHE D 37 -3.67 22.75 31.75
N SER D 38 -3.88 22.16 30.58
CA SER D 38 -5.19 22.08 29.97
C SER D 38 -5.75 20.66 30.07
N HIS D 39 -7.06 20.54 30.06
CA HIS D 39 -7.68 19.23 30.08
C HIS D 39 -8.94 19.20 29.21
N PRO D 40 -9.19 18.05 28.57
CA PRO D 40 -10.31 17.77 27.66
C PRO D 40 -11.62 18.48 27.96
N ARG D 41 -12.43 17.89 28.82
CA ARG D 41 -13.73 18.43 29.19
C ARG D 41 -14.03 17.94 30.59
N ASP D 42 -15.10 18.47 31.16
CA ASP D 42 -15.52 18.12 32.50
C ASP D 42 -16.10 16.73 32.49
N PHE D 43 -16.20 16.13 33.67
CA PHE D 43 -16.77 14.79 33.83
C PHE D 43 -16.06 13.75 32.98
N THR D 44 -14.75 13.90 32.81
CA THR D 44 -13.96 12.88 32.13
C THR D 44 -13.21 12.13 33.20
N PRO D 45 -13.34 10.80 33.21
CA PRO D 45 -12.70 9.92 34.19
C PRO D 45 -11.19 9.88 34.03
N VAL D 46 -10.70 10.49 32.95
CA VAL D 46 -9.31 10.38 32.60
C VAL D 46 -8.59 11.64 33.02
N THR D 48 -9.97 13.46 35.73
CA THR D 48 -10.25 13.51 37.16
C THR D 48 -9.07 13.03 37.95
N THR D 49 -8.40 12.03 37.42
CA THR D 49 -7.24 11.50 38.08
C THR D 49 -6.07 12.42 37.87
N GLU D 50 -6.09 13.16 36.76
CA GLU D 50 -5.04 14.12 36.46
C GLU D 50 -5.11 15.28 37.42
N LEU D 51 -6.31 15.79 37.61
CA LEU D 51 -6.57 16.96 38.41
C LEU D 51 -6.32 16.67 39.89
N GLY D 52 -6.85 15.55 40.36
CA GLY D 52 -6.78 15.18 41.76
C GLY D 52 -5.37 14.87 42.22
N ARG D 53 -4.55 14.36 41.31
CA ARG D 53 -3.15 14.16 41.58
C ARG D 53 -2.47 15.51 41.70
N ALA D 54 -2.82 16.42 40.80
CA ALA D 54 -2.27 17.75 40.77
C ALA D 54 -2.63 18.53 42.03
N ALA D 55 -3.67 18.08 42.70
CA ALA D 55 -4.14 18.71 43.92
C ALA D 55 -3.10 18.54 45.01
N LYS D 56 -2.77 17.29 45.28
CA LYS D 56 -1.83 16.96 46.34
C LYS D 56 -0.42 17.36 45.98
N LEU D 57 -0.29 18.21 44.97
CA LEU D 57 1.02 18.61 44.47
C LEU D 57 1.31 20.08 44.72
N ALA D 58 0.31 20.92 44.56
CA ALA D 58 0.48 22.36 44.74
C ALA D 58 1.12 22.75 46.07
N PRO D 59 0.76 22.09 47.17
CA PRO D 59 1.55 22.36 48.38
C PRO D 59 2.98 21.85 48.31
N GLU D 60 3.26 20.94 47.39
CA GLU D 60 4.63 20.48 47.20
C GLU D 60 5.26 21.32 46.11
N PHE D 61 4.40 21.91 45.29
CA PHE D 61 4.86 22.86 44.30
C PHE D 61 5.19 24.19 44.95
N ALA D 62 4.36 24.60 45.90
CA ALA D 62 4.46 25.93 46.52
C ALA D 62 5.85 26.37 46.98
N LYS D 63 6.64 25.42 47.45
CA LYS D 63 7.99 25.70 47.96
C LYS D 63 8.86 26.41 46.94
N ARG D 64 8.90 25.86 45.73
CA ARG D 64 9.48 26.59 44.63
C ARG D 64 8.40 27.57 44.22
N ASN D 65 8.78 28.80 43.95
CA ASN D 65 7.82 29.80 43.53
C ASN D 65 7.06 29.41 42.26
N VAL D 66 6.22 28.39 42.35
CA VAL D 66 5.43 28.01 41.20
C VAL D 66 3.94 27.99 41.50
N LYS D 67 3.13 28.35 40.51
CA LYS D 67 1.68 28.37 40.67
C LYS D 67 0.99 27.61 39.53
N LEU D 68 -0.02 26.82 39.88
CA LEU D 68 -0.67 25.96 38.90
C LEU D 68 -2.01 26.51 38.47
N ILE D 69 -2.49 26.09 37.30
CA ILE D 69 -3.77 26.56 36.78
C ILE D 69 -4.30 25.68 35.64
N ALA D 70 -5.59 25.37 35.70
CA ALA D 70 -6.22 24.44 34.75
C ALA D 70 -7.08 25.13 33.69
N LEU D 71 -7.33 24.42 32.60
CA LEU D 71 -8.15 24.94 31.51
C LEU D 71 -9.01 23.85 30.91
N SER D 72 -10.13 24.27 30.35
CA SER D 72 -11.07 23.34 29.73
C SER D 72 -11.99 24.05 28.77
N ILE D 73 -12.92 23.29 28.21
CA ILE D 73 -13.91 23.81 27.30
C ILE D 73 -15.29 23.65 27.90
N ASP D 74 -15.68 24.65 28.69
CA ASP D 74 -17.06 24.85 29.14
C ASP D 74 -17.22 26.23 29.81
N SER D 75 -18.16 26.32 30.73
CA SER D 75 -18.33 27.51 31.55
C SER D 75 -18.03 27.19 33.01
N VAL D 76 -17.70 28.23 33.77
CA VAL D 76 -17.11 28.10 35.09
C VAL D 76 -18.02 27.44 36.11
N GLU D 77 -19.20 27.03 35.68
CA GLU D 77 -20.14 26.33 36.54
C GLU D 77 -19.76 24.85 36.62
N ASP D 78 -19.49 24.27 35.46
CA ASP D 78 -19.20 22.85 35.34
C ASP D 78 -17.80 22.49 35.77
N HIS D 79 -17.06 23.45 36.31
CA HIS D 79 -15.81 23.13 36.97
C HIS D 79 -16.14 23.01 38.43
N LEU D 80 -16.87 23.98 38.93
CA LEU D 80 -17.26 24.05 40.32
C LEU D 80 -18.28 22.97 40.62
N ALA D 81 -18.94 22.49 39.57
CA ALA D 81 -19.89 21.40 39.69
C ALA D 81 -19.14 20.08 39.57
N TRP D 82 -17.91 20.17 39.10
CA TRP D 82 -17.09 19.01 38.88
C TRP D 82 -15.97 18.94 39.92
N SER D 83 -15.47 20.11 40.32
CA SER D 83 -14.38 20.20 41.27
C SER D 83 -14.75 19.74 42.67
N LYS D 84 -15.95 19.20 42.81
CA LYS D 84 -16.39 18.66 44.08
C LYS D 84 -15.54 17.50 44.54
N ASP D 85 -15.74 16.34 43.90
CA ASP D 85 -15.04 15.13 44.29
C ASP D 85 -13.64 15.02 43.72
N ILE D 86 -13.21 16.04 43.00
CA ILE D 86 -11.85 16.07 42.49
C ILE D 86 -10.89 16.01 43.66
N ASN D 87 -11.17 16.82 44.67
CA ASN D 87 -10.46 16.72 45.91
C ASN D 87 -11.20 15.72 46.78
N ALA D 88 -10.46 14.96 47.57
CA ALA D 88 -10.98 13.80 48.29
C ALA D 88 -11.36 12.70 47.33
N TYR D 89 -10.62 12.62 46.23
CA TYR D 89 -10.62 11.42 45.43
C TYR D 89 -9.44 10.63 45.95
N ASN D 90 -8.51 11.37 46.54
CA ASN D 90 -7.38 10.79 47.27
C ASN D 90 -6.68 9.63 46.56
N LYS D 97 -14.14 24.04 47.43
CA LYS D 97 -12.85 24.71 47.42
C LYS D 97 -11.91 23.99 46.46
N LEU D 98 -10.73 24.56 46.24
CA LEU D 98 -9.78 24.05 45.25
C LEU D 98 -8.42 24.68 45.44
N PRO D 99 -7.36 23.86 45.49
CA PRO D 99 -5.96 24.29 45.65
C PRO D 99 -5.37 25.01 44.45
N PHE D 100 -6.05 24.99 43.31
CA PHE D 100 -5.65 25.82 42.19
C PHE D 100 -6.87 26.22 41.35
N PRO D 101 -6.75 27.29 40.57
CA PRO D 101 -7.89 27.75 39.77
C PRO D 101 -8.21 26.90 38.54
N ILE D 102 -9.36 27.16 37.93
CA ILE D 102 -9.76 26.52 36.68
C ILE D 102 -10.52 27.49 35.79
N ILE D 103 -9.83 28.03 34.80
CA ILE D 103 -10.45 28.94 33.86
C ILE D 103 -11.52 28.25 33.06
N ASP D 104 -12.64 28.93 32.87
CA ASP D 104 -13.58 28.47 31.86
C ASP D 104 -13.16 29.04 30.51
N ASP D 105 -12.96 28.14 29.56
CA ASP D 105 -12.61 28.58 28.22
C ASP D 105 -13.52 27.97 27.18
N ARG D 106 -14.69 28.57 27.02
CA ARG D 106 -15.57 28.27 25.91
C ARG D 106 -14.98 28.86 24.64
N ASN D 107 -13.74 29.32 24.75
CA ASN D 107 -13.05 30.01 23.69
C ASN D 107 -12.03 29.14 22.99
N ARG D 108 -12.46 28.57 21.88
CA ARG D 108 -11.62 27.78 21.01
C ARG D 108 -10.65 28.72 20.31
N GLU D 109 -10.94 30.01 20.40
CA GLU D 109 -10.06 31.04 19.91
C GLU D 109 -8.69 30.88 20.53
N LEU D 110 -8.65 30.77 21.86
CA LEU D 110 -7.40 30.62 22.57
C LEU D 110 -6.76 29.27 22.31
N ALA D 111 -7.52 28.37 21.68
CA ALA D 111 -6.96 27.08 21.30
C ALA D 111 -5.94 27.29 20.20
N ILE D 112 -6.42 27.55 18.99
CA ILE D 112 -5.51 27.75 17.86
C ILE D 112 -4.60 28.96 18.05
N LEU D 113 -4.99 29.86 18.94
CA LEU D 113 -4.09 30.93 19.35
C LEU D 113 -2.87 30.31 20.00
N LEU D 114 -3.10 29.46 20.98
CA LEU D 114 -2.02 28.78 21.70
C LEU D 114 -1.66 27.46 21.07
N GLY D 115 -2.64 26.59 20.91
CA GLY D 115 -2.41 25.28 20.33
C GLY D 115 -3.16 24.26 21.15
N MET D 116 -4.00 24.76 22.05
CA MET D 116 -4.75 23.92 22.96
C MET D 116 -5.69 22.97 22.23
N LEU D 117 -5.72 23.11 20.91
CA LEU D 117 -6.66 22.37 20.10
C LEU D 117 -6.08 21.04 19.65
N ASP D 118 -6.95 20.05 19.52
CA ASP D 118 -6.60 18.72 19.08
C ASP D 118 -7.75 18.23 18.23
N PRO D 119 -7.55 17.12 17.49
CA PRO D 119 -8.59 16.54 16.63
C PRO D 119 -9.28 15.30 17.21
N ALA D 120 -8.82 14.81 18.34
CA ALA D 120 -9.13 13.43 18.69
C ALA D 120 -10.54 13.24 19.22
N GLU D 121 -10.73 13.74 20.43
CA GLU D 121 -11.98 13.54 21.14
C GLU D 121 -12.74 14.84 21.31
N LYS D 122 -13.80 14.98 20.54
CA LYS D 122 -14.65 16.16 20.58
C LYS D 122 -15.67 16.02 21.70
N ASP D 123 -16.76 16.78 21.60
CA ASP D 123 -17.84 16.67 22.57
C ASP D 123 -19.19 16.42 21.90
N GLU D 124 -20.29 16.62 22.63
CA GLU D 124 -21.63 16.35 22.11
C GLU D 124 -22.34 17.61 21.60
N LYS D 125 -21.64 18.74 21.70
CA LYS D 125 -22.13 19.96 21.07
C LYS D 125 -21.71 19.91 19.60
N GLY D 126 -20.56 19.28 19.36
CA GLY D 126 -20.01 19.16 18.02
C GLY D 126 -18.87 20.13 17.81
N MET D 127 -19.03 21.31 18.40
CA MET D 127 -18.07 22.39 18.35
C MET D 127 -16.83 22.05 19.18
N PRO D 128 -15.67 22.64 18.83
CA PRO D 128 -14.33 22.25 19.32
C PRO D 128 -14.13 22.05 20.82
N VAL D 129 -12.91 21.63 21.16
CA VAL D 129 -12.57 21.05 22.45
C VAL D 129 -11.09 21.30 22.70
N THR D 130 -10.56 20.74 23.78
CA THR D 130 -9.12 20.85 24.05
C THR D 130 -8.56 19.55 24.62
N ALA D 131 -7.29 19.55 24.99
CA ALA D 131 -6.71 18.36 25.59
C ALA D 131 -5.49 18.59 26.45
N ARG D 132 -4.72 17.52 26.63
CA ARG D 132 -3.55 17.51 27.52
C ARG D 132 -2.36 18.26 26.97
N VAL D 133 -2.14 19.46 27.48
CA VAL D 133 -1.02 20.25 27.06
C VAL D 133 -0.56 21.11 28.22
N VAL D 134 0.74 21.14 28.42
CA VAL D 134 1.33 21.86 29.51
C VAL D 134 2.20 22.99 28.96
N PHE D 135 2.16 24.12 29.63
CA PHE D 135 3.08 25.20 29.37
C PHE D 135 3.73 25.61 30.68
N VAL D 136 5.03 25.84 30.63
CA VAL D 136 5.74 26.36 31.78
C VAL D 136 6.31 27.70 31.41
N PHE D 137 6.10 28.69 32.28
CA PHE D 137 6.64 30.01 32.02
C PHE D 137 7.63 30.43 33.10
N GLY D 138 8.84 30.76 32.67
CA GLY D 138 9.86 31.22 33.59
C GLY D 138 9.57 32.63 34.07
N PRO D 139 10.60 33.34 34.54
CA PRO D 139 10.43 34.73 34.91
C PRO D 139 10.06 35.60 33.72
N ASP D 140 10.90 35.57 32.68
CA ASP D 140 10.77 36.48 31.56
C ASP D 140 9.55 36.23 30.67
N LYS D 141 8.43 35.89 31.29
CA LYS D 141 7.14 35.83 30.62
C LYS D 141 7.05 34.82 29.48
N LYS D 142 8.15 34.13 29.20
CA LYS D 142 8.23 33.27 28.03
C LYS D 142 8.26 31.80 28.36
N LEU D 143 8.20 30.99 27.31
CA LEU D 143 8.07 29.56 27.43
C LEU D 143 9.43 28.90 27.46
N LYS D 144 9.66 28.10 28.49
CA LYS D 144 10.94 27.43 28.66
C LYS D 144 10.78 25.92 28.61
N LEU D 145 9.55 25.47 28.42
CA LEU D 145 9.23 24.06 28.23
C LEU D 145 7.75 23.89 27.96
N SER D 146 7.41 22.97 27.08
CA SER D 146 6.02 22.66 26.83
C SER D 146 5.82 21.21 26.48
N ILE D 147 4.61 20.73 26.70
CA ILE D 147 4.28 19.34 26.56
C ILE D 147 3.00 19.25 25.73
N LEU D 148 2.83 18.18 24.98
CA LEU D 148 1.63 18.02 24.18
C LEU D 148 1.19 16.57 24.14
N TYR D 149 0.47 16.14 25.16
CA TYR D 149 -0.02 14.79 25.22
C TYR D 149 -1.40 14.71 24.62
N PRO D 150 -1.87 13.49 24.33
CA PRO D 150 -3.24 13.37 23.84
C PRO D 150 -4.25 13.27 24.98
N ALA D 151 -5.51 13.16 24.60
CA ALA D 151 -6.60 13.05 25.55
C ALA D 151 -6.76 11.63 26.02
N THR D 152 -6.01 10.72 25.41
CA THR D 152 -6.15 9.32 25.68
C THR D 152 -5.03 8.83 26.58
N THR D 153 -4.19 9.76 26.99
CA THR D 153 -2.98 9.43 27.72
C THR D 153 -2.68 10.47 28.78
N GLY D 154 -3.21 10.24 29.98
CA GLY D 154 -3.01 11.13 31.10
C GLY D 154 -1.54 11.24 31.40
N ARG D 155 -1.05 12.46 31.50
CA ARG D 155 0.38 12.69 31.55
C ARG D 155 1.01 12.29 32.86
N ASN D 156 2.27 12.67 32.99
CA ASN D 156 2.98 12.49 34.22
C ASN D 156 3.15 13.85 34.86
N PHE D 157 3.04 13.90 36.18
CA PHE D 157 3.19 15.13 36.91
C PHE D 157 4.45 15.17 37.76
N ASP D 158 5.07 14.00 37.94
CA ASP D 158 6.36 13.95 38.61
C ASP D 158 7.45 14.19 37.60
N GLU D 159 7.03 14.43 36.36
CA GLU D 159 7.94 14.82 35.29
C GLU D 159 7.98 16.34 35.22
N ILE D 160 6.78 16.92 35.25
CA ILE D 160 6.63 18.35 35.27
C ILE D 160 7.34 18.96 36.47
N LEU D 161 7.17 18.35 37.64
CA LEU D 161 7.87 18.80 38.83
C LEU D 161 9.38 18.68 38.66
N ARG D 162 9.82 17.54 38.13
CA ARG D 162 11.24 17.28 37.94
C ARG D 162 11.94 18.33 37.10
N VAL D 163 11.33 18.72 36.00
CA VAL D 163 11.93 19.68 35.08
C VAL D 163 11.76 21.09 35.57
N VAL D 164 10.71 21.37 36.30
CA VAL D 164 10.50 22.73 36.77
C VAL D 164 11.57 23.07 37.80
N ILE D 165 12.22 22.03 38.33
CA ILE D 165 13.33 22.18 39.24
C ILE D 165 14.59 22.48 38.45
N SER D 166 14.86 21.63 37.47
CA SER D 166 15.96 21.83 36.55
C SER D 166 15.86 23.21 35.92
N LEU D 167 14.67 23.53 35.43
CA LEU D 167 14.41 24.81 34.79
C LEU D 167 14.84 25.97 35.65
N GLN D 168 14.67 25.81 36.95
CA GLN D 168 15.09 26.81 37.91
C GLN D 168 16.59 26.74 38.12
N LEU D 169 17.05 25.55 38.46
CA LEU D 169 18.46 25.30 38.75
C LEU D 169 19.39 25.62 37.59
N THR D 170 18.92 25.43 36.37
CA THR D 170 19.78 25.49 35.20
C THR D 170 20.12 26.91 34.78
N ALA D 171 19.44 27.87 35.38
CA ALA D 171 19.73 29.26 35.08
C ALA D 171 20.45 29.91 36.26
N GLU D 172 19.98 29.61 37.47
CA GLU D 172 20.56 30.11 38.70
C GLU D 172 22.05 29.79 38.77
N LYS D 173 22.41 28.58 38.35
CA LYS D 173 23.80 28.20 38.15
C LYS D 173 23.96 27.72 36.72
N ARG D 174 25.15 27.84 36.14
CA ARG D 174 25.35 27.44 34.77
C ARG D 174 25.65 25.96 34.63
N VAL D 175 24.63 25.14 34.87
CA VAL D 175 24.74 23.72 34.72
C VAL D 175 23.61 23.24 33.84
N ALA D 176 23.77 22.05 33.28
CA ALA D 176 22.73 21.40 32.52
C ALA D 176 22.43 20.08 33.17
N THR D 177 21.20 19.61 33.03
CA THR D 177 20.80 18.36 33.64
C THR D 177 20.66 17.25 32.62
N PRO D 178 21.41 16.15 32.83
CA PRO D 178 21.44 14.94 32.05
C PRO D 178 20.08 14.31 31.85
N VAL D 179 20.06 13.21 31.11
CA VAL D 179 18.86 12.45 30.86
C VAL D 179 18.40 11.77 32.15
N ASP D 180 17.10 11.69 32.32
CA ASP D 180 16.49 10.99 33.45
C ASP D 180 16.95 11.54 34.79
N TRP D 181 17.40 12.79 34.77
CA TRP D 181 18.03 13.43 35.91
C TRP D 181 17.06 13.64 37.05
N LYS D 182 17.49 13.28 38.25
CA LYS D 182 16.66 13.41 39.43
C LYS D 182 17.26 14.46 40.35
N ASP D 183 16.47 14.91 41.31
CA ASP D 183 16.69 16.17 42.04
C ASP D 183 18.13 16.53 42.43
N GLY D 184 18.86 15.60 43.01
CA GLY D 184 20.16 15.95 43.56
C GLY D 184 21.32 15.27 42.88
N ASP D 185 21.04 14.62 41.76
CA ASP D 185 22.07 13.88 41.06
C ASP D 185 23.07 14.80 40.41
N SER D 186 24.18 14.24 39.97
CA SER D 186 25.26 15.00 39.39
C SER D 186 24.79 15.69 38.13
N VAL D 187 25.28 16.90 37.90
CA VAL D 187 24.87 17.67 36.75
C VAL D 187 26.04 17.93 35.84
N MET D 188 25.75 18.48 34.68
CA MET D 188 26.77 18.64 33.65
C MET D 188 27.30 20.05 33.61
N VAL D 189 28.49 20.19 33.06
CA VAL D 189 29.10 21.50 32.94
C VAL D 189 29.06 21.94 31.50
N LEU D 190 28.39 23.06 31.28
CA LEU D 190 28.19 23.65 29.96
C LEU D 190 29.44 23.53 29.11
N PRO D 191 29.31 22.99 27.91
CA PRO D 191 30.44 22.49 27.14
C PRO D 191 31.37 23.57 26.61
N THR D 192 31.08 24.83 26.91
CA THR D 192 31.86 25.93 26.35
C THR D 192 32.87 26.44 27.34
N ILE D 193 32.55 26.30 28.62
CA ILE D 193 33.43 26.75 29.69
C ILE D 193 34.71 25.92 29.70
N PRO D 194 35.85 26.60 29.57
CA PRO D 194 37.15 25.95 29.58
C PRO D 194 37.57 25.58 30.98
N GLU D 195 38.67 24.85 31.10
CA GLU D 195 39.10 24.26 32.36
C GLU D 195 39.41 25.31 33.39
N GLU D 196 40.14 26.33 32.94
CA GLU D 196 40.58 27.43 33.80
C GLU D 196 39.46 28.07 34.60
N GLU D 197 38.29 28.20 33.98
CA GLU D 197 37.16 28.86 34.60
C GLU D 197 36.21 27.88 35.24
N ALA D 198 36.17 26.66 34.71
CA ALA D 198 35.23 25.65 35.16
C ALA D 198 35.45 25.26 36.60
N LYS D 199 36.69 24.94 36.93
CA LYS D 199 37.04 24.52 38.27
C LYS D 199 37.00 25.68 39.24
N LYS D 200 36.77 26.87 38.72
CA LYS D 200 36.62 28.06 39.55
C LYS D 200 35.23 28.05 40.15
N LEU D 201 34.25 27.94 39.28
CA LEU D 201 32.87 28.05 39.72
C LEU D 201 32.46 26.80 40.46
N PHE D 202 33.09 25.68 40.13
CA PHE D 202 32.78 24.39 40.74
C PHE D 202 33.96 23.86 41.50
N PRO D 203 34.10 24.31 42.76
CA PRO D 203 35.22 24.01 43.64
C PRO D 203 35.26 22.55 44.02
N LYS D 204 34.11 21.88 43.95
CA LYS D 204 33.98 20.53 44.47
C LYS D 204 34.33 19.48 43.44
N GLY D 205 33.75 19.57 42.26
CA GLY D 205 34.03 18.58 41.26
C GLY D 205 33.96 19.06 39.84
N VAL D 206 34.91 18.61 39.03
CA VAL D 206 34.82 18.72 37.59
C VAL D 206 35.57 17.55 36.93
N PHE D 207 34.86 16.45 36.76
CA PHE D 207 35.45 15.19 36.32
C PHE D 207 35.14 14.87 34.86
N THR D 208 36.18 14.81 34.06
CA THR D 208 36.06 14.61 32.62
C THR D 208 36.17 13.15 32.22
N LYS D 209 35.20 12.66 31.45
CA LYS D 209 35.27 11.30 30.97
C LYS D 209 36.00 11.23 29.66
N GLU D 210 37.00 10.37 29.62
CA GLU D 210 37.83 10.22 28.43
C GLU D 210 37.04 9.56 27.32
N LEU D 211 36.79 10.33 26.27
CA LEU D 211 36.08 9.83 25.10
C LEU D 211 37.07 9.47 24.02
N PRO D 212 36.63 8.66 23.03
CA PRO D 212 37.41 8.28 21.85
C PRO D 212 37.81 9.46 20.99
N SER D 213 36.92 10.44 20.87
CA SER D 213 37.20 11.66 20.12
C SER D 213 38.39 12.37 20.72
N GLY D 214 38.51 12.27 22.03
CA GLY D 214 39.63 12.86 22.74
C GLY D 214 39.29 14.27 23.13
N LYS D 215 38.01 14.60 23.03
CA LYS D 215 37.53 15.90 23.43
C LYS D 215 37.09 15.88 24.87
N LYS D 216 37.32 16.98 25.56
CA LYS D 216 37.10 17.06 26.99
C LYS D 216 35.78 17.69 27.31
N TYR D 217 34.72 17.21 26.70
CA TYR D 217 33.43 17.85 26.80
C TYR D 217 32.53 17.21 27.83
N LEU D 218 32.83 15.98 28.20
CA LEU D 218 31.99 15.25 29.12
C LEU D 218 32.41 15.46 30.56
N ARG D 219 31.94 16.54 31.14
CA ARG D 219 32.32 16.95 32.47
C ARG D 219 31.17 16.85 33.45
N TYR D 220 31.42 16.20 34.59
CA TYR D 220 30.42 16.02 35.62
C TYR D 220 30.78 16.84 36.85
N THR D 221 29.76 17.25 37.59
CA THR D 221 29.95 18.00 38.81
C THR D 221 28.75 17.85 39.72
N PRO D 222 28.99 17.65 41.02
CA PRO D 222 27.95 17.57 42.05
C PRO D 222 27.08 18.81 42.07
N GLN D 223 25.79 18.61 42.30
CA GLN D 223 24.84 19.71 42.27
C GLN D 223 25.24 20.80 43.23
N PRO D 224 25.46 22.01 42.70
CA PRO D 224 25.99 23.15 43.44
C PRO D 224 25.01 23.77 44.42
N GLY E 4 -6.88 3.21 -15.83
CA GLY E 4 -7.08 4.37 -15.01
C GLY E 4 -8.47 4.42 -14.38
N LEU E 5 -9.22 5.44 -14.74
CA LEU E 5 -10.54 5.65 -14.15
C LEU E 5 -11.65 5.45 -15.15
N LEU E 6 -12.79 4.97 -14.67
CA LEU E 6 -13.96 4.79 -15.49
C LEU E 6 -14.99 5.82 -15.07
N LEU E 7 -16.03 5.99 -15.87
CA LEU E 7 -17.05 6.99 -15.58
C LEU E 7 -17.83 6.64 -14.33
N GLY E 8 -17.86 7.58 -13.39
CA GLY E 8 -18.68 7.43 -12.20
C GLY E 8 -17.90 7.14 -10.94
N ASP E 9 -17.09 8.10 -10.52
CA ASP E 9 -16.30 7.96 -9.32
C ASP E 9 -16.17 9.31 -8.65
N VAL E 10 -15.85 9.33 -7.36
CA VAL E 10 -15.66 10.60 -6.66
C VAL E 10 -14.21 11.01 -6.69
N ALA E 11 -13.98 12.28 -7.00
CA ALA E 11 -12.64 12.84 -7.02
C ALA E 11 -11.97 12.62 -5.68
N PRO E 12 -10.92 11.79 -5.68
CA PRO E 12 -10.22 11.44 -4.45
C PRO E 12 -9.55 12.66 -3.86
N ASN E 13 -10.11 13.14 -2.76
CA ASN E 13 -9.63 14.34 -2.10
C ASN E 13 -8.18 14.21 -1.69
N PHE E 14 -7.43 15.27 -1.91
CA PHE E 14 -6.00 15.26 -1.66
C PHE E 14 -5.53 16.71 -1.58
N GLU E 15 -4.22 16.87 -1.61
CA GLU E 15 -3.60 18.17 -1.63
C GLU E 15 -2.28 18.05 -2.37
N ALA E 16 -1.81 19.17 -2.90
CA ALA E 16 -0.46 19.27 -3.45
C ALA E 16 -0.16 20.72 -3.72
N ASN E 17 1.12 21.06 -3.77
CA ASN E 17 1.55 22.42 -3.93
C ASN E 17 1.07 22.96 -5.27
N THR E 18 0.49 24.16 -5.26
CA THR E 18 -0.05 24.76 -6.46
C THR E 18 0.61 26.08 -6.77
N THR E 19 -0.16 26.98 -7.35
CA THR E 19 0.31 28.31 -7.68
C THR E 19 -0.06 29.21 -6.52
N VAL E 20 -0.87 28.64 -5.63
CA VAL E 20 -1.30 29.34 -4.43
C VAL E 20 -1.04 28.47 -3.21
N GLY E 21 0.16 27.89 -3.15
CA GLY E 21 0.51 26.93 -2.12
C GLY E 21 -0.25 25.62 -2.27
N ARG E 22 -0.03 24.70 -1.33
CA ARG E 22 -0.82 23.47 -1.27
C ARG E 22 -2.28 23.83 -1.08
N ILE E 23 -3.17 23.01 -1.60
CA ILE E 23 -4.58 23.36 -1.57
C ILE E 23 -5.47 22.19 -1.19
N ARG E 24 -6.67 22.53 -0.71
CA ARG E 24 -7.65 21.55 -0.28
C ARG E 24 -8.59 21.31 -1.44
N PHE E 25 -8.49 20.11 -2.00
CA PHE E 25 -9.14 19.77 -3.26
C PHE E 25 -10.63 20.03 -3.23
N HIS E 26 -11.36 19.13 -2.57
CA HIS E 26 -12.80 19.21 -2.44
C HIS E 26 -13.27 20.54 -1.88
N ASP E 27 -12.37 21.25 -1.22
CA ASP E 27 -12.70 22.55 -0.67
C ASP E 27 -12.72 23.54 -1.80
N PHE E 28 -11.62 23.58 -2.54
CA PHE E 28 -11.46 24.41 -3.72
C PHE E 28 -12.66 24.27 -4.65
N LEU E 29 -13.16 23.04 -4.76
CA LEU E 29 -14.28 22.74 -5.62
C LEU E 29 -15.59 23.31 -5.11
N GLY E 30 -15.65 23.57 -3.80
CA GLY E 30 -16.83 24.15 -3.18
C GLY E 30 -18.13 23.50 -3.59
N ASP E 31 -18.12 22.18 -3.66
CA ASP E 31 -19.18 21.40 -4.31
C ASP E 31 -19.74 22.07 -5.57
N SER E 32 -18.85 22.59 -6.41
CA SER E 32 -19.25 23.20 -7.67
C SER E 32 -18.70 22.40 -8.84
N TRP E 33 -19.10 22.78 -10.05
CA TRP E 33 -18.57 22.17 -11.25
C TRP E 33 -17.08 22.39 -11.30
N GLY E 34 -16.32 21.32 -11.52
CA GLY E 34 -14.89 21.43 -11.53
C GLY E 34 -14.25 20.75 -12.72
N ILE E 35 -13.24 21.39 -13.29
CA ILE E 35 -12.52 20.78 -14.40
C ILE E 35 -11.02 20.74 -14.19
N LEU E 36 -10.49 19.52 -14.28
CA LEU E 36 -9.11 19.28 -13.96
C LEU E 36 -8.43 18.71 -15.17
N PHE E 37 -7.43 19.43 -15.66
CA PHE E 37 -6.67 18.96 -16.79
C PHE E 37 -5.19 18.90 -16.47
N SER E 38 -4.45 18.20 -17.31
CA SER E 38 -3.02 18.06 -17.13
C SER E 38 -2.29 18.38 -18.42
N HIS E 39 -1.10 18.93 -18.29
CA HIS E 39 -0.22 19.07 -19.44
C HIS E 39 1.09 18.37 -19.10
N PRO E 40 1.65 17.64 -20.07
CA PRO E 40 2.84 16.82 -19.90
C PRO E 40 4.03 17.53 -19.26
N ARG E 41 4.54 18.58 -19.88
CA ARG E 41 5.69 19.28 -19.33
C ARG E 41 5.55 20.77 -19.55
N ASP E 42 5.95 21.56 -18.58
CA ASP E 42 5.97 23.00 -18.74
C ASP E 42 7.15 23.35 -19.63
N PHE E 43 7.14 24.56 -20.16
CA PHE E 43 8.16 25.01 -21.11
C PHE E 43 8.21 24.09 -22.31
N THR E 44 7.05 23.54 -22.67
CA THR E 44 6.90 22.75 -23.88
C THR E 44 5.84 23.45 -24.73
N PRO E 45 6.12 23.67 -26.02
CA PRO E 45 5.36 24.61 -26.85
C PRO E 45 3.89 24.33 -27.10
N VAL E 46 3.44 23.09 -27.04
CA VAL E 46 2.04 22.81 -27.30
C VAL E 46 1.22 22.96 -26.05
N THR E 48 1.89 24.94 -23.91
CA THR E 48 1.93 26.37 -23.67
C THR E 48 0.68 27.01 -24.25
N THR E 49 0.35 26.58 -25.46
CA THR E 49 -0.78 27.09 -26.19
C THR E 49 -2.09 26.68 -25.55
N GLU E 50 -2.08 25.52 -24.90
CA GLU E 50 -3.28 25.00 -24.30
C GLU E 50 -3.70 25.82 -23.11
N LEU E 51 -2.79 25.97 -22.16
CA LEU E 51 -3.10 26.67 -20.93
C LEU E 51 -3.24 28.16 -21.15
N GLY E 52 -2.71 28.65 -22.26
CA GLY E 52 -2.84 30.05 -22.59
C GLY E 52 -4.24 30.32 -23.06
N ARG E 53 -4.86 29.27 -23.57
CA ARG E 53 -6.24 29.35 -23.99
C ARG E 53 -7.14 29.36 -22.79
N ALA E 54 -6.82 28.53 -21.81
CA ALA E 54 -7.57 28.43 -20.57
C ALA E 54 -7.52 29.74 -19.82
N ALA E 55 -6.42 30.47 -19.98
CA ALA E 55 -6.25 31.74 -19.32
C ALA E 55 -7.25 32.76 -19.80
N LYS E 56 -7.66 32.61 -21.06
CA LYS E 56 -8.59 33.55 -21.65
C LYS E 56 -9.97 32.96 -21.83
N LEU E 57 -10.11 31.69 -21.47
CA LEU E 57 -11.40 31.02 -21.46
C LEU E 57 -11.94 30.93 -20.06
N ALA E 58 -11.05 31.02 -19.07
CA ALA E 58 -11.43 30.97 -17.66
C ALA E 58 -12.57 31.91 -17.27
N PRO E 59 -12.57 33.15 -17.77
CA PRO E 59 -13.74 34.03 -17.66
C PRO E 59 -15.03 33.47 -18.23
N GLU E 60 -14.96 32.37 -18.98
CA GLU E 60 -16.17 31.73 -19.46
C GLU E 60 -16.60 30.60 -18.56
N PHE E 61 -15.64 30.01 -17.86
CA PHE E 61 -15.94 28.92 -16.96
C PHE E 61 -16.29 29.47 -15.59
N ALA E 62 -15.70 30.61 -15.25
CA ALA E 62 -16.00 31.29 -14.01
C ALA E 62 -17.41 31.82 -14.05
N LYS E 63 -17.78 32.36 -15.21
CA LYS E 63 -19.12 32.83 -15.46
C LYS E 63 -20.12 31.68 -15.39
N ARG E 64 -19.59 30.46 -15.33
CA ARG E 64 -20.40 29.26 -15.43
C ARG E 64 -20.20 28.34 -14.23
N ASN E 65 -19.71 28.92 -13.13
CA ASN E 65 -19.45 28.18 -11.91
C ASN E 65 -18.50 27.02 -12.14
N VAL E 66 -17.37 27.30 -12.76
CA VAL E 66 -16.34 26.28 -12.94
C VAL E 66 -14.97 26.83 -12.60
N LYS E 67 -14.14 26.01 -11.96
CA LYS E 67 -12.78 26.37 -11.65
C LYS E 67 -11.84 25.38 -12.32
N LEU E 68 -10.86 25.91 -13.06
CA LEU E 68 -9.91 25.07 -13.77
C LEU E 68 -8.79 24.70 -12.84
N ILE E 69 -8.10 23.62 -13.15
CA ILE E 69 -6.90 23.28 -12.42
C ILE E 69 -5.99 22.36 -13.22
N ALA E 70 -4.74 22.77 -13.38
CA ALA E 70 -3.79 22.05 -14.18
C ALA E 70 -2.99 21.04 -13.38
N LEU E 71 -2.11 20.30 -14.05
CA LEU E 71 -1.29 19.29 -13.41
C LEU E 71 -0.14 18.86 -14.30
N SER E 72 1.08 19.04 -13.80
CA SER E 72 2.25 18.49 -14.47
C SER E 72 3.19 17.90 -13.43
N ILE E 73 4.28 17.30 -13.90
CA ILE E 73 5.32 16.76 -13.03
C ILE E 73 6.29 17.88 -12.70
N ASP E 74 5.89 19.11 -12.99
CA ASP E 74 6.79 20.24 -12.87
C ASP E 74 6.74 20.90 -11.52
N SER E 75 7.86 21.54 -11.17
CA SER E 75 7.99 22.22 -9.90
C SER E 75 7.18 23.50 -9.90
N VAL E 76 6.77 23.93 -8.72
CA VAL E 76 5.95 25.12 -8.57
C VAL E 76 6.71 26.33 -9.04
N GLU E 77 8.01 26.32 -8.80
CA GLU E 77 8.89 27.41 -9.17
C GLU E 77 8.94 27.55 -10.67
N ASP E 78 8.75 26.44 -11.36
CA ASP E 78 8.68 26.45 -12.81
C ASP E 78 7.38 27.08 -13.26
N HIS E 79 6.28 26.63 -12.67
CA HIS E 79 4.94 27.13 -12.98
C HIS E 79 4.90 28.63 -13.00
N LEU E 80 5.48 29.22 -11.97
CA LEU E 80 5.46 30.65 -11.77
C LEU E 80 6.22 31.35 -12.87
N ALA E 81 7.44 30.91 -13.12
CA ALA E 81 8.29 31.54 -14.12
C ALA E 81 7.83 31.22 -15.53
N TRP E 82 6.87 30.29 -15.63
CA TRP E 82 6.31 29.92 -16.90
C TRP E 82 5.08 30.77 -17.12
N SER E 83 4.40 31.07 -16.03
CA SER E 83 3.14 31.79 -16.08
C SER E 83 3.29 33.25 -16.46
N LYS E 84 4.53 33.68 -16.68
CA LYS E 84 4.80 34.96 -17.31
C LYS E 84 4.99 34.72 -18.79
N ASP E 85 5.52 33.55 -19.14
CA ASP E 85 5.68 33.19 -20.53
C ASP E 85 4.31 33.00 -21.16
N ILE E 86 3.41 32.41 -20.39
CA ILE E 86 2.05 32.19 -20.84
C ILE E 86 1.35 33.50 -21.01
N ASN E 87 1.65 34.43 -20.11
CA ASN E 87 1.01 35.73 -20.10
C ASN E 87 1.35 36.49 -21.34
N ALA E 88 2.63 36.49 -21.67
CA ALA E 88 3.14 37.18 -22.84
C ALA E 88 2.85 36.41 -24.11
N TYR E 89 2.46 35.14 -23.98
CA TYR E 89 1.94 34.38 -25.11
C TYR E 89 0.58 34.95 -25.53
N ASN E 90 -0.29 35.16 -24.55
CA ASN E 90 -1.58 35.80 -24.81
C ASN E 90 -1.40 37.27 -24.97
N CYS E 91 -0.15 37.72 -24.84
CA CYS E 91 0.21 39.12 -24.90
C CYS E 91 -0.44 39.93 -23.80
N GLU E 92 -1.08 39.23 -22.87
CA GLU E 92 -1.60 39.86 -21.66
C GLU E 92 -0.45 40.01 -20.69
N GLU E 93 0.46 40.91 -21.02
CA GLU E 93 1.66 41.11 -20.23
C GLU E 93 1.34 41.39 -18.77
N PRO E 94 2.30 41.14 -17.87
CA PRO E 94 3.56 40.49 -18.23
C PRO E 94 3.85 39.20 -17.47
N THR E 95 3.34 39.05 -16.26
CA THR E 95 3.88 38.06 -15.34
C THR E 95 2.88 37.44 -14.37
N GLU E 96 3.06 36.14 -14.15
CA GLU E 96 2.51 35.40 -13.01
C GLU E 96 1.02 35.41 -12.77
N LYS E 97 0.25 35.99 -13.67
CA LYS E 97 -1.20 36.10 -13.48
C LYS E 97 -1.95 35.00 -14.19
N LEU E 98 -2.28 33.94 -13.46
CA LEU E 98 -3.05 32.87 -14.03
C LEU E 98 -4.33 32.68 -13.23
N PRO E 99 -5.48 32.77 -13.90
CA PRO E 99 -6.81 32.71 -13.30
C PRO E 99 -7.05 31.42 -12.56
N PHE E 100 -6.37 30.38 -13.00
CA PHE E 100 -6.52 29.08 -12.41
C PHE E 100 -5.19 28.62 -11.87
N PRO E 101 -5.23 27.70 -10.91
CA PRO E 101 -4.02 27.12 -10.33
C PRO E 101 -3.44 25.99 -11.17
N ILE E 102 -2.12 25.89 -11.18
CA ILE E 102 -1.45 24.72 -11.73
C ILE E 102 -0.81 23.95 -10.59
N ILE E 103 -1.06 22.66 -10.53
CA ILE E 103 -0.60 21.84 -9.43
C ILE E 103 0.79 21.29 -9.66
N ASP E 104 1.46 20.97 -8.56
CA ASP E 104 2.76 20.33 -8.61
C ASP E 104 2.60 18.86 -8.29
N ASP E 105 3.01 18.03 -9.23
CA ASP E 105 3.02 16.60 -9.01
C ASP E 105 4.43 16.13 -9.23
N ARG E 106 5.37 16.82 -8.63
CA ARG E 106 6.80 16.54 -8.79
C ARG E 106 7.12 15.11 -8.41
N ASN E 107 6.56 14.66 -7.28
CA ASN E 107 6.67 13.25 -6.89
C ASN E 107 5.67 12.37 -7.61
N ARG E 108 5.09 12.90 -8.69
CA ARG E 108 4.17 12.18 -9.58
C ARG E 108 3.13 11.35 -8.85
N GLU E 109 2.68 11.85 -7.71
CA GLU E 109 1.74 11.14 -6.85
C GLU E 109 0.28 11.28 -7.27
N LEU E 110 0.04 11.43 -8.56
CA LEU E 110 -1.32 11.53 -9.07
C LEU E 110 -1.41 11.03 -10.50
N ALA E 111 -0.27 10.83 -11.14
CA ALA E 111 -0.29 10.42 -12.53
C ALA E 111 -0.82 9.01 -12.76
N ILE E 112 -0.01 7.99 -12.46
CA ILE E 112 -0.46 6.61 -12.56
C ILE E 112 -1.35 6.30 -11.37
N LEU E 113 -1.36 7.23 -10.43
CA LEU E 113 -2.19 7.15 -9.24
C LEU E 113 -3.65 7.39 -9.60
N LEU E 114 -3.86 7.88 -10.81
CA LEU E 114 -5.20 8.12 -11.33
C LEU E 114 -5.40 7.35 -12.62
N GLY E 115 -4.35 7.30 -13.43
CA GLY E 115 -4.40 6.62 -14.71
C GLY E 115 -3.96 7.51 -15.85
N MET E 116 -3.50 8.71 -15.51
CA MET E 116 -3.12 9.70 -16.51
C MET E 116 -1.62 9.80 -16.73
N LEU E 117 -1.07 8.87 -17.51
CA LEU E 117 0.36 8.80 -17.69
C LEU E 117 0.70 8.39 -19.12
N ASP E 118 1.51 9.20 -19.79
CA ASP E 118 1.90 8.88 -21.15
C ASP E 118 2.80 7.66 -21.13
N PRO E 119 2.40 6.62 -21.87
CA PRO E 119 3.05 5.30 -21.85
C PRO E 119 4.52 5.34 -22.18
N ALA E 120 4.98 6.36 -22.89
CA ALA E 120 6.33 6.41 -23.40
C ALA E 120 7.06 7.68 -23.00
N GLU E 121 6.32 8.78 -22.94
CA GLU E 121 6.90 10.11 -22.70
C GLU E 121 7.68 10.20 -21.41
N LYS E 122 8.99 10.16 -21.55
CA LYS E 122 9.88 10.13 -20.41
C LYS E 122 10.48 11.51 -20.23
N ASP E 123 10.45 12.02 -19.00
CA ASP E 123 11.00 13.35 -18.75
C ASP E 123 12.51 13.37 -18.88
N GLU E 124 13.08 14.52 -18.58
CA GLU E 124 14.52 14.64 -18.49
C GLU E 124 14.99 13.59 -17.50
N LYS E 125 15.92 12.75 -17.99
CA LYS E 125 16.49 11.60 -17.30
C LYS E 125 15.80 10.29 -17.71
N GLY E 126 14.52 10.36 -17.98
CA GLY E 126 13.87 9.24 -18.63
C GLY E 126 12.95 8.43 -17.75
N MET E 127 11.97 9.11 -17.16
CA MET E 127 10.90 8.46 -16.43
C MET E 127 9.59 9.11 -16.86
N PRO E 128 8.62 8.29 -17.26
CA PRO E 128 7.32 8.66 -17.83
C PRO E 128 6.63 9.87 -17.20
N VAL E 129 5.94 10.64 -18.05
CA VAL E 129 5.26 11.87 -17.66
C VAL E 129 3.76 11.75 -17.90
N THR E 130 3.03 12.82 -17.61
CA THR E 130 1.58 12.83 -17.82
C THR E 130 1.25 13.15 -19.25
N ALA E 131 -0.05 13.23 -19.52
CA ALA E 131 -0.54 13.54 -20.84
C ALA E 131 -1.65 14.57 -20.73
N ARG E 132 -2.28 14.88 -21.85
CA ARG E 132 -3.31 15.89 -21.91
C ARG E 132 -4.68 15.33 -21.57
N VAL E 133 -4.86 14.99 -20.32
CA VAL E 133 -6.14 14.44 -19.87
C VAL E 133 -6.96 15.53 -19.24
N VAL E 134 -8.26 15.45 -19.43
CA VAL E 134 -9.18 16.37 -18.81
C VAL E 134 -10.19 15.60 -17.99
N PHE E 135 -10.37 16.03 -16.73
CA PHE E 135 -11.37 15.49 -15.85
C PHE E 135 -12.34 16.57 -15.46
N VAL E 136 -13.58 16.40 -15.86
CA VAL E 136 -14.63 17.31 -15.48
C VAL E 136 -15.39 16.68 -14.33
N PHE E 137 -15.66 17.47 -13.31
CA PHE E 137 -16.37 16.96 -12.15
C PHE E 137 -17.50 17.91 -11.81
N GLY E 138 -18.63 17.35 -11.46
CA GLY E 138 -19.80 18.14 -11.17
C GLY E 138 -19.87 18.55 -9.72
N PRO E 139 -20.94 19.27 -9.37
CA PRO E 139 -21.14 19.79 -8.02
C PRO E 139 -21.19 18.67 -7.00
N ASP E 140 -21.36 17.45 -7.49
CA ASP E 140 -21.43 16.28 -6.65
C ASP E 140 -20.10 15.56 -6.63
N LYS E 141 -19.06 16.24 -7.09
CA LYS E 141 -17.70 15.72 -7.06
C LYS E 141 -17.60 14.38 -7.75
N LYS E 142 -18.24 14.25 -8.91
CA LYS E 142 -18.29 12.98 -9.61
C LYS E 142 -17.81 13.13 -11.05
N LEU E 143 -17.35 12.03 -11.62
CA LEU E 143 -16.85 12.04 -12.97
C LEU E 143 -17.99 12.18 -13.96
N LYS E 144 -17.96 13.24 -14.75
CA LYS E 144 -19.00 13.45 -15.73
C LYS E 144 -18.51 13.12 -17.13
N LEU E 145 -17.24 13.41 -17.39
CA LEU E 145 -16.67 13.25 -18.71
C LEU E 145 -15.16 13.21 -18.66
N SER E 146 -14.55 12.47 -19.58
CA SER E 146 -13.10 12.40 -19.67
C SER E 146 -12.62 12.31 -21.10
N ILE E 147 -11.50 12.97 -21.39
CA ILE E 147 -10.79 12.80 -22.66
C ILE E 147 -9.35 12.37 -22.41
N LEU E 148 -8.80 11.57 -23.32
CA LEU E 148 -7.40 11.18 -23.21
C LEU E 148 -6.68 11.51 -24.49
N TYR E 149 -5.93 12.60 -24.46
CA TYR E 149 -5.13 13.03 -25.61
C TYR E 149 -3.67 12.78 -25.34
N PRO E 150 -2.91 12.47 -26.40
CA PRO E 150 -1.47 12.29 -26.34
C PRO E 150 -0.71 13.60 -26.41
N ALA E 151 0.60 13.54 -26.30
CA ALA E 151 1.41 14.74 -26.24
C ALA E 151 1.63 15.33 -27.61
N THR E 152 1.32 14.55 -28.64
CA THR E 152 1.46 15.00 -30.00
C THR E 152 0.32 15.90 -30.43
N THR E 153 -0.89 15.46 -30.11
CA THR E 153 -2.09 16.15 -30.54
C THR E 153 -2.62 17.05 -29.44
N GLY E 154 -3.16 18.19 -29.83
CA GLY E 154 -3.60 19.20 -28.89
C GLY E 154 -5.08 19.25 -28.67
N ARG E 155 -5.48 19.62 -27.47
CA ARG E 155 -6.88 19.60 -27.06
C ARG E 155 -7.67 20.75 -27.64
N ASN E 156 -8.92 20.48 -27.96
CA ASN E 156 -9.83 21.52 -28.40
C ASN E 156 -10.58 22.08 -27.22
N PHE E 157 -10.08 23.17 -26.68
CA PHE E 157 -10.58 23.74 -25.44
C PHE E 157 -11.97 24.33 -25.55
N ASP E 158 -12.45 24.46 -26.78
CA ASP E 158 -13.78 24.98 -27.05
C ASP E 158 -14.80 23.88 -27.00
N GLU E 159 -14.34 22.66 -27.25
CA GLU E 159 -15.19 21.50 -27.16
C GLU E 159 -15.38 21.16 -25.71
N ILE E 160 -14.40 21.47 -24.89
CA ILE E 160 -14.50 21.27 -23.47
C ILE E 160 -15.62 22.12 -22.90
N LEU E 161 -15.71 23.36 -23.35
CA LEU E 161 -16.76 24.27 -22.93
C LEU E 161 -18.11 23.84 -23.49
N ARG E 162 -18.07 23.26 -24.68
CA ARG E 162 -19.26 22.72 -25.32
C ARG E 162 -19.97 21.72 -24.41
N VAL E 163 -19.21 20.79 -23.86
CA VAL E 163 -19.77 19.71 -23.06
C VAL E 163 -19.98 20.11 -21.60
N VAL E 164 -19.41 21.23 -21.19
CA VAL E 164 -19.68 21.78 -19.87
C VAL E 164 -21.06 22.39 -19.87
N ILE E 165 -21.32 23.23 -20.86
CA ILE E 165 -22.61 23.86 -21.02
C ILE E 165 -23.70 22.80 -21.14
N SER E 166 -23.36 21.67 -21.73
CA SER E 166 -24.29 20.58 -21.92
C SER E 166 -24.64 19.86 -20.63
N LEU E 167 -23.62 19.38 -19.94
CA LEU E 167 -23.81 18.67 -18.67
C LEU E 167 -24.50 19.53 -17.65
N GLN E 168 -24.09 20.79 -17.61
CA GLN E 168 -24.72 21.79 -16.77
C GLN E 168 -26.20 21.90 -17.10
N LEU E 169 -26.52 21.75 -18.37
CA LEU E 169 -27.89 21.86 -18.83
C LEU E 169 -28.66 20.59 -18.54
N THR E 170 -28.12 19.46 -18.97
CA THR E 170 -28.85 18.20 -18.91
C THR E 170 -29.13 17.78 -17.50
N ALA E 171 -28.35 18.35 -16.58
CA ALA E 171 -28.45 18.04 -15.17
C ALA E 171 -29.75 18.52 -14.61
N GLU E 172 -30.04 19.79 -14.87
CA GLU E 172 -31.22 20.41 -14.33
C GLU E 172 -32.27 20.68 -15.39
N LYS E 173 -32.28 19.85 -16.43
CA LYS E 173 -33.34 19.88 -17.45
C LYS E 173 -33.40 18.53 -18.14
N ARG E 174 -34.60 18.02 -18.38
CA ARG E 174 -34.76 16.67 -18.87
C ARG E 174 -34.59 16.54 -20.38
N VAL E 175 -33.40 16.90 -20.85
CA VAL E 175 -33.10 16.94 -22.27
C VAL E 175 -31.78 16.22 -22.57
N ALA E 176 -31.33 16.31 -23.81
CA ALA E 176 -30.09 15.69 -24.22
C ALA E 176 -29.54 16.30 -25.51
N THR E 177 -28.34 16.84 -25.44
CA THR E 177 -27.71 17.53 -26.56
C THR E 177 -27.13 16.54 -27.55
N PRO E 178 -27.48 16.69 -28.83
CA PRO E 178 -27.11 15.77 -29.91
C PRO E 178 -25.78 16.13 -30.56
N VAL E 179 -25.44 15.47 -31.67
CA VAL E 179 -24.14 15.68 -32.30
C VAL E 179 -23.86 17.12 -32.67
N ASP E 180 -22.59 17.49 -32.57
CA ASP E 180 -22.09 18.80 -32.94
C ASP E 180 -22.98 19.92 -32.44
N TRP E 181 -23.66 19.66 -31.33
CA TRP E 181 -24.60 20.61 -30.77
C TRP E 181 -23.80 21.80 -30.35
N LYS E 182 -24.39 22.98 -30.43
CA LYS E 182 -23.70 24.19 -30.03
C LYS E 182 -24.60 24.90 -29.06
N ASP E 183 -24.05 25.85 -28.33
CA ASP E 183 -24.79 26.53 -27.29
C ASP E 183 -26.03 27.18 -27.86
N GLY E 184 -27.19 26.78 -27.34
CA GLY E 184 -28.45 27.37 -27.73
C GLY E 184 -29.15 26.62 -28.82
N ASP E 185 -28.53 25.55 -29.30
CA ASP E 185 -29.13 24.73 -30.35
C ASP E 185 -30.20 23.87 -29.75
N SER E 186 -31.03 23.28 -30.60
CA SER E 186 -32.13 22.50 -30.12
C SER E 186 -31.63 21.20 -29.55
N VAL E 187 -32.34 20.70 -28.56
CA VAL E 187 -31.94 19.50 -27.89
C VAL E 187 -32.86 18.36 -28.22
N MET E 188 -32.84 17.35 -27.37
CA MET E 188 -33.59 16.14 -27.62
C MET E 188 -34.44 15.77 -26.43
N VAL E 189 -35.52 15.06 -26.71
CA VAL E 189 -36.43 14.57 -25.68
C VAL E 189 -36.13 13.11 -25.43
N LEU E 190 -35.76 12.78 -24.20
CA LEU E 190 -35.38 11.43 -23.83
C LEU E 190 -36.51 10.45 -24.11
N PRO E 191 -36.18 9.31 -24.72
CA PRO E 191 -37.13 8.38 -25.31
C PRO E 191 -38.21 7.88 -24.38
N THR E 192 -37.96 8.05 -23.08
CA THR E 192 -38.75 7.40 -22.05
C THR E 192 -39.96 8.21 -21.60
N ILE E 193 -39.86 9.53 -21.70
CA ILE E 193 -40.98 10.40 -21.37
C ILE E 193 -42.09 10.20 -22.36
N PRO E 194 -43.29 9.91 -21.86
CA PRO E 194 -44.46 9.81 -22.74
C PRO E 194 -44.80 11.16 -23.33
N GLU E 195 -45.61 11.12 -24.38
CA GLU E 195 -46.13 12.31 -25.04
C GLU E 195 -46.67 13.34 -24.06
N GLU E 196 -47.82 13.03 -23.46
CA GLU E 196 -48.51 13.95 -22.57
C GLU E 196 -47.66 14.52 -21.45
N GLU E 197 -46.71 13.74 -20.95
CA GLU E 197 -45.84 14.22 -19.91
C GLU E 197 -44.87 15.21 -20.51
N ALA E 198 -44.46 14.93 -21.75
CA ALA E 198 -43.48 15.76 -22.42
C ALA E 198 -44.05 17.14 -22.71
N LYS E 199 -45.24 17.17 -23.31
CA LYS E 199 -45.95 18.40 -23.64
C LYS E 199 -45.94 19.38 -22.48
N LYS E 200 -46.17 18.86 -21.29
CA LYS E 200 -46.22 19.68 -20.10
C LYS E 200 -44.86 20.24 -19.80
N LEU E 201 -43.83 19.42 -19.99
CA LEU E 201 -42.49 19.74 -19.53
C LEU E 201 -41.83 20.72 -20.46
N PHE E 202 -42.19 20.59 -21.73
CA PHE E 202 -41.73 21.50 -22.76
C PHE E 202 -42.93 22.27 -23.28
N PRO E 203 -43.09 23.51 -22.78
CA PRO E 203 -44.29 24.33 -22.87
C PRO E 203 -44.81 24.57 -24.28
N LYS E 204 -43.94 24.89 -25.22
CA LYS E 204 -44.44 25.20 -26.56
C LYS E 204 -43.89 24.32 -27.67
N GLY E 205 -42.62 23.94 -27.61
CA GLY E 205 -42.07 23.18 -28.70
C GLY E 205 -41.66 21.75 -28.42
N VAL E 206 -42.33 20.81 -29.07
CA VAL E 206 -41.86 19.43 -29.06
C VAL E 206 -42.37 18.65 -30.28
N PHE E 207 -41.45 18.41 -31.20
CA PHE E 207 -41.78 17.93 -32.54
C PHE E 207 -41.18 16.57 -32.83
N THR E 208 -42.02 15.67 -33.33
CA THR E 208 -41.62 14.28 -33.52
C THR E 208 -41.45 13.90 -34.96
N LYS E 209 -40.23 13.51 -35.30
CA LYS E 209 -39.92 13.04 -36.64
C LYS E 209 -40.41 11.62 -36.83
N GLU E 210 -41.02 11.38 -37.98
CA GLU E 210 -41.57 10.07 -38.28
C GLU E 210 -40.61 9.17 -39.02
N LEU E 211 -40.50 7.93 -38.55
CA LEU E 211 -39.50 7.00 -39.06
C LEU E 211 -40.10 5.65 -39.41
N PRO E 212 -39.54 4.98 -40.42
CA PRO E 212 -39.91 3.68 -40.97
C PRO E 212 -40.36 2.65 -39.95
N SER E 213 -39.69 2.62 -38.81
CA SER E 213 -40.01 1.68 -37.76
C SER E 213 -41.31 2.09 -37.09
N GLY E 214 -41.70 3.33 -37.30
CA GLY E 214 -42.94 3.84 -36.75
C GLY E 214 -42.76 4.17 -35.29
N LYS E 215 -41.54 4.02 -34.80
CA LYS E 215 -41.27 4.35 -33.43
C LYS E 215 -41.26 5.86 -33.28
N LYS E 216 -41.40 6.31 -32.04
CA LYS E 216 -41.71 7.70 -31.78
C LYS E 216 -40.62 8.34 -30.92
N TYR E 217 -39.37 7.98 -31.18
CA TYR E 217 -38.28 8.42 -30.34
C TYR E 217 -37.62 9.70 -30.82
N LEU E 218 -37.61 9.90 -32.13
CA LEU E 218 -36.92 11.04 -32.70
C LEU E 218 -37.65 12.32 -32.40
N ARG E 219 -37.41 12.86 -31.21
CA ARG E 219 -38.08 14.08 -30.83
C ARG E 219 -37.12 15.22 -30.61
N TYR E 220 -37.42 16.34 -31.24
CA TYR E 220 -36.65 17.55 -31.12
C TYR E 220 -37.42 18.57 -30.32
N THR E 221 -36.75 19.24 -29.40
CA THR E 221 -37.34 20.39 -28.76
C THR E 221 -36.27 21.47 -28.61
N PRO E 222 -36.69 22.73 -28.64
CA PRO E 222 -35.73 23.82 -28.51
C PRO E 222 -35.07 23.86 -27.16
N GLN E 223 -34.14 24.79 -27.00
CA GLN E 223 -33.48 24.95 -25.73
C GLN E 223 -34.33 25.82 -24.83
N PRO E 224 -34.71 25.26 -23.67
CA PRO E 224 -35.61 25.90 -22.70
C PRO E 224 -34.90 27.02 -21.92
N PRO F 2 -8.83 -6.04 -18.93
CA PRO F 2 -8.96 -5.68 -17.52
C PRO F 2 -10.17 -4.78 -17.29
N GLY F 3 -10.01 -3.79 -16.44
CA GLY F 3 -11.04 -2.77 -16.30
C GLY F 3 -11.08 -1.91 -17.53
N GLY F 4 -10.43 -0.77 -17.46
CA GLY F 4 -10.42 0.19 -18.54
C GLY F 4 -9.48 -0.17 -19.68
N LEU F 5 -8.80 0.84 -20.21
CA LEU F 5 -7.89 0.65 -21.32
C LEU F 5 -7.18 1.98 -21.57
N LEU F 6 -5.90 2.03 -21.26
CA LEU F 6 -5.17 3.28 -21.35
C LEU F 6 -4.29 3.41 -22.58
N LEU F 7 -3.45 4.44 -22.59
CA LEU F 7 -2.72 4.82 -23.80
C LEU F 7 -1.57 3.90 -24.17
N GLY F 8 -1.54 3.52 -25.44
CA GLY F 8 -0.50 2.67 -25.97
C GLY F 8 -0.82 1.21 -25.83
N ASP F 9 -1.97 0.91 -25.25
CA ASP F 9 -2.37 -0.45 -25.02
C ASP F 9 -2.98 -1.03 -26.26
N VAL F 10 -2.55 -2.24 -26.61
CA VAL F 10 -3.01 -2.90 -27.81
C VAL F 10 -4.48 -3.23 -27.70
N ALA F 11 -5.20 -3.05 -28.80
CA ALA F 11 -6.61 -3.33 -28.84
C ALA F 11 -6.81 -4.81 -28.64
N PRO F 12 -7.60 -5.18 -27.61
CA PRO F 12 -7.98 -6.55 -27.33
C PRO F 12 -8.71 -7.11 -28.51
N ASN F 13 -8.03 -7.95 -29.28
CA ASN F 13 -8.63 -8.58 -30.41
C ASN F 13 -9.83 -9.39 -29.96
N PHE F 14 -10.94 -9.23 -30.65
CA PHE F 14 -12.15 -9.93 -30.28
C PHE F 14 -12.81 -10.52 -31.49
N GLU F 15 -13.75 -11.44 -31.26
CA GLU F 15 -14.50 -12.02 -32.34
C GLU F 15 -16.00 -11.94 -32.06
N ALA F 16 -16.56 -10.77 -32.31
CA ALA F 16 -17.98 -10.55 -32.09
C ALA F 16 -18.72 -10.47 -33.42
N ASN F 17 -20.04 -10.55 -33.34
CA ASN F 17 -20.90 -10.56 -34.51
C ASN F 17 -21.50 -9.19 -34.75
N THR F 18 -21.53 -8.79 -36.01
CA THR F 18 -21.91 -7.44 -36.38
C THR F 18 -22.96 -7.45 -37.46
N THR F 19 -23.19 -6.29 -38.04
CA THR F 19 -24.22 -6.10 -39.04
C THR F 19 -23.82 -6.67 -40.39
N VAL F 20 -22.63 -7.25 -40.44
CA VAL F 20 -22.10 -7.80 -41.67
C VAL F 20 -21.67 -9.26 -41.51
N GLY F 21 -20.98 -9.54 -40.41
CA GLY F 21 -20.53 -10.89 -40.12
C GLY F 21 -19.84 -10.98 -38.78
N ARG F 22 -19.14 -12.09 -38.56
CA ARG F 22 -18.37 -12.27 -37.34
C ARG F 22 -16.91 -12.06 -37.68
N ILE F 23 -16.35 -10.98 -37.18
CA ILE F 23 -14.97 -10.65 -37.49
C ILE F 23 -14.06 -10.71 -36.29
N ARG F 24 -12.77 -10.81 -36.57
CA ARG F 24 -11.74 -10.60 -35.56
C ARG F 24 -11.52 -9.11 -35.58
N PHE F 25 -10.77 -8.60 -34.62
CA PHE F 25 -10.57 -7.17 -34.59
C PHE F 25 -9.33 -6.77 -35.36
N HIS F 26 -8.21 -7.40 -35.05
CA HIS F 26 -6.94 -7.07 -35.67
C HIS F 26 -6.95 -7.50 -37.12
N ASP F 27 -7.81 -8.46 -37.43
CA ASP F 27 -7.96 -8.92 -38.80
C ASP F 27 -8.88 -8.00 -39.58
N PHE F 28 -9.74 -7.29 -38.86
CA PHE F 28 -10.67 -6.36 -39.47
C PHE F 28 -9.90 -5.18 -40.02
N LEU F 29 -9.26 -4.44 -39.12
CA LEU F 29 -8.44 -3.31 -39.48
C LEU F 29 -7.34 -3.76 -40.43
N GLY F 30 -7.52 -3.46 -41.71
CA GLY F 30 -6.60 -3.93 -42.74
C GLY F 30 -5.39 -3.05 -42.95
N ASP F 31 -4.45 -3.11 -42.00
CA ASP F 31 -3.31 -2.21 -41.96
C ASP F 31 -3.78 -0.78 -42.03
N SER F 32 -4.98 -0.53 -41.53
CA SER F 32 -5.56 0.79 -41.51
C SER F 32 -5.86 1.18 -40.08
N TRP F 33 -6.23 2.43 -39.88
CA TRP F 33 -6.64 2.90 -38.58
C TRP F 33 -8.05 2.42 -38.30
N GLY F 34 -8.53 2.68 -37.08
CA GLY F 34 -9.86 2.25 -36.70
C GLY F 34 -10.44 3.04 -35.55
N ILE F 35 -11.59 3.65 -35.78
CA ILE F 35 -12.33 4.28 -34.68
C ILE F 35 -13.41 3.33 -34.22
N LEU F 36 -13.31 2.95 -32.95
CA LEU F 36 -14.27 2.07 -32.32
C LEU F 36 -15.06 2.83 -31.29
N PHE F 37 -16.32 3.10 -31.58
CA PHE F 37 -17.15 3.86 -30.65
C PHE F 37 -18.39 3.11 -30.18
N SER F 38 -18.85 3.43 -28.97
CA SER F 38 -20.01 2.78 -28.39
C SER F 38 -21.15 3.75 -28.26
N HIS F 39 -22.35 3.31 -28.56
CA HIS F 39 -23.53 4.11 -28.28
C HIS F 39 -24.51 3.35 -27.38
N PRO F 40 -24.95 4.00 -26.30
CA PRO F 40 -25.82 3.54 -25.21
C PRO F 40 -26.94 2.61 -25.64
N ARG F 41 -27.88 3.12 -26.40
CA ARG F 41 -29.06 2.34 -26.76
C ARG F 41 -29.44 2.56 -28.21
N ASP F 42 -30.15 1.60 -28.78
CA ASP F 42 -30.27 1.46 -30.22
C ASP F 42 -31.39 2.24 -30.87
N PHE F 43 -32.39 2.68 -30.12
CA PHE F 43 -33.45 3.44 -30.76
C PHE F 43 -33.66 4.73 -30.01
N THR F 44 -32.56 5.40 -29.69
CA THR F 44 -32.63 6.68 -29.01
C THR F 44 -32.20 7.78 -29.94
N PRO F 45 -32.78 8.98 -29.79
CA PRO F 45 -32.59 10.10 -30.70
C PRO F 45 -31.17 10.67 -30.78
N VAL F 46 -30.51 10.88 -29.65
CA VAL F 46 -29.15 11.44 -29.67
C VAL F 46 -28.21 10.53 -30.41
N THR F 48 -29.12 8.44 -32.79
CA THR F 48 -29.55 8.32 -34.18
C THR F 48 -28.92 9.44 -34.98
N THR F 49 -28.71 10.57 -34.32
CA THR F 49 -28.05 11.70 -34.93
C THR F 49 -26.56 11.41 -35.05
N GLU F 50 -26.10 10.41 -34.33
CA GLU F 50 -24.68 10.13 -34.19
C GLU F 50 -24.16 9.16 -35.22
N LEU F 51 -24.89 8.08 -35.45
CA LEU F 51 -24.50 7.11 -36.44
C LEU F 51 -24.92 7.59 -37.80
N GLY F 52 -25.85 8.53 -37.80
CA GLY F 52 -26.34 9.13 -39.01
C GLY F 52 -25.35 10.12 -39.56
N ARG F 53 -24.67 10.83 -38.67
CA ARG F 53 -23.68 11.81 -39.04
C ARG F 53 -22.39 11.13 -39.42
N ALA F 54 -22.09 10.06 -38.71
CA ALA F 54 -20.88 9.30 -38.94
C ALA F 54 -20.87 8.70 -40.33
N ALA F 55 -22.04 8.30 -40.80
CA ALA F 55 -22.20 7.67 -42.10
C ALA F 55 -22.07 8.67 -43.24
N LYS F 56 -22.36 9.93 -42.96
CA LYS F 56 -22.15 10.98 -43.93
C LYS F 56 -20.69 11.31 -43.96
N LEU F 57 -20.01 10.99 -42.86
CA LEU F 57 -18.62 11.34 -42.68
C LEU F 57 -17.71 10.16 -42.90
N ALA F 58 -18.27 9.05 -43.33
CA ALA F 58 -17.47 7.89 -43.67
C ALA F 58 -16.57 8.10 -44.89
N PRO F 59 -17.07 8.76 -45.94
CA PRO F 59 -16.18 9.10 -47.04
C PRO F 59 -14.96 9.92 -46.64
N GLU F 60 -15.10 10.73 -45.60
CA GLU F 60 -13.99 11.54 -45.14
C GLU F 60 -13.05 10.74 -44.28
N PHE F 61 -13.51 9.59 -43.81
CA PHE F 61 -12.69 8.71 -43.00
C PHE F 61 -12.03 7.65 -43.85
N ALA F 62 -12.68 7.28 -44.94
CA ALA F 62 -12.20 6.21 -45.77
C ALA F 62 -11.06 6.68 -46.64
N LYS F 63 -11.11 7.95 -47.02
CA LYS F 63 -10.08 8.53 -47.85
C LYS F 63 -8.87 8.84 -46.98
N ARG F 64 -8.99 8.54 -45.71
CA ARG F 64 -7.89 8.65 -44.78
C ARG F 64 -7.47 7.29 -44.30
N ASN F 65 -7.98 6.25 -44.96
CA ASN F 65 -7.63 4.88 -44.63
C ASN F 65 -7.95 4.62 -43.17
N VAL F 66 -9.20 4.89 -42.81
CA VAL F 66 -9.67 4.76 -41.44
C VAL F 66 -11.01 4.05 -41.46
N LYS F 67 -11.12 2.96 -40.74
CA LYS F 67 -12.36 2.22 -40.67
C LYS F 67 -13.10 2.54 -39.39
N LEU F 68 -14.39 2.81 -39.52
CA LEU F 68 -15.21 3.11 -38.36
C LEU F 68 -15.94 1.87 -37.92
N ILE F 69 -16.09 1.69 -36.62
CA ILE F 69 -16.91 0.61 -36.12
C ILE F 69 -17.57 0.87 -34.77
N ALA F 70 -18.85 0.52 -34.69
CA ALA F 70 -19.71 0.89 -33.59
C ALA F 70 -20.28 -0.31 -32.89
N LEU F 71 -20.68 -0.11 -31.63
CA LEU F 71 -21.31 -1.19 -30.89
C LEU F 71 -22.25 -0.72 -29.78
N SER F 72 -23.21 -1.58 -29.46
CA SER F 72 -24.17 -1.34 -28.41
C SER F 72 -24.49 -2.68 -27.78
N ILE F 73 -25.47 -2.69 -26.89
CA ILE F 73 -25.88 -3.90 -26.19
C ILE F 73 -27.06 -4.58 -26.88
N ASP F 74 -27.36 -4.14 -28.09
CA ASP F 74 -28.60 -4.53 -28.75
C ASP F 74 -28.42 -5.58 -29.84
N SER F 75 -29.53 -6.04 -30.38
CA SER F 75 -29.52 -7.17 -31.29
C SER F 75 -28.95 -6.80 -32.64
N VAL F 76 -28.50 -7.79 -33.39
CA VAL F 76 -28.06 -7.54 -34.75
C VAL F 76 -29.28 -7.28 -35.57
N GLU F 77 -30.41 -7.80 -35.12
CA GLU F 77 -31.63 -7.60 -35.86
C GLU F 77 -32.17 -6.22 -35.56
N ASP F 78 -31.78 -5.69 -34.41
CA ASP F 78 -32.18 -4.37 -33.99
C ASP F 78 -31.30 -3.33 -34.63
N HIS F 79 -30.10 -3.74 -35.03
CA HIS F 79 -29.12 -2.85 -35.63
C HIS F 79 -29.45 -2.63 -37.08
N LEU F 80 -29.98 -3.67 -37.71
CA LEU F 80 -30.33 -3.59 -39.11
C LEU F 80 -31.57 -2.76 -39.33
N ALA F 81 -32.51 -2.86 -38.40
CA ALA F 81 -33.78 -2.19 -38.53
C ALA F 81 -33.63 -0.72 -38.18
N TRP F 82 -32.77 -0.45 -37.21
CA TRP F 82 -32.50 0.92 -36.84
C TRP F 82 -31.84 1.63 -38.00
N SER F 83 -31.02 0.91 -38.75
CA SER F 83 -30.31 1.46 -39.89
C SER F 83 -31.27 2.12 -40.87
N LYS F 84 -32.46 1.55 -41.00
CA LYS F 84 -33.51 2.11 -41.83
C LYS F 84 -33.93 3.43 -41.24
N ASP F 85 -34.01 3.47 -39.92
CA ASP F 85 -34.44 4.65 -39.20
C ASP F 85 -33.39 5.73 -39.23
N ILE F 86 -32.14 5.37 -39.42
CA ILE F 86 -31.09 6.38 -39.46
C ILE F 86 -30.66 6.74 -40.87
N ASN F 87 -30.92 5.85 -41.83
CA ASN F 87 -30.72 6.20 -43.23
C ASN F 87 -31.85 7.09 -43.67
N ALA F 88 -32.87 7.18 -42.82
CA ALA F 88 -33.99 8.07 -43.04
C ALA F 88 -33.73 9.41 -42.38
N TYR F 89 -32.88 9.41 -41.37
CA TYR F 89 -32.58 10.62 -40.62
C TYR F 89 -31.84 11.61 -41.49
N ASN F 90 -30.83 11.12 -42.18
CA ASN F 90 -30.04 11.96 -43.06
C ASN F 90 -30.49 11.80 -44.51
N CYS F 91 -31.69 11.27 -44.66
CA CYS F 91 -32.44 11.33 -45.91
C CYS F 91 -31.86 10.51 -47.04
N GLU F 92 -31.39 9.31 -46.71
CA GLU F 92 -31.01 8.36 -47.71
C GLU F 92 -32.12 7.32 -47.79
N GLU F 93 -31.97 6.34 -48.67
CA GLU F 93 -32.98 5.30 -48.79
C GLU F 93 -32.95 4.41 -47.57
N PRO F 94 -34.12 4.15 -46.98
CA PRO F 94 -34.22 3.42 -45.71
C PRO F 94 -33.76 1.97 -45.81
N THR F 95 -32.46 1.74 -45.68
CA THR F 95 -31.92 0.40 -45.74
C THR F 95 -30.94 0.11 -44.62
N GLU F 96 -30.02 -0.80 -44.90
CA GLU F 96 -28.90 -1.14 -44.03
C GLU F 96 -27.66 -0.35 -44.41
N LYS F 97 -27.81 0.53 -45.38
CA LYS F 97 -26.71 1.26 -45.99
C LYS F 97 -25.77 1.93 -45.00
N LEU F 98 -25.23 1.17 -44.08
CA LEU F 98 -24.28 1.71 -43.13
C LEU F 98 -22.87 1.34 -43.51
N PRO F 99 -22.09 2.35 -43.90
CA PRO F 99 -20.72 2.27 -44.38
C PRO F 99 -19.76 1.77 -43.32
N PHE F 100 -20.28 1.49 -42.14
CA PHE F 100 -19.54 0.87 -41.07
C PHE F 100 -20.45 -0.12 -40.40
N PRO F 101 -19.89 -1.17 -39.79
CA PRO F 101 -20.72 -2.16 -39.10
C PRO F 101 -21.03 -1.77 -37.67
N ILE F 102 -22.13 -2.32 -37.17
CA ILE F 102 -22.47 -2.18 -35.76
C ILE F 102 -22.40 -3.54 -35.11
N ILE F 103 -21.63 -3.62 -34.04
CA ILE F 103 -21.36 -4.88 -33.38
C ILE F 103 -22.42 -5.19 -32.35
N ASP F 104 -22.73 -6.46 -32.21
CA ASP F 104 -23.67 -6.92 -31.20
C ASP F 104 -22.93 -7.28 -29.92
N ASP F 105 -23.55 -6.99 -28.79
CA ASP F 105 -22.93 -7.26 -27.51
C ASP F 105 -23.94 -7.38 -26.39
N ARG F 106 -24.90 -8.28 -26.56
CA ARG F 106 -25.89 -8.51 -25.54
C ARG F 106 -25.22 -9.07 -24.32
N ASN F 107 -24.19 -9.88 -24.54
CA ASN F 107 -23.45 -10.51 -23.46
C ASN F 107 -22.73 -9.48 -22.63
N ARG F 108 -22.47 -8.33 -23.24
CA ARG F 108 -21.72 -7.24 -22.64
C ARG F 108 -20.31 -7.66 -22.29
N GLU F 109 -19.78 -8.66 -23.00
CA GLU F 109 -18.42 -9.11 -22.76
C GLU F 109 -17.45 -8.06 -23.27
N LEU F 110 -17.59 -7.70 -24.55
CA LEU F 110 -16.78 -6.65 -25.13
C LEU F 110 -16.94 -5.33 -24.41
N ALA F 111 -18.08 -5.13 -23.80
CA ALA F 111 -18.33 -3.91 -23.05
C ALA F 111 -17.57 -3.87 -21.74
N ILE F 112 -17.54 -4.99 -21.01
CA ILE F 112 -16.78 -5.06 -19.76
C ILE F 112 -15.33 -5.35 -20.04
N LEU F 113 -15.04 -5.78 -21.26
CA LEU F 113 -13.69 -6.03 -21.70
C LEU F 113 -12.94 -4.73 -21.80
N LEU F 114 -13.63 -3.70 -22.25
CA LEU F 114 -13.02 -2.44 -22.58
C LEU F 114 -13.34 -1.37 -21.55
N GLY F 115 -14.14 -1.74 -20.56
CA GLY F 115 -14.43 -0.88 -19.43
C GLY F 115 -15.18 0.38 -19.80
N MET F 116 -16.08 0.25 -20.77
CA MET F 116 -16.74 1.39 -21.34
C MET F 116 -18.23 1.37 -21.10
N LEU F 117 -18.60 1.02 -19.87
CA LEU F 117 -19.99 0.96 -19.49
C LEU F 117 -20.39 2.16 -18.68
N ASP F 118 -21.68 2.26 -18.42
CA ASP F 118 -22.22 3.30 -17.58
C ASP F 118 -22.85 2.65 -16.34
N PRO F 119 -22.23 2.85 -15.17
CA PRO F 119 -22.62 2.17 -13.94
C PRO F 119 -23.80 2.85 -13.25
N ALA F 120 -24.69 3.44 -14.03
CA ALA F 120 -25.78 4.24 -13.49
C ALA F 120 -26.96 4.31 -14.44
N GLU F 121 -26.68 4.56 -15.71
CA GLU F 121 -27.74 4.60 -16.71
C GLU F 121 -27.97 3.19 -17.20
N LYS F 122 -29.04 2.57 -16.71
CA LYS F 122 -29.30 1.18 -16.94
C LYS F 122 -30.16 0.95 -18.14
N ASP F 123 -30.75 -0.24 -18.19
CA ASP F 123 -31.71 -0.56 -19.22
C ASP F 123 -32.99 -1.08 -18.59
N GLU F 124 -33.88 -1.60 -19.42
CA GLU F 124 -35.19 -2.03 -18.97
C GLU F 124 -35.23 -3.45 -18.44
N LYS F 125 -34.10 -3.92 -17.92
CA LYS F 125 -34.04 -5.15 -17.16
C LYS F 125 -33.11 -4.96 -15.97
N GLY F 126 -32.52 -3.78 -15.91
CA GLY F 126 -31.58 -3.43 -14.87
C GLY F 126 -30.18 -3.38 -15.42
N MET F 127 -29.98 -4.08 -16.53
CA MET F 127 -28.66 -4.29 -17.13
C MET F 127 -28.10 -3.03 -17.74
N PRO F 128 -26.98 -2.53 -17.22
CA PRO F 128 -26.47 -1.22 -17.61
C PRO F 128 -25.91 -1.19 -19.01
N VAL F 129 -25.86 0.00 -19.58
CA VAL F 129 -25.48 0.17 -20.95
C VAL F 129 -24.14 0.88 -21.09
N THR F 130 -23.65 0.92 -22.32
CA THR F 130 -22.40 1.57 -22.64
C THR F 130 -22.58 3.06 -22.58
N ALA F 131 -21.51 3.79 -22.31
CA ALA F 131 -21.55 5.22 -22.41
C ALA F 131 -21.10 5.61 -23.81
N ARG F 132 -20.87 6.89 -24.03
CA ARG F 132 -20.39 7.33 -25.33
C ARG F 132 -18.88 7.43 -25.32
N VAL F 133 -18.26 6.35 -25.75
CA VAL F 133 -16.82 6.24 -25.81
C VAL F 133 -16.38 6.10 -27.24
N VAL F 134 -15.12 6.46 -27.48
CA VAL F 134 -14.50 6.36 -28.78
C VAL F 134 -13.08 5.89 -28.59
N PHE F 135 -12.68 4.87 -29.33
CA PHE F 135 -11.29 4.44 -29.33
C PHE F 135 -10.68 4.60 -30.71
N VAL F 136 -9.57 5.33 -30.79
CA VAL F 136 -8.82 5.38 -32.02
C VAL F 136 -7.56 4.52 -31.93
N PHE F 137 -7.41 3.64 -32.90
CA PHE F 137 -6.29 2.74 -32.97
C PHE F 137 -5.59 2.97 -34.27
N GLY F 138 -4.28 2.81 -34.26
CA GLY F 138 -3.50 2.91 -35.47
C GLY F 138 -3.49 1.60 -36.19
N PRO F 139 -2.69 1.50 -37.25
CA PRO F 139 -2.49 0.23 -37.94
C PRO F 139 -1.63 -0.71 -37.09
N ASP F 140 -1.08 -0.18 -36.00
CA ASP F 140 -0.29 -0.98 -35.09
C ASP F 140 -1.15 -1.53 -33.97
N LYS F 141 -2.46 -1.45 -34.15
CA LYS F 141 -3.44 -2.02 -33.23
C LYS F 141 -3.31 -1.56 -31.80
N LYS F 142 -2.67 -0.42 -31.60
CA LYS F 142 -2.56 0.19 -30.29
C LYS F 142 -3.35 1.49 -30.20
N LEU F 143 -3.75 1.85 -28.99
CA LEU F 143 -4.57 3.02 -28.75
C LEU F 143 -3.81 4.31 -29.00
N LYS F 144 -4.47 5.24 -29.68
CA LYS F 144 -3.88 6.55 -29.95
C LYS F 144 -4.58 7.69 -29.20
N LEU F 145 -5.86 7.49 -28.88
CA LEU F 145 -6.65 8.50 -28.22
C LEU F 145 -7.95 7.96 -27.65
N SER F 146 -8.40 8.54 -26.54
CA SER F 146 -9.64 8.14 -25.87
C SER F 146 -10.47 9.31 -25.42
N ILE F 147 -11.78 9.22 -25.62
CA ILE F 147 -12.71 10.17 -25.02
C ILE F 147 -13.86 9.45 -24.36
N LEU F 148 -14.38 10.01 -23.29
CA LEU F 148 -15.54 9.43 -22.61
C LEU F 148 -16.64 10.44 -22.40
N TYR F 149 -17.68 10.34 -23.21
CA TYR F 149 -18.86 11.18 -23.08
C TYR F 149 -19.99 10.33 -22.54
N PRO F 150 -20.89 10.94 -21.76
CA PRO F 150 -22.01 10.21 -21.19
C PRO F 150 -23.25 10.26 -22.05
N ALA F 151 -24.36 9.76 -21.52
CA ALA F 151 -25.64 10.00 -22.12
C ALA F 151 -25.89 11.47 -21.91
N THR F 152 -26.79 12.03 -22.71
CA THR F 152 -27.17 13.43 -22.61
C THR F 152 -26.09 14.37 -23.15
N THR F 153 -25.09 13.80 -23.80
CA THR F 153 -24.05 14.61 -24.41
C THR F 153 -23.53 13.93 -25.66
N GLY F 154 -23.97 14.45 -26.79
CA GLY F 154 -23.63 13.87 -28.07
C GLY F 154 -22.27 14.32 -28.49
N ARG F 155 -21.48 13.37 -28.97
CA ARG F 155 -20.09 13.64 -29.27
C ARG F 155 -19.95 14.54 -30.47
N ASN F 156 -18.86 15.28 -30.47
CA ASN F 156 -18.45 16.10 -31.59
C ASN F 156 -17.59 15.22 -32.46
N PHE F 157 -18.05 15.01 -33.69
CA PHE F 157 -17.36 14.15 -34.63
C PHE F 157 -16.52 14.98 -35.56
N ASP F 158 -16.66 16.29 -35.44
CA ASP F 158 -15.81 17.20 -36.16
C ASP F 158 -14.45 17.12 -35.51
N GLU F 159 -14.47 16.87 -34.21
CA GLU F 159 -13.27 16.77 -33.41
C GLU F 159 -12.67 15.39 -33.52
N ILE F 160 -13.50 14.38 -33.74
CA ILE F 160 -12.99 13.03 -33.92
C ILE F 160 -12.13 12.94 -35.17
N LEU F 161 -12.59 13.55 -36.25
CA LEU F 161 -11.83 13.62 -37.50
C LEU F 161 -10.67 14.57 -37.35
N ARG F 162 -10.88 15.67 -36.63
CA ARG F 162 -9.86 16.66 -36.39
C ARG F 162 -8.70 16.10 -35.62
N VAL F 163 -8.98 15.18 -34.71
CA VAL F 163 -7.92 14.50 -33.98
C VAL F 163 -7.38 13.33 -34.78
N VAL F 164 -8.12 12.87 -35.76
CA VAL F 164 -7.63 11.85 -36.67
C VAL F 164 -6.58 12.45 -37.56
N ILE F 165 -6.92 13.59 -38.14
CA ILE F 165 -6.02 14.33 -39.03
C ILE F 165 -4.71 14.61 -38.35
N SER F 166 -4.81 15.08 -37.11
CA SER F 166 -3.64 15.43 -36.33
C SER F 166 -2.80 14.22 -36.06
N LEU F 167 -3.43 13.11 -35.70
CA LEU F 167 -2.69 11.92 -35.32
C LEU F 167 -1.77 11.43 -36.42
N GLN F 168 -2.26 11.49 -37.65
CA GLN F 168 -1.53 10.98 -38.80
C GLN F 168 -0.39 11.90 -39.23
N LEU F 169 -0.64 13.19 -39.17
CA LEU F 169 0.36 14.17 -39.53
C LEU F 169 1.45 14.18 -38.49
N THR F 170 1.10 13.83 -37.27
CA THR F 170 2.06 13.77 -36.18
C THR F 170 2.90 12.50 -36.22
N ALA F 171 2.47 11.55 -37.03
CA ALA F 171 3.17 10.30 -37.16
C ALA F 171 4.32 10.45 -38.13
N GLU F 172 4.01 10.99 -39.31
CA GLU F 172 4.98 11.08 -40.39
C GLU F 172 5.96 12.24 -40.21
N LYS F 173 5.51 13.31 -39.58
CA LYS F 173 6.36 14.47 -39.39
C LYS F 173 6.60 14.78 -37.92
N ARG F 174 7.74 15.40 -37.63
CA ARG F 174 8.19 15.60 -36.26
C ARG F 174 7.62 16.86 -35.67
N VAL F 175 6.34 17.07 -35.89
CA VAL F 175 5.63 18.24 -35.42
C VAL F 175 4.54 17.85 -34.45
N ALA F 176 4.01 18.85 -33.77
CA ALA F 176 2.89 18.66 -32.87
C ALA F 176 1.84 19.72 -33.12
N THR F 177 0.58 19.31 -33.13
CA THR F 177 -0.52 20.23 -33.40
C THR F 177 -1.00 20.87 -32.12
N PRO F 178 -0.94 22.20 -32.07
CA PRO F 178 -1.33 23.01 -30.93
C PRO F 178 -2.80 22.91 -30.53
N VAL F 179 -3.25 23.96 -29.87
CA VAL F 179 -4.59 24.03 -29.36
C VAL F 179 -5.53 24.48 -30.46
N ASP F 180 -6.71 23.88 -30.51
CA ASP F 180 -7.73 24.22 -31.47
C ASP F 180 -7.25 24.14 -32.92
N TRP F 181 -6.25 23.31 -33.16
CA TRP F 181 -5.62 23.20 -34.46
C TRP F 181 -6.54 22.62 -35.51
N LYS F 182 -6.58 23.24 -36.67
CA LYS F 182 -7.36 22.73 -37.80
C LYS F 182 -6.44 22.25 -38.90
N ASP F 183 -6.98 21.46 -39.81
CA ASP F 183 -6.22 20.90 -40.91
C ASP F 183 -5.66 21.99 -41.80
N GLY F 184 -4.35 22.09 -41.84
CA GLY F 184 -3.69 23.04 -42.71
C GLY F 184 -3.03 24.14 -41.90
N ASP F 185 -3.42 24.23 -40.64
CA ASP F 185 -2.95 25.29 -39.76
C ASP F 185 -1.50 25.08 -39.36
N SER F 186 -0.93 26.09 -38.71
CA SER F 186 0.47 26.05 -38.32
C SER F 186 0.70 25.09 -37.18
N VAL F 187 1.77 24.32 -37.29
CA VAL F 187 2.10 23.32 -36.29
C VAL F 187 3.35 23.68 -35.53
N MET F 188 3.70 22.85 -34.57
CA MET F 188 4.75 23.15 -33.63
C MET F 188 6.00 22.35 -33.88
N VAL F 189 7.14 23.05 -33.86
CA VAL F 189 8.40 22.34 -33.94
C VAL F 189 8.74 21.75 -32.59
N LEU F 190 8.70 20.43 -32.55
CA LEU F 190 8.95 19.64 -31.35
C LEU F 190 10.17 20.15 -30.61
N PRO F 191 10.02 20.35 -29.30
CA PRO F 191 11.04 20.98 -28.45
C PRO F 191 12.28 20.13 -28.35
N THR F 192 12.25 18.99 -29.02
CA THR F 192 13.35 18.06 -29.08
C THR F 192 14.43 18.56 -30.02
N ILE F 193 14.00 18.96 -31.22
CA ILE F 193 14.91 19.36 -32.28
C ILE F 193 15.56 20.69 -32.00
N PRO F 194 16.89 20.73 -32.11
CA PRO F 194 17.67 21.97 -32.01
C PRO F 194 17.44 22.89 -33.20
N GLU F 195 17.97 24.11 -33.11
CA GLU F 195 17.72 25.12 -34.12
C GLU F 195 18.43 24.81 -35.42
N GLU F 196 19.39 23.89 -35.38
CA GLU F 196 20.17 23.59 -36.57
C GLU F 196 19.42 22.64 -37.47
N GLU F 197 18.89 21.57 -36.89
CA GLU F 197 18.20 20.55 -37.66
C GLU F 197 16.82 21.02 -38.01
N ALA F 198 16.44 22.15 -37.43
CA ALA F 198 15.13 22.72 -37.63
C ALA F 198 14.97 23.24 -39.05
N LYS F 199 15.90 24.07 -39.50
CA LYS F 199 15.79 24.65 -40.84
C LYS F 199 16.22 23.65 -41.89
N LYS F 200 16.78 22.56 -41.44
CA LYS F 200 17.21 21.46 -42.31
C LYS F 200 16.05 20.52 -42.54
N LEU F 201 15.07 20.58 -41.65
CA LEU F 201 13.97 19.63 -41.66
C LEU F 201 12.67 20.30 -42.02
N PHE F 202 12.65 21.62 -41.87
CA PHE F 202 11.48 22.43 -42.20
C PHE F 202 11.86 23.64 -43.01
N PRO F 203 11.84 23.52 -44.34
CA PRO F 203 12.18 24.59 -45.27
C PRO F 203 11.20 25.76 -45.25
N LYS F 204 9.92 25.47 -45.11
CA LYS F 204 8.87 26.46 -45.24
C LYS F 204 8.99 27.59 -44.23
N GLY F 205 9.72 27.35 -43.16
CA GLY F 205 9.95 28.39 -42.18
C GLY F 205 9.80 27.96 -40.74
N VAL F 206 10.74 28.39 -39.92
CA VAL F 206 10.71 28.12 -38.49
C VAL F 206 10.72 29.40 -37.68
N PHE F 207 9.61 29.69 -37.02
CA PHE F 207 9.43 30.93 -36.32
C PHE F 207 9.43 30.71 -34.82
N THR F 208 10.17 31.56 -34.11
CA THR F 208 10.31 31.43 -32.68
C THR F 208 9.88 32.70 -31.99
N LYS F 209 8.93 32.58 -31.07
CA LYS F 209 8.55 33.69 -30.21
C LYS F 209 9.57 33.86 -29.10
N GLU F 210 10.24 35.01 -29.09
CA GLU F 210 11.15 35.35 -28.03
C GLU F 210 10.31 35.56 -26.77
N LEU F 211 10.63 34.83 -25.72
CA LEU F 211 9.84 34.85 -24.49
C LEU F 211 10.59 35.51 -23.33
N PRO F 212 9.85 35.89 -22.27
CA PRO F 212 10.41 36.39 -21.02
C PRO F 212 11.33 35.38 -20.32
N SER F 213 11.24 34.10 -20.66
CA SER F 213 12.18 33.13 -20.11
C SER F 213 13.52 33.25 -20.76
N GLY F 214 13.52 33.33 -22.07
CA GLY F 214 14.75 33.40 -22.83
C GLY F 214 15.05 32.08 -23.49
N LYS F 215 14.18 31.11 -23.26
CA LYS F 215 14.32 29.83 -23.90
C LYS F 215 13.66 29.90 -25.27
N LYS F 216 14.16 29.10 -26.20
CA LYS F 216 13.62 29.08 -27.54
C LYS F 216 12.97 27.75 -27.81
N TYR F 217 11.73 27.60 -27.34
CA TYR F 217 11.03 26.34 -27.45
C TYR F 217 9.75 26.50 -28.22
N LEU F 218 9.20 27.69 -28.18
CA LEU F 218 7.93 27.95 -28.83
C LEU F 218 8.14 28.25 -30.29
N ARG F 219 8.42 27.20 -31.05
CA ARG F 219 8.68 27.31 -32.47
C ARG F 219 7.49 26.81 -33.29
N TYR F 220 6.97 27.69 -34.13
CA TYR F 220 5.89 27.37 -35.04
C TYR F 220 6.46 26.97 -36.38
N THR F 221 5.67 26.25 -37.16
CA THR F 221 6.08 25.90 -38.50
C THR F 221 4.88 25.54 -39.38
N PRO F 222 4.90 25.98 -40.65
CA PRO F 222 3.90 25.64 -41.65
C PRO F 222 3.80 24.14 -41.85
N GLN F 223 2.59 23.63 -41.91
CA GLN F 223 2.34 22.20 -41.99
C GLN F 223 3.00 21.58 -43.20
N PRO F 224 4.00 20.73 -42.95
CA PRO F 224 4.88 20.10 -43.94
C PRO F 224 4.16 19.37 -45.05
#